data_9E3M
#
_entry.id   9E3M
#
_cell.length_a   1.00
_cell.length_b   1.00
_cell.length_c   1.00
_cell.angle_alpha   90.00
_cell.angle_beta   90.00
_cell.angle_gamma   90.00
#
_symmetry.space_group_name_H-M   'P 1'
#
loop_
_entity.id
_entity.type
_entity.pdbx_description
1 polymer 'P2X purinoceptor 7'
2 branched 2-acetamido-2-deoxy-beta-D-glucopyranose-(1-4)-2-acetamido-2-deoxy-beta-D-glucopyranose
3 non-polymer "GUANOSINE-5'-DIPHOSPHATE"
4 non-polymer 'ZINC ION'
5 non-polymer 2-acetamido-2-deoxy-beta-D-glucopyranose
6 non-polymer 'CHOLESTEROL HEMISUCCINATE'
7 non-polymer 'PALMITIC ACID'
8 non-polymer 'SODIUM ION'
9 water water
#
_entity_poly.entity_id   1
_entity_poly.type   'polypeptide(L)'
_entity_poly.pdbx_seq_one_letter_code
;MPACCSCSDVFQYETNKVTRIQSMNYGTIKWFFHVIIFSYVCFALVSDKLYQRKEPVISSVHTKVKGIAEVKEEIVENGV
KKLVHSVFDTADYTFPLQGNSFFVMTNFLKTEGQEQRLCPEYPTRRTLCSSDRGCKKGWMDPQSKGIQTGRCVVYEGNQK
TCEVSAWCPIEAVEEAPRPALLNSAENFTVLIKNNIDFPGHNYTTRNILPGLNITCTFHKTQNPQCPIFRLGDIFRETGD
NFSDVAIQGGIMGIEIYWDCNLDRWFHHCRPKYSFRRLDDKTTNVSLYPGYNFRYAKYYKENNVEKRTLIKVFGIRFDIL
VFGTGGKFDIIQLVVYIGSTLSYFGLAAVFIDFLIDTYSSNCCRSHIYPWCKCCQPCVVNEYYYRKKCESIVEPKPTLKY
VSFVDESHIRMVNQQLLGRSLQDVKGQEVPRPAMDFTDLSRLPLALHDTPPIPGQPEEIQLLRKEATPRSRDSPVWCQCG
SCLPSQLPESHRCLEELCCRKKPGACITTSELFRKLVLSRHVLQFLLLYQEPLLALDVDSTNSRLRHCAYRCYATWRFGS
QDMADFAILPSCCRWRIRKEFPKSEGQYSGFKSPY
;
_entity_poly.pdbx_strand_id   A,C,B
#
# COMPACT_ATOMS: atom_id res chain seq x y z
N SER A 6 8.83 31.59 -18.99
CA SER A 6 8.16 32.81 -18.54
C SER A 6 6.84 32.49 -17.86
N CYS A 7 6.15 33.53 -17.39
CA CYS A 7 4.88 33.32 -16.68
C CYS A 7 3.83 32.73 -17.61
N SER A 8 3.75 33.20 -18.84
CA SER A 8 2.76 32.70 -19.78
C SER A 8 2.97 31.22 -20.09
N ASP A 9 4.18 30.71 -19.92
CA ASP A 9 4.44 29.30 -20.15
C ASP A 9 4.12 28.43 -18.94
N VAL A 10 4.01 29.03 -17.75
CA VAL A 10 3.65 28.26 -16.58
C VAL A 10 2.19 27.84 -16.64
N PHE A 11 1.31 28.75 -17.06
CA PHE A 11 -0.12 28.48 -17.12
C PHE A 11 -0.48 27.79 -18.44
N GLN A 12 0.06 26.59 -18.59
CA GLN A 12 -0.21 25.74 -19.74
C GLN A 12 -0.74 24.40 -19.28
N TYR A 13 -1.54 23.78 -20.14
CA TYR A 13 -2.04 22.43 -19.92
C TYR A 13 -1.86 21.65 -21.21
N GLU A 14 -1.05 20.59 -21.17
CA GLU A 14 -0.90 19.70 -22.31
C GLU A 14 -1.92 18.58 -22.14
N THR A 15 -2.75 18.40 -23.15
CA THR A 15 -3.69 17.29 -23.22
C THR A 15 -3.19 16.34 -24.29
N ASN A 16 -3.43 15.05 -24.06
CA ASN A 16 -3.00 14.03 -24.99
C ASN A 16 -3.92 13.98 -26.20
N LYS A 17 -3.34 13.97 -27.39
CA LYS A 17 -4.13 13.75 -28.60
C LYS A 17 -4.55 12.29 -28.67
N VAL A 18 -5.82 12.07 -28.95
CA VAL A 18 -6.42 10.74 -28.89
C VAL A 18 -7.19 10.47 -30.17
N THR A 19 -7.39 9.18 -30.43
CA THR A 19 -8.23 8.70 -31.51
C THR A 19 -9.39 7.92 -30.90
N ARG A 20 -10.60 8.41 -31.13
CA ARG A 20 -11.80 7.74 -30.64
C ARG A 20 -12.27 6.74 -31.69
N ILE A 21 -12.36 5.48 -31.30
CA ILE A 21 -12.73 4.39 -32.19
C ILE A 21 -14.16 3.98 -31.87
N GLN A 22 -15.01 3.96 -32.90
CA GLN A 22 -16.37 3.46 -32.79
C GLN A 22 -16.33 1.96 -33.09
N SER A 23 -16.07 1.17 -32.05
CA SER A 23 -15.97 -0.27 -32.17
C SER A 23 -16.76 -0.92 -31.05
N MET A 24 -17.64 -1.85 -31.41
CA MET A 24 -18.35 -2.63 -30.40
C MET A 24 -17.35 -3.43 -29.56
N ASN A 25 -16.41 -4.08 -30.22
CA ASN A 25 -15.50 -5.00 -29.53
C ASN A 25 -14.68 -4.27 -28.48
N TYR A 26 -14.04 -3.17 -28.87
CA TYR A 26 -13.11 -2.50 -27.96
C TYR A 26 -13.86 -1.74 -26.87
N GLY A 27 -15.01 -1.15 -27.20
CA GLY A 27 -15.82 -0.53 -26.15
C GLY A 27 -16.29 -1.54 -25.12
N THR A 28 -16.78 -2.69 -25.59
CA THR A 28 -17.21 -3.74 -24.68
C THR A 28 -16.04 -4.23 -23.84
N ILE A 29 -14.87 -4.42 -24.45
CA ILE A 29 -13.69 -4.86 -23.70
C ILE A 29 -13.33 -3.85 -22.63
N LYS A 30 -13.32 -2.56 -23.00
CA LYS A 30 -12.97 -1.52 -22.04
C LYS A 30 -13.92 -1.52 -20.86
N TRP A 31 -15.22 -1.58 -21.13
CA TRP A 31 -16.19 -1.51 -20.03
C TRP A 31 -16.19 -2.78 -19.20
N PHE A 32 -15.96 -3.94 -19.83
CA PHE A 32 -15.83 -5.18 -19.08
C PHE A 32 -14.62 -5.13 -18.14
N PHE A 33 -13.47 -4.71 -18.67
CA PHE A 33 -12.29 -4.52 -17.83
C PHE A 33 -12.60 -3.59 -16.67
N HIS A 34 -13.21 -2.43 -16.96
CA HIS A 34 -13.44 -1.43 -15.93
C HIS A 34 -14.38 -1.97 -14.85
N VAL A 35 -15.46 -2.64 -15.26
CA VAL A 35 -16.42 -3.15 -14.30
C VAL A 35 -15.80 -4.24 -13.44
N ILE A 36 -15.04 -5.15 -14.04
CA ILE A 36 -14.38 -6.19 -13.27
C ILE A 36 -13.41 -5.58 -12.27
N ILE A 37 -12.59 -4.64 -12.73
CA ILE A 37 -11.58 -4.04 -11.85
C ILE A 37 -12.24 -3.28 -10.72
N PHE A 38 -13.26 -2.48 -11.02
CA PHE A 38 -13.97 -1.74 -9.98
C PHE A 38 -14.64 -2.68 -8.98
N SER A 39 -15.28 -3.74 -9.47
CA SER A 39 -15.94 -4.67 -8.58
C SER A 39 -14.93 -5.35 -7.66
N TYR A 40 -13.81 -5.80 -8.21
CA TYR A 40 -12.79 -6.42 -7.37
C TYR A 40 -12.21 -5.41 -6.38
N VAL A 41 -12.02 -4.17 -6.81
CA VAL A 41 -11.44 -3.16 -5.93
C VAL A 41 -12.36 -2.91 -4.74
N CYS A 42 -13.65 -2.73 -5.02
CA CYS A 42 -14.63 -2.55 -3.95
C CYS A 42 -14.73 -3.79 -3.07
N PHE A 43 -14.71 -4.98 -3.66
CA PHE A 43 -14.80 -6.21 -2.88
C PHE A 43 -13.61 -6.36 -1.96
N ALA A 44 -12.41 -6.13 -2.46
CA ALA A 44 -11.22 -6.19 -1.63
C ALA A 44 -11.27 -5.17 -0.51
N LEU A 45 -11.67 -3.95 -0.83
CA LEU A 45 -11.79 -2.91 0.18
C LEU A 45 -12.74 -3.34 1.30
N VAL A 46 -13.93 -3.85 0.94
CA VAL A 46 -14.93 -4.21 1.94
C VAL A 46 -14.48 -5.43 2.74
N SER A 47 -14.05 -6.46 2.02
CA SER A 47 -13.71 -7.71 2.69
C SER A 47 -12.53 -7.55 3.63
N ASP A 48 -11.46 -6.93 3.17
CA ASP A 48 -10.28 -6.72 4.01
C ASP A 48 -10.32 -5.41 4.78
N LYS A 49 -11.37 -4.63 4.65
CA LYS A 49 -11.53 -3.35 5.34
C LYS A 49 -10.24 -2.54 5.26
N LEU A 50 -9.82 -2.30 4.02
CA LEU A 50 -8.61 -1.54 3.75
C LEU A 50 -8.82 -0.05 3.88
N TYR A 51 -10.06 0.39 4.10
CA TYR A 51 -10.35 1.76 4.48
C TYR A 51 -10.14 2.00 5.98
N GLN A 52 -9.85 0.96 6.73
CA GLN A 52 -9.78 1.01 8.18
C GLN A 52 -8.33 0.94 8.64
N ARG A 53 -8.01 1.74 9.65
CA ARG A 53 -6.78 1.58 10.41
C ARG A 53 -7.05 0.61 11.55
N LYS A 54 -6.26 -0.46 11.63
CA LYS A 54 -6.47 -1.53 12.57
C LYS A 54 -5.48 -1.42 13.73
N GLU A 55 -5.99 -1.56 14.95
CA GLU A 55 -5.22 -1.48 16.15
C GLU A 55 -5.27 -2.82 16.87
N PRO A 56 -4.13 -3.41 17.26
CA PRO A 56 -4.17 -4.62 18.07
C PRO A 56 -4.80 -4.36 19.43
N VAL A 57 -5.46 -5.39 19.94
CA VAL A 57 -6.20 -5.30 21.20
C VAL A 57 -5.23 -5.34 22.37
N ILE A 58 -5.45 -4.45 23.33
CA ILE A 58 -4.79 -4.51 24.64
C ILE A 58 -5.79 -5.13 25.60
N SER A 59 -5.43 -6.28 26.16
CA SER A 59 -6.37 -7.08 26.93
C SER A 59 -5.93 -7.19 28.39
N SER A 60 -6.94 -7.25 29.26
CA SER A 60 -6.78 -7.60 30.67
C SER A 60 -7.81 -8.65 31.01
N VAL A 61 -7.35 -9.75 31.63
CA VAL A 61 -8.22 -10.89 31.94
C VAL A 61 -8.27 -11.06 33.45
N HIS A 62 -9.46 -11.36 33.94
CA HIS A 62 -9.70 -11.69 35.34
C HIS A 62 -10.58 -12.93 35.40
N THR A 63 -10.06 -13.99 36.01
CA THR A 63 -10.74 -15.27 36.09
C THR A 63 -11.24 -15.54 37.49
N LYS A 64 -12.37 -16.23 37.57
CA LYS A 64 -12.96 -16.69 38.82
C LYS A 64 -13.39 -18.15 38.63
N VAL A 65 -12.65 -19.07 39.22
CA VAL A 65 -12.98 -20.49 39.14
C VAL A 65 -13.87 -20.85 40.31
N LYS A 66 -14.95 -21.58 40.01
CA LYS A 66 -15.93 -21.99 40.99
C LYS A 66 -16.09 -23.50 40.95
N GLY A 67 -16.15 -24.11 42.11
CA GLY A 67 -16.38 -25.53 42.24
C GLY A 67 -15.61 -26.14 43.39
N ILE A 68 -16.20 -27.15 44.00
CA ILE A 68 -15.57 -27.92 45.06
C ILE A 68 -15.55 -29.38 44.64
N ALA A 69 -14.55 -30.10 45.12
CA ALA A 69 -14.37 -31.51 44.80
C ALA A 69 -14.24 -32.33 46.07
N GLU A 70 -14.88 -33.49 46.07
CA GLU A 70 -14.67 -34.49 47.10
C GLU A 70 -13.49 -35.37 46.67
N VAL A 71 -12.47 -35.45 47.52
CA VAL A 71 -11.24 -36.15 47.21
C VAL A 71 -11.10 -37.30 48.19
N LYS A 72 -10.87 -38.51 47.65
CA LYS A 72 -10.70 -39.74 48.46
C LYS A 72 -9.25 -40.21 48.36
N GLU A 73 -8.53 -40.25 49.47
CA GLU A 73 -7.16 -40.74 49.51
C GLU A 73 -7.06 -41.86 50.54
N GLU A 74 -6.35 -42.92 50.18
CA GLU A 74 -6.15 -44.04 51.10
C GLU A 74 -5.42 -43.58 52.35
N ILE A 75 -5.89 -44.05 53.51
CA ILE A 75 -5.26 -43.71 54.78
C ILE A 75 -5.89 -44.53 55.89
N LEU A 83 -9.30 -45.22 54.22
CA LEU A 83 -9.84 -44.31 53.21
C LEU A 83 -10.56 -43.14 53.87
N VAL A 84 -10.16 -41.93 53.51
CA VAL A 84 -10.73 -40.71 54.07
C VAL A 84 -11.16 -39.81 52.92
N HIS A 85 -12.28 -39.13 53.11
CA HIS A 85 -12.84 -38.22 52.12
C HIS A 85 -12.63 -36.78 52.59
N SER A 86 -12.23 -35.93 51.66
CA SER A 86 -11.98 -34.53 51.95
C SER A 86 -12.58 -33.68 50.84
N VAL A 87 -12.89 -32.43 51.18
CA VAL A 87 -13.48 -31.48 50.25
C VAL A 87 -12.45 -30.42 49.91
N PHE A 88 -12.14 -30.30 48.63
CA PHE A 88 -11.19 -29.32 48.13
C PHE A 88 -11.94 -28.11 47.59
N ASP A 89 -11.50 -26.92 47.97
CA ASP A 89 -12.03 -25.67 47.46
C ASP A 89 -10.94 -24.94 46.67
N THR A 90 -11.30 -23.76 46.15
CA THR A 90 -10.37 -22.98 45.35
C THR A 90 -9.05 -22.78 46.08
N ALA A 91 -9.11 -22.43 47.36
CA ALA A 91 -7.89 -22.25 48.15
C ALA A 91 -6.99 -23.47 48.10
N ASP A 92 -7.51 -24.62 47.70
CA ASP A 92 -6.78 -25.88 47.74
C ASP A 92 -6.28 -26.31 46.37
N TYR A 93 -7.13 -26.25 45.34
CA TYR A 93 -6.80 -26.71 44.01
C TYR A 93 -6.37 -25.60 43.07
N THR A 94 -6.37 -24.35 43.53
CA THR A 94 -6.02 -23.20 42.70
C THR A 94 -4.83 -22.50 43.32
N PHE A 95 -3.84 -22.18 42.48
CA PHE A 95 -2.62 -21.49 42.91
C PHE A 95 -2.61 -20.11 42.27
N PRO A 96 -2.98 -19.04 42.98
CA PRO A 96 -3.11 -17.74 42.31
C PRO A 96 -1.82 -17.37 41.58
N LEU A 97 -1.88 -17.37 40.25
CA LEU A 97 -0.68 -17.24 39.42
C LEU A 97 -0.76 -16.04 38.48
N GLN A 98 -1.81 -15.92 37.68
CA GLN A 98 -1.85 -14.89 36.65
C GLN A 98 -3.32 -14.63 36.29
N GLY A 99 -3.53 -13.68 35.38
CA GLY A 99 -4.85 -13.37 34.87
C GLY A 99 -5.11 -14.00 33.52
N ASN A 100 -4.09 -14.01 32.66
CA ASN A 100 -4.19 -14.65 31.36
C ASN A 100 -3.96 -16.15 31.44
N SER A 101 -3.82 -16.69 32.65
CA SER A 101 -3.73 -18.12 32.85
C SER A 101 -4.29 -18.45 34.23
N PHE A 102 -4.96 -19.59 34.32
CA PHE A 102 -5.34 -20.15 35.61
C PHE A 102 -5.08 -21.65 35.59
N PHE A 103 -4.83 -22.18 36.78
CA PHE A 103 -4.46 -23.58 36.95
C PHE A 103 -5.47 -24.25 37.87
N VAL A 104 -5.87 -25.46 37.50
CA VAL A 104 -6.75 -26.28 38.32
C VAL A 104 -6.03 -27.59 38.58
N MET A 105 -5.74 -27.85 39.85
CA MET A 105 -5.20 -29.14 40.24
C MET A 105 -6.22 -30.24 40.00
N THR A 106 -5.77 -31.32 39.38
CA THR A 106 -6.60 -32.46 39.08
C THR A 106 -6.12 -33.74 39.73
N ASN A 107 -4.88 -33.76 40.20
CA ASN A 107 -4.27 -34.94 40.79
C ASN A 107 -3.10 -34.47 41.64
N PHE A 108 -2.69 -35.32 42.57
CA PHE A 108 -1.52 -35.00 43.37
C PHE A 108 -0.98 -36.26 44.01
N LEU A 109 0.31 -36.22 44.29
CA LEU A 109 0.99 -37.21 45.11
C LEU A 109 1.64 -36.48 46.27
N LYS A 110 1.40 -36.97 47.48
CA LYS A 110 1.86 -36.31 48.70
C LYS A 110 3.01 -37.10 49.32
N THR A 111 4.08 -36.40 49.64
CA THR A 111 5.20 -36.96 50.40
C THR A 111 5.35 -36.13 51.67
N GLU A 112 4.97 -36.70 52.80
CA GLU A 112 4.86 -35.98 54.05
C GLU A 112 6.08 -36.19 54.93
N GLY A 113 6.37 -35.19 55.75
CA GLY A 113 7.43 -35.28 56.75
C GLY A 113 8.80 -35.43 56.16
N GLN A 114 9.08 -34.74 55.06
CA GLN A 114 10.42 -34.75 54.50
C GLN A 114 11.37 -33.93 55.37
N GLU A 115 12.63 -34.37 55.40
CA GLU A 115 13.64 -33.70 56.19
C GLU A 115 14.96 -33.70 55.42
N GLN A 116 15.78 -32.69 55.67
CA GLN A 116 17.10 -32.61 55.05
C GLN A 116 18.04 -33.49 55.84
N ARG A 117 18.29 -34.70 55.34
CA ARG A 117 19.13 -35.66 56.02
C ARG A 117 19.83 -36.52 54.98
N LEU A 118 20.39 -37.62 55.45
CA LEU A 118 20.92 -38.69 54.60
C LEU A 118 19.93 -39.84 54.62
N CYS A 119 19.58 -40.33 53.45
CA CYS A 119 18.53 -41.33 53.33
C CYS A 119 18.87 -42.31 52.23
N PRO A 120 18.34 -43.53 52.29
CA PRO A 120 18.47 -44.44 51.16
C PRO A 120 17.64 -43.96 49.97
N GLU A 121 18.29 -43.84 48.82
CA GLU A 121 17.59 -43.43 47.63
C GLU A 121 16.58 -44.49 47.23
N TYR A 122 15.51 -44.06 46.55
CA TYR A 122 14.46 -44.98 46.20
C TYR A 122 14.99 -46.03 45.22
N PRO A 123 14.58 -47.28 45.34
CA PRO A 123 15.12 -48.33 44.46
C PRO A 123 14.82 -48.06 42.99
N THR A 124 15.88 -47.95 42.20
CA THR A 124 15.79 -47.93 40.76
C THR A 124 17.02 -48.64 40.20
N ARG A 125 16.98 -48.93 38.89
CA ARG A 125 18.11 -49.60 38.26
C ARG A 125 19.38 -48.76 38.37
N ARG A 126 19.26 -47.44 38.14
CA ARG A 126 20.40 -46.55 38.32
C ARG A 126 20.84 -46.43 39.76
N THR A 127 19.96 -46.76 40.71
CA THR A 127 20.22 -46.54 42.12
C THR A 127 20.65 -47.81 42.85
N LEU A 128 19.95 -48.92 42.64
CA LEU A 128 20.23 -50.15 43.37
C LEU A 128 21.69 -50.52 43.24
N CYS A 129 22.36 -50.56 44.41
CA CYS A 129 23.80 -50.90 44.52
C CYS A 129 23.96 -52.17 45.33
N SER A 130 25.03 -52.95 45.10
CA SER A 130 25.38 -54.09 45.91
C SER A 130 26.40 -53.74 46.99
N SER A 131 27.39 -52.92 46.65
CA SER A 131 28.39 -52.45 47.61
C SER A 131 28.60 -50.95 47.38
N ASP A 132 29.53 -50.38 48.14
CA ASP A 132 29.81 -48.96 48.03
C ASP A 132 30.50 -48.59 46.73
N ARG A 133 30.96 -49.57 45.95
CA ARG A 133 31.60 -49.28 44.67
C ARG A 133 30.61 -48.83 43.61
N GLY A 134 29.31 -49.01 43.84
CA GLY A 134 28.31 -48.66 42.86
C GLY A 134 27.75 -47.27 43.06
N CYS A 135 28.47 -46.44 43.81
CA CYS A 135 28.02 -45.08 44.10
C CYS A 135 29.22 -44.19 44.34
N LYS A 136 29.25 -43.03 43.69
CA LYS A 136 30.36 -42.10 43.78
C LYS A 136 29.99 -40.96 44.70
N LYS A 137 30.89 -40.65 45.65
CA LYS A 137 30.66 -39.55 46.57
C LYS A 137 30.48 -38.25 45.79
N GLY A 138 29.45 -37.49 46.15
CA GLY A 138 29.19 -36.21 45.53
C GLY A 138 28.57 -36.28 44.16
N TRP A 139 28.22 -37.47 43.67
CA TRP A 139 27.64 -37.59 42.34
C TRP A 139 26.25 -36.97 42.32
N MET A 140 25.99 -36.14 41.31
CA MET A 140 24.73 -35.44 41.15
C MET A 140 24.09 -35.95 39.85
N ASP A 141 23.32 -37.01 39.96
CA ASP A 141 22.68 -37.55 38.77
C ASP A 141 21.52 -36.66 38.34
N PRO A 142 21.28 -36.49 37.04
CA PRO A 142 20.11 -35.72 36.60
C PRO A 142 18.79 -36.29 37.08
N GLN A 143 18.73 -37.59 37.34
CA GLN A 143 17.49 -38.26 37.70
C GLN A 143 17.28 -38.35 39.20
N SER A 144 18.17 -37.76 40.00
CA SER A 144 18.06 -37.78 41.45
C SER A 144 17.76 -36.38 41.98
N LYS A 145 17.03 -36.34 43.09
CA LYS A 145 16.87 -35.14 43.88
C LYS A 145 17.85 -35.10 45.05
N GLY A 146 18.96 -35.84 44.94
CA GLY A 146 19.94 -35.89 46.00
C GLY A 146 21.35 -35.99 45.44
N ILE A 147 22.31 -35.84 46.35
CA ILE A 147 23.72 -35.87 46.01
C ILE A 147 24.34 -37.06 46.72
N GLN A 148 24.98 -37.94 45.95
CA GLN A 148 25.45 -39.21 46.47
C GLN A 148 26.49 -38.99 47.57
N THR A 149 26.45 -39.87 48.58
CA THR A 149 27.41 -39.82 49.67
C THR A 149 28.49 -40.88 49.54
N GLY A 150 28.35 -41.82 48.61
CA GLY A 150 29.39 -42.77 48.30
C GLY A 150 29.16 -44.18 48.82
N ARG A 151 28.20 -44.37 49.72
CA ARG A 151 28.00 -45.67 50.37
C ARG A 151 26.58 -46.17 50.14
N CYS A 152 26.48 -47.47 49.84
CA CYS A 152 25.21 -48.15 49.72
C CYS A 152 24.57 -48.34 51.09
N VAL A 153 23.24 -48.50 51.10
CA VAL A 153 22.47 -48.63 52.33
C VAL A 153 21.23 -49.45 52.03
N VAL A 154 20.61 -49.94 53.10
CA VAL A 154 19.44 -50.81 52.98
C VAL A 154 18.19 -49.92 52.93
N TYR A 155 17.54 -49.91 51.76
CA TYR A 155 16.23 -49.27 51.66
C TYR A 155 15.19 -50.08 52.43
N GLU A 156 15.17 -51.39 52.21
CA GLU A 156 14.29 -52.29 52.96
C GLU A 156 14.75 -53.72 52.75
N GLY A 157 15.01 -54.44 53.85
CA GLY A 157 15.45 -55.81 53.78
C GLY A 157 16.59 -56.03 52.82
N ASN A 158 16.36 -56.86 51.79
CA ASN A 158 17.42 -57.19 50.84
C ASN A 158 17.81 -55.99 49.99
N GLN A 159 16.88 -55.07 49.73
CA GLN A 159 17.16 -53.95 48.84
C GLN A 159 18.30 -53.11 49.38
N LYS A 160 19.26 -52.80 48.52
CA LYS A 160 20.42 -51.99 48.84
C LYS A 160 20.48 -50.82 47.88
N THR A 161 20.34 -49.61 48.40
CA THR A 161 20.30 -48.40 47.60
C THR A 161 21.42 -47.45 48.02
N CYS A 162 21.80 -46.59 47.08
CA CYS A 162 22.87 -45.62 47.33
C CYS A 162 22.35 -44.51 48.24
N GLU A 163 22.97 -44.36 49.42
CA GLU A 163 22.61 -43.26 50.35
C GLU A 163 22.81 -41.94 49.61
N VAL A 164 21.99 -40.94 49.89
CA VAL A 164 22.07 -39.63 49.19
C VAL A 164 21.64 -38.51 50.14
N SER A 165 22.36 -37.39 50.16
CA SER A 165 21.91 -36.21 50.87
C SER A 165 20.79 -35.56 50.07
N ALA A 166 19.64 -35.36 50.69
CA ALA A 166 18.49 -34.81 50.00
C ALA A 166 17.42 -34.52 51.05
N TRP A 167 16.24 -34.12 50.58
CA TRP A 167 15.05 -34.07 51.40
C TRP A 167 14.52 -35.48 51.58
N CYS A 168 14.39 -35.92 52.82
CA CYS A 168 14.10 -37.32 53.10
C CYS A 168 12.91 -37.44 54.03
N PRO A 169 12.06 -38.48 53.85
CA PRO A 169 12.17 -39.59 52.89
C PRO A 169 12.02 -39.19 51.42
N ILE A 170 12.83 -39.82 50.58
CA ILE A 170 12.80 -39.53 49.15
C ILE A 170 11.43 -39.89 48.58
N GLU A 171 11.05 -39.18 47.53
CA GLU A 171 9.77 -39.44 46.88
C GLU A 171 9.74 -40.83 46.27
N ALA A 172 8.61 -41.51 46.45
CA ALA A 172 8.40 -42.77 45.76
C ALA A 172 8.18 -42.54 44.28
N VAL A 173 8.78 -43.41 43.46
CA VAL A 173 8.57 -43.41 42.02
C VAL A 173 7.23 -44.08 41.77
N GLU A 174 6.19 -43.28 41.57
CA GLU A 174 4.84 -43.79 41.37
C GLU A 174 4.17 -42.96 40.29
N GLU A 175 3.37 -43.62 39.46
CA GLU A 175 2.63 -42.86 38.46
C GLU A 175 1.56 -42.03 39.14
N ALA A 176 0.96 -41.14 38.38
CA ALA A 176 -0.09 -40.32 38.96
C ALA A 176 -1.29 -41.21 39.25
N PRO A 177 -2.06 -40.89 40.29
CA PRO A 177 -3.23 -41.70 40.62
C PRO A 177 -4.19 -41.83 39.45
N ARG A 178 -4.77 -43.03 39.34
CA ARG A 178 -5.79 -43.32 38.34
C ARG A 178 -6.95 -43.98 39.07
N PRO A 179 -8.16 -43.40 39.08
CA PRO A 179 -8.55 -42.13 38.47
C PRO A 179 -8.01 -40.90 39.20
N ALA A 180 -8.02 -39.76 38.52
CA ALA A 180 -7.55 -38.52 39.11
C ALA A 180 -8.40 -38.17 40.32
N LEU A 181 -7.73 -37.65 41.36
CA LEU A 181 -8.39 -37.38 42.62
C LEU A 181 -9.38 -36.23 42.53
N LEU A 182 -9.14 -35.30 41.61
CA LEU A 182 -10.06 -34.19 41.38
C LEU A 182 -10.66 -34.33 40.00
N ASN A 183 -11.09 -35.53 39.67
CA ASN A 183 -11.78 -35.78 38.41
C ASN A 183 -13.06 -34.96 38.31
N SER A 184 -13.66 -34.64 39.46
CA SER A 184 -14.83 -33.79 39.52
C SER A 184 -14.57 -32.36 39.05
N ALA A 185 -13.33 -32.06 38.69
CA ALA A 185 -12.98 -30.73 38.21
C ALA A 185 -13.58 -30.41 36.86
N GLU A 186 -14.03 -31.41 36.11
CA GLU A 186 -14.69 -31.11 34.83
C GLU A 186 -16.00 -30.42 35.05
N ASN A 187 -16.55 -30.52 36.24
CA ASN A 187 -17.82 -29.87 36.62
C ASN A 187 -17.52 -28.47 37.13
N PHE A 188 -16.25 -28.08 37.36
CA PHE A 188 -15.92 -26.73 37.78
C PHE A 188 -16.27 -25.74 36.69
N THR A 189 -16.53 -24.52 37.10
CA THR A 189 -16.84 -23.42 36.22
C THR A 189 -15.85 -22.30 36.42
N VAL A 190 -15.46 -21.65 35.32
CA VAL A 190 -14.65 -20.45 35.36
C VAL A 190 -15.42 -19.33 34.68
N LEU A 191 -15.47 -18.19 35.34
CA LEU A 191 -15.98 -16.96 34.76
C LEU A 191 -14.79 -16.12 34.30
N ILE A 192 -14.79 -15.75 33.04
CA ILE A 192 -13.71 -14.98 32.44
C ILE A 192 -14.22 -13.58 32.18
N LYS A 193 -13.57 -12.59 32.78
CA LYS A 193 -13.82 -11.19 32.52
C LYS A 193 -12.66 -10.65 31.69
N ASN A 194 -12.96 -10.18 30.49
CA ASN A 194 -11.95 -9.71 29.56
C ASN A 194 -12.25 -8.25 29.25
N ASN A 195 -11.34 -7.37 29.66
CA ASN A 195 -11.38 -5.96 29.30
C ASN A 195 -10.39 -5.71 28.19
N ILE A 196 -10.85 -5.03 27.14
CA ILE A 196 -9.99 -4.73 26.01
C ILE A 196 -10.04 -3.24 25.72
N ASP A 197 -8.98 -2.76 25.08
CA ASP A 197 -8.82 -1.36 24.75
C ASP A 197 -8.15 -1.24 23.39
N PHE A 198 -8.49 -0.18 22.68
CA PHE A 198 -7.79 0.27 21.48
C PHE A 198 -7.35 1.70 21.75
N PRO A 199 -6.16 1.89 22.33
CA PRO A 199 -5.79 3.24 22.77
C PRO A 199 -5.72 4.27 21.66
N GLY A 200 -5.24 3.88 20.49
CA GLY A 200 -5.24 4.79 19.36
C GLY A 200 -6.63 5.25 18.99
N HIS A 201 -7.56 4.32 18.90
CA HIS A 201 -8.96 4.63 18.64
C HIS A 201 -9.69 5.11 19.88
N ASN A 202 -9.08 5.05 21.05
CA ASN A 202 -9.69 5.48 22.32
C ASN A 202 -11.03 4.75 22.45
N TYR A 203 -11.01 3.43 22.39
CA TYR A 203 -12.19 2.61 22.61
C TYR A 203 -11.84 1.49 23.58
N THR A 204 -12.70 1.31 24.58
CA THR A 204 -12.59 0.17 25.46
C THR A 204 -13.98 -0.42 25.67
N THR A 205 -14.05 -1.73 25.62
CA THR A 205 -15.26 -2.47 25.94
C THR A 205 -14.86 -3.68 26.78
N ARG A 206 -15.86 -4.43 27.21
CA ARG A 206 -15.63 -5.64 27.98
C ARG A 206 -16.60 -6.71 27.51
N ASN A 207 -16.24 -7.96 27.81
CA ASN A 207 -16.98 -9.10 27.30
C ASN A 207 -18.31 -9.31 28.00
N ILE A 208 -18.48 -8.78 29.20
CA ILE A 208 -19.73 -8.87 29.93
C ILE A 208 -20.43 -7.52 29.81
N LEU A 209 -21.55 -7.52 29.14
CA LEU A 209 -22.33 -6.31 28.97
C LEU A 209 -23.54 -6.32 29.89
N PRO A 210 -24.10 -5.16 30.18
CA PRO A 210 -25.29 -5.11 31.05
C PRO A 210 -26.45 -5.85 30.41
N GLY A 211 -27.04 -6.76 31.18
CA GLY A 211 -28.15 -7.55 30.73
C GLY A 211 -27.78 -8.97 30.33
N LEU A 212 -26.49 -9.23 30.14
CA LEU A 212 -26.05 -10.59 29.87
C LEU A 212 -26.49 -11.50 31.01
N ASN A 213 -27.11 -12.64 30.64
CA ASN A 213 -27.58 -13.68 31.59
C ASN A 213 -26.38 -14.25 32.33
N ILE A 214 -26.42 -14.30 33.66
CA ILE A 214 -25.28 -14.69 34.48
C ILE A 214 -25.40 -16.11 35.01
N THR A 215 -26.55 -16.77 34.85
CA THR A 215 -26.74 -18.13 35.31
C THR A 215 -26.65 -19.14 34.16
N CYS A 216 -26.03 -18.76 33.06
CA CYS A 216 -25.82 -19.65 31.93
C CYS A 216 -24.43 -20.25 31.97
N THR A 217 -24.18 -21.17 31.05
CA THR A 217 -22.86 -21.65 30.73
C THR A 217 -22.68 -21.56 29.22
N PHE A 218 -21.43 -21.37 28.80
CA PHE A 218 -21.13 -21.18 27.39
C PHE A 218 -21.57 -22.37 26.56
N HIS A 219 -22.18 -22.07 25.41
CA HIS A 219 -22.39 -23.03 24.34
C HIS A 219 -22.18 -22.29 23.03
N LYS A 220 -21.48 -22.92 22.09
CA LYS A 220 -21.06 -22.22 20.89
C LYS A 220 -22.23 -21.75 20.03
N THR A 221 -23.41 -22.35 20.20
CA THR A 221 -24.60 -21.94 19.45
C THR A 221 -25.69 -21.38 20.34
N GLN A 222 -25.96 -22.01 21.48
CA GLN A 222 -27.04 -21.55 22.35
C GLN A 222 -26.65 -20.30 23.14
N ASN A 223 -25.50 -20.35 23.82
CA ASN A 223 -25.01 -19.24 24.65
C ASN A 223 -23.56 -18.96 24.31
N PRO A 224 -23.30 -18.44 23.11
CA PRO A 224 -21.93 -18.14 22.69
C PRO A 224 -21.36 -16.87 23.30
N GLN A 225 -22.10 -16.20 24.17
CA GLN A 225 -21.63 -14.99 24.82
C GLN A 225 -21.61 -15.12 26.34
N CYS A 226 -21.99 -16.25 26.90
CA CYS A 226 -21.85 -16.46 28.32
C CYS A 226 -20.38 -16.65 28.63
N PRO A 227 -19.78 -15.84 29.50
CA PRO A 227 -18.34 -15.98 29.77
C PRO A 227 -18.04 -16.97 30.88
N ILE A 228 -19.02 -17.82 31.20
CA ILE A 228 -18.87 -18.86 32.20
C ILE A 228 -18.70 -20.18 31.48
N PHE A 229 -17.62 -20.88 31.79
CA PHE A 229 -17.21 -22.06 31.06
C PHE A 229 -17.07 -23.25 32.01
N ARG A 230 -17.77 -24.33 31.68
CA ARG A 230 -17.50 -25.63 32.27
C ARG A 230 -16.28 -26.24 31.59
N LEU A 231 -15.33 -26.70 32.40
CA LEU A 231 -14.06 -27.19 31.86
C LEU A 231 -14.25 -28.43 31.02
N GLY A 232 -15.10 -29.35 31.47
CA GLY A 232 -15.40 -30.52 30.69
C GLY A 232 -15.97 -30.18 29.33
N ASP A 233 -16.80 -29.14 29.27
CA ASP A 233 -17.35 -28.69 28.00
C ASP A 233 -16.26 -28.18 27.08
N ILE A 234 -15.26 -27.50 27.65
CA ILE A 234 -14.12 -27.06 26.86
C ILE A 234 -13.42 -28.26 26.23
N PHE A 235 -13.19 -29.28 27.05
CA PHE A 235 -12.51 -30.47 26.55
C PHE A 235 -13.35 -31.21 25.51
N ARG A 236 -14.67 -31.26 25.70
CA ARG A 236 -15.53 -31.84 24.67
C ARG A 236 -15.41 -31.09 23.36
N GLU A 237 -15.45 -29.76 23.43
CA GLU A 237 -15.23 -28.94 22.24
C GLU A 237 -13.95 -29.35 21.53
N THR A 238 -12.84 -29.40 22.29
CA THR A 238 -11.56 -29.78 21.70
C THR A 238 -11.49 -31.24 21.30
N GLY A 239 -12.45 -32.06 21.72
CA GLY A 239 -12.38 -33.48 21.48
C GLY A 239 -11.46 -34.22 22.43
N ASP A 240 -10.93 -33.54 23.43
CA ASP A 240 -10.07 -34.15 24.43
C ASP A 240 -10.91 -34.64 25.60
N ASN A 241 -10.41 -35.69 26.26
CA ASN A 241 -11.10 -36.36 27.40
C ASN A 241 -10.56 -35.80 28.71
N PHE A 242 -11.39 -35.16 29.54
CA PHE A 242 -10.95 -34.53 30.78
C PHE A 242 -10.40 -35.56 31.76
N SER A 243 -11.00 -36.74 31.80
CA SER A 243 -10.57 -37.75 32.76
C SER A 243 -9.13 -38.17 32.52
N ASP A 244 -8.77 -38.33 31.24
CA ASP A 244 -7.42 -38.76 30.85
C ASP A 244 -6.43 -37.64 31.17
N VAL A 245 -6.69 -36.40 30.76
CA VAL A 245 -5.78 -35.27 30.93
C VAL A 245 -5.63 -34.94 32.41
N ALA A 246 -6.67 -35.16 33.20
CA ALA A 246 -6.62 -34.86 34.62
C ALA A 246 -5.58 -35.68 35.35
N ILE A 247 -5.27 -36.89 34.86
CA ILE A 247 -4.32 -37.76 35.54
C ILE A 247 -2.93 -37.14 35.55
N GLN A 248 -2.39 -36.87 34.37
CA GLN A 248 -1.04 -36.33 34.25
C GLN A 248 -1.03 -34.83 33.97
N GLY A 249 -2.16 -34.26 33.59
CA GLY A 249 -2.27 -32.83 33.37
C GLY A 249 -2.09 -32.42 31.93
N GLY A 250 -2.15 -31.11 31.73
CA GLY A 250 -2.04 -30.56 30.41
C GLY A 250 -2.25 -29.06 30.43
N ILE A 251 -2.31 -28.50 29.22
CA ILE A 251 -2.55 -27.08 29.04
C ILE A 251 -3.64 -26.91 27.99
N MET A 252 -4.67 -26.15 28.33
CA MET A 252 -5.75 -25.84 27.41
C MET A 252 -5.76 -24.33 27.15
N GLY A 253 -6.08 -23.97 25.92
CA GLY A 253 -6.19 -22.59 25.52
C GLY A 253 -7.65 -22.18 25.35
N ILE A 254 -8.00 -21.07 25.97
CA ILE A 254 -9.28 -20.41 25.77
C ILE A 254 -8.98 -19.17 24.95
N GLU A 255 -9.25 -19.25 23.66
CA GLU A 255 -8.99 -18.14 22.74
C GLU A 255 -10.18 -17.19 22.73
N ILE A 256 -9.90 -15.91 22.94
CA ILE A 256 -10.91 -14.87 22.82
C ILE A 256 -10.47 -13.99 21.65
N TYR A 257 -11.26 -14.02 20.59
CA TYR A 257 -10.97 -13.26 19.38
C TYR A 257 -11.87 -12.04 19.33
N TRP A 258 -11.28 -10.90 19.03
CA TRP A 258 -11.98 -9.63 18.91
C TRP A 258 -11.82 -9.12 17.48
N ASP A 259 -12.83 -9.34 16.65
CA ASP A 259 -12.96 -8.67 15.36
C ASP A 259 -13.92 -7.50 15.60
N CYS A 260 -13.35 -6.31 15.81
CA CYS A 260 -14.10 -5.16 16.28
C CYS A 260 -14.06 -4.07 15.22
N ASN A 261 -15.24 -3.67 14.78
CA ASN A 261 -15.41 -2.53 13.89
C ASN A 261 -15.92 -1.37 14.72
N LEU A 262 -15.15 -0.29 14.76
CA LEU A 262 -15.45 0.86 15.58
C LEU A 262 -16.06 2.00 14.78
N ASP A 263 -16.48 1.73 13.55
CA ASP A 263 -17.32 2.67 12.81
C ASP A 263 -18.72 2.62 13.40
N ARG A 264 -19.23 3.79 13.80
CA ARG A 264 -20.45 3.83 14.61
C ARG A 264 -21.64 3.25 13.86
N TRP A 265 -21.72 3.47 12.54
CA TRP A 265 -22.85 2.92 11.79
C TRP A 265 -22.78 1.41 11.69
N PHE A 266 -21.58 0.86 11.56
CA PHE A 266 -21.36 -0.57 11.43
C PHE A 266 -20.60 -1.10 12.63
N HIS A 267 -20.94 -0.60 13.81
CA HIS A 267 -20.19 -0.91 15.01
C HIS A 267 -20.54 -2.29 15.54
N HIS A 268 -19.51 -3.08 15.82
CA HIS A 268 -19.66 -4.35 16.50
C HIS A 268 -18.34 -4.68 17.16
N CYS A 269 -18.37 -4.91 18.48
CA CYS A 269 -17.18 -5.34 19.20
C CYS A 269 -17.63 -6.36 20.25
N ARG A 270 -17.64 -7.62 19.85
CA ARG A 270 -17.96 -8.74 20.72
C ARG A 270 -16.90 -9.82 20.56
N PRO A 271 -16.70 -10.64 21.59
CA PRO A 271 -15.72 -11.71 21.49
C PRO A 271 -16.28 -13.01 20.93
N LYS A 272 -15.42 -13.72 20.23
CA LYS A 272 -15.65 -15.08 19.78
C LYS A 272 -14.75 -16.00 20.60
N TYR A 273 -15.35 -16.99 21.25
CA TYR A 273 -14.65 -17.91 22.12
C TYR A 273 -14.38 -19.21 21.39
N SER A 274 -13.13 -19.66 21.44
CA SER A 274 -12.71 -20.94 20.88
C SER A 274 -11.74 -21.59 21.86
N PHE A 275 -11.54 -22.88 21.67
CA PHE A 275 -10.78 -23.70 22.59
C PHE A 275 -9.75 -24.52 21.82
N ARG A 276 -8.55 -24.59 22.39
CA ARG A 276 -7.43 -25.26 21.75
C ARG A 276 -6.52 -25.84 22.82
N ARG A 277 -6.30 -27.15 22.76
CA ARG A 277 -5.30 -27.77 23.60
C ARG A 277 -3.91 -27.30 23.20
N LEU A 278 -3.09 -26.96 24.19
CA LEU A 278 -1.80 -26.34 23.94
C LEU A 278 -0.62 -27.22 24.30
N ASP A 279 -0.83 -28.28 25.08
CA ASP A 279 0.23 -29.21 25.39
C ASP A 279 0.24 -30.32 24.35
N ASP A 280 1.44 -30.79 24.00
CA ASP A 280 1.56 -31.89 23.07
C ASP A 280 0.98 -33.16 23.68
N LYS A 281 0.24 -33.94 22.90
CA LYS A 281 -0.39 -35.19 23.37
C LYS A 281 0.66 -36.29 23.23
N THR A 282 1.83 -36.13 23.87
CA THR A 282 2.96 -37.03 23.80
C THR A 282 3.00 -37.96 24.99
N THR A 283 3.62 -39.12 24.80
CA THR A 283 3.87 -40.09 25.86
C THR A 283 5.36 -40.27 26.13
N ASN A 284 6.21 -39.39 25.60
CA ASN A 284 7.65 -39.52 25.75
C ASN A 284 8.05 -38.95 27.11
N VAL A 285 8.44 -39.84 28.02
CA VAL A 285 8.75 -39.44 29.38
C VAL A 285 9.93 -38.48 29.41
N SER A 286 10.84 -38.61 28.45
CA SER A 286 11.96 -37.66 28.36
C SER A 286 11.46 -36.23 28.20
N LEU A 287 10.30 -36.05 27.58
CA LEU A 287 9.75 -34.73 27.33
C LEU A 287 8.85 -34.23 28.45
N TYR A 288 8.71 -34.98 29.52
CA TYR A 288 7.95 -34.50 30.68
C TYR A 288 6.52 -34.23 30.24
N PRO A 289 5.78 -35.27 29.89
CA PRO A 289 4.42 -35.07 29.38
C PRO A 289 3.47 -34.60 30.45
N GLY A 290 2.42 -33.91 30.01
CA GLY A 290 1.42 -33.39 30.91
C GLY A 290 1.73 -32.01 31.44
N TYR A 291 1.36 -31.78 32.69
CA TYR A 291 1.68 -30.54 33.39
C TYR A 291 1.67 -30.87 34.88
N ASN A 292 2.84 -30.83 35.49
CA ASN A 292 2.98 -31.06 36.90
C ASN A 292 4.09 -30.16 37.45
N PHE A 293 4.03 -29.93 38.74
CA PHE A 293 5.10 -29.24 39.44
C PHE A 293 5.13 -29.74 40.86
N ARG A 294 6.31 -29.74 41.47
CA ARG A 294 6.49 -30.18 42.87
C ARG A 294 6.38 -28.94 43.74
N TYR A 295 5.36 -28.85 44.58
CA TYR A 295 5.10 -27.69 45.48
C TYR A 295 5.25 -28.15 46.92
N ALA A 296 6.07 -27.50 47.73
CA ALA A 296 6.36 -27.96 49.12
C ALA A 296 5.69 -27.12 50.19
N LYS A 297 4.94 -27.73 51.12
CA LYS A 297 4.43 -27.08 52.32
C LYS A 297 5.45 -27.26 53.42
N TYR A 298 5.84 -26.14 54.04
CA TYR A 298 6.83 -26.15 55.10
C TYR A 298 6.15 -25.92 56.44
N TYR A 299 6.56 -26.70 57.44
CA TYR A 299 6.01 -26.60 58.77
C TYR A 299 7.08 -26.99 59.77
N LYS A 300 7.08 -26.35 60.93
CA LYS A 300 8.06 -26.60 61.97
C LYS A 300 7.44 -27.53 63.01
N GLU A 301 7.90 -28.78 63.01
CA GLU A 301 7.42 -29.82 63.96
C GLU A 301 8.63 -30.45 64.62
N ASN A 302 8.68 -30.50 65.96
CA ASN A 302 9.81 -31.00 66.72
C ASN A 302 11.00 -30.04 66.67
N ASN A 303 10.73 -28.75 66.50
CA ASN A 303 11.78 -27.74 66.35
C ASN A 303 12.68 -28.07 65.16
N VAL A 304 12.08 -28.58 64.08
CA VAL A 304 12.80 -28.88 62.85
C VAL A 304 11.96 -28.40 61.67
N GLU A 305 12.64 -27.87 60.66
CA GLU A 305 11.96 -27.49 59.43
C GLU A 305 11.64 -28.75 58.64
N LYS A 306 10.36 -28.96 58.37
CA LYS A 306 9.88 -30.12 57.64
C LYS A 306 9.31 -29.68 56.29
N ARG A 307 8.87 -30.66 55.52
CA ARG A 307 8.36 -30.44 54.18
C ARG A 307 7.34 -31.52 53.86
N THR A 308 6.13 -31.11 53.51
CA THR A 308 5.20 -31.97 52.81
C THR A 308 5.32 -31.63 51.33
N LEU A 309 5.91 -32.53 50.57
CA LEU A 309 6.09 -32.34 49.15
C LEU A 309 4.91 -32.91 48.39
N ILE A 310 4.29 -32.08 47.55
CA ILE A 310 3.16 -32.49 46.72
C ILE A 310 3.59 -32.34 45.28
N LYS A 311 3.49 -33.44 44.53
CA LYS A 311 3.60 -33.38 43.08
C LYS A 311 2.23 -33.05 42.53
N VAL A 312 2.07 -31.83 42.05
CA VAL A 312 0.77 -31.30 41.66
C VAL A 312 0.58 -31.54 40.18
N PHE A 313 -0.43 -32.32 39.83
CA PHE A 313 -0.86 -32.48 38.45
C PHE A 313 -2.12 -31.66 38.24
N GLY A 314 -2.25 -31.11 37.04
CA GLY A 314 -3.43 -30.37 36.72
C GLY A 314 -3.36 -29.77 35.34
N ILE A 315 -4.38 -28.97 35.05
CA ILE A 315 -4.55 -28.38 33.73
C ILE A 315 -4.39 -26.88 33.89
N ARG A 316 -3.42 -26.32 33.19
CA ARG A 316 -3.27 -24.88 33.06
C ARG A 316 -4.11 -24.40 31.90
N PHE A 317 -4.95 -23.40 32.15
CA PHE A 317 -5.79 -22.82 31.12
C PHE A 317 -5.20 -21.47 30.75
N ASP A 318 -4.68 -21.37 29.54
CA ASP A 318 -4.13 -20.13 29.02
C ASP A 318 -5.23 -19.37 28.31
N ILE A 319 -5.46 -18.13 28.72
CA ILE A 319 -6.46 -17.27 28.10
C ILE A 319 -5.75 -16.45 27.03
N LEU A 320 -6.01 -16.79 25.78
CA LEU A 320 -5.35 -16.18 24.64
C LEU A 320 -6.31 -15.17 24.03
N VAL A 321 -5.97 -13.89 24.13
CA VAL A 321 -6.82 -12.82 23.66
C VAL A 321 -6.09 -12.08 22.55
N PHE A 322 -6.72 -12.02 21.38
CA PHE A 322 -6.13 -11.42 20.21
C PHE A 322 -7.24 -10.78 19.40
N GLY A 323 -6.86 -9.88 18.52
CA GLY A 323 -7.83 -9.24 17.66
C GLY A 323 -7.39 -7.83 17.30
N THR A 324 -8.23 -7.21 16.48
CA THR A 324 -7.97 -5.88 15.94
C THR A 324 -9.22 -5.03 16.05
N GLY A 325 -8.99 -3.72 16.14
CA GLY A 325 -10.06 -2.75 16.09
C GLY A 325 -9.85 -1.80 14.94
N GLY A 326 -10.84 -1.71 14.05
CA GLY A 326 -10.75 -0.90 12.87
C GLY A 326 -11.71 0.28 12.94
N LYS A 327 -11.19 1.44 12.58
CA LYS A 327 -11.99 2.63 12.36
C LYS A 327 -11.52 3.28 11.07
N PHE A 328 -12.47 3.90 10.36
CA PHE A 328 -12.17 4.50 9.07
C PHE A 328 -11.03 5.50 9.18
N ASP A 329 -10.06 5.39 8.27
CA ASP A 329 -8.95 6.32 8.17
C ASP A 329 -8.88 6.81 6.74
N ILE A 330 -8.83 8.13 6.57
CA ILE A 330 -8.81 8.72 5.24
C ILE A 330 -7.52 8.34 4.52
N ILE A 331 -6.39 8.35 5.23
CA ILE A 331 -5.10 8.10 4.60
C ILE A 331 -5.03 6.68 4.05
N GLN A 332 -5.55 5.71 4.80
CA GLN A 332 -5.53 4.33 4.34
C GLN A 332 -6.36 4.16 3.06
N LEU A 333 -7.55 4.76 3.03
CA LEU A 333 -8.38 4.71 1.84
C LEU A 333 -7.71 5.38 0.65
N VAL A 334 -7.09 6.54 0.88
CA VAL A 334 -6.40 7.24 -0.19
C VAL A 334 -5.28 6.37 -0.75
N VAL A 335 -4.50 5.75 0.13
CA VAL A 335 -3.42 4.87 -0.30
C VAL A 335 -3.96 3.71 -1.12
N TYR A 336 -5.05 3.10 -0.65
CA TYR A 336 -5.61 1.96 -1.38
C TYR A 336 -6.11 2.38 -2.76
N ILE A 337 -6.85 3.48 -2.83
CA ILE A 337 -7.37 3.95 -4.10
C ILE A 337 -6.23 4.25 -5.06
N GLY A 338 -5.20 4.93 -4.58
CA GLY A 338 -4.05 5.19 -5.42
C GLY A 338 -3.35 3.93 -5.88
N SER A 339 -3.31 2.92 -5.02
CA SER A 339 -2.75 1.63 -5.40
C SER A 339 -3.63 0.89 -6.39
N THR A 340 -4.89 1.28 -6.54
CA THR A 340 -5.78 0.61 -7.48
C THR A 340 -6.01 1.37 -8.77
N LEU A 341 -5.60 2.65 -8.83
CA LEU A 341 -5.97 3.48 -9.96
C LEU A 341 -5.31 3.02 -11.26
N SER A 342 -4.04 2.61 -11.19
CA SER A 342 -3.33 2.21 -12.40
C SER A 342 -3.90 0.96 -13.05
N TYR A 343 -4.72 0.19 -12.33
CA TYR A 343 -5.32 -1.00 -12.92
C TYR A 343 -6.37 -0.66 -13.96
N PHE A 344 -6.90 0.57 -13.94
CA PHE A 344 -7.89 0.99 -14.92
C PHE A 344 -7.26 1.32 -16.27
N GLY A 345 -5.96 1.54 -16.32
CA GLY A 345 -5.24 1.69 -17.56
C GLY A 345 -4.82 0.41 -18.22
N LEU A 346 -5.17 -0.73 -17.64
CA LEU A 346 -4.81 -2.01 -18.26
C LEU A 346 -5.72 -2.34 -19.43
N ALA A 347 -6.94 -1.83 -19.44
CA ALA A 347 -7.78 -1.97 -20.62
C ALA A 347 -7.14 -1.29 -21.83
N ALA A 348 -6.64 -0.08 -21.63
CA ALA A 348 -5.93 0.62 -22.69
C ALA A 348 -4.68 -0.12 -23.11
N VAL A 349 -3.92 -0.61 -22.12
CA VAL A 349 -2.71 -1.36 -22.44
C VAL A 349 -3.05 -2.58 -23.31
N PHE A 350 -4.08 -3.32 -22.91
CA PHE A 350 -4.46 -4.53 -23.62
C PHE A 350 -4.96 -4.23 -25.02
N ILE A 351 -5.84 -3.24 -25.17
CA ILE A 351 -6.39 -2.92 -26.47
C ILE A 351 -5.33 -2.34 -27.39
N ASP A 352 -4.42 -1.54 -26.85
CA ASP A 352 -3.33 -1.01 -27.65
C ASP A 352 -2.38 -2.13 -28.08
N PHE A 353 -2.16 -3.11 -27.21
CA PHE A 353 -1.38 -4.29 -27.60
C PHE A 353 -2.07 -5.04 -28.73
N LEU A 354 -3.41 -5.17 -28.65
CA LEU A 354 -4.15 -5.81 -29.73
C LEU A 354 -4.02 -5.03 -31.04
N ILE A 355 -4.13 -3.70 -30.97
CA ILE A 355 -3.98 -2.88 -32.16
C ILE A 355 -2.58 -3.03 -32.74
N ASP A 356 -1.57 -3.08 -31.87
CA ASP A 356 -0.19 -3.17 -32.34
C ASP A 356 0.10 -4.52 -32.97
N THR A 357 -0.41 -5.62 -32.44
CA THR A 357 -0.18 -6.96 -32.98
C THR A 357 -0.95 -7.18 -34.26
N TYR A 358 -2.26 -6.96 -34.22
CA TYR A 358 -3.13 -7.21 -35.36
C TYR A 358 -2.87 -6.26 -36.51
N SER A 359 -2.08 -5.21 -36.31
CA SER A 359 -1.64 -4.37 -37.41
C SER A 359 -0.49 -5.03 -38.16
N SER A 360 0.20 -5.94 -37.48
CA SER A 360 1.31 -6.65 -38.09
C SER A 360 0.81 -7.43 -39.31
N ASN A 361 1.54 -7.31 -40.41
CA ASN A 361 1.16 -7.98 -41.66
C ASN A 361 1.19 -9.48 -41.49
N CYS A 362 2.04 -9.97 -40.60
CA CYS A 362 2.16 -11.37 -40.34
C CYS A 362 0.83 -12.03 -39.97
N CYS A 363 -0.01 -11.23 -39.33
CA CYS A 363 -1.31 -11.69 -38.89
C CYS A 363 -2.27 -11.96 -40.04
N ARG A 364 -1.91 -11.43 -41.21
CA ARG A 364 -2.69 -11.67 -42.42
C ARG A 364 -2.11 -12.54 -43.54
N SER A 365 -0.80 -12.53 -43.67
CA SER A 365 -0.16 -13.37 -44.68
C SER A 365 -0.25 -14.84 -44.31
N HIS A 366 -0.15 -15.15 -43.01
CA HIS A 366 -0.11 -16.56 -42.55
C HIS A 366 -1.28 -16.90 -41.64
N ILE A 367 -1.58 -16.08 -40.62
CA ILE A 367 -2.54 -16.48 -39.59
C ILE A 367 -3.94 -16.56 -40.18
N TYR A 368 -4.44 -15.45 -40.72
CA TYR A 368 -5.82 -15.41 -41.21
C TYR A 368 -6.13 -16.50 -42.21
N PRO A 369 -5.27 -16.82 -43.18
CA PRO A 369 -5.53 -17.97 -44.05
C PRO A 369 -5.77 -19.26 -43.27
N TRP A 370 -5.04 -19.46 -42.18
CA TRP A 370 -5.24 -20.61 -41.32
C TRP A 370 -6.49 -20.39 -40.46
N CYS A 371 -6.39 -19.45 -39.52
CA CYS A 371 -7.52 -19.07 -38.69
C CYS A 371 -8.33 -17.94 -39.30
N LYS A 372 -9.35 -18.33 -40.04
CA LYS A 372 -10.18 -17.39 -40.78
C LYS A 372 -11.20 -16.68 -39.90
N CYS A 373 -11.15 -16.97 -38.60
CA CYS A 373 -12.04 -16.34 -37.65
C CYS A 373 -11.56 -14.96 -37.22
N CYS A 374 -10.27 -14.73 -37.44
CA CYS A 374 -9.60 -13.54 -37.01
C CYS A 374 -9.45 -12.44 -38.06
N GLN A 375 -9.92 -12.75 -39.27
CA GLN A 375 -9.76 -11.84 -40.40
C GLN A 375 -10.37 -10.46 -40.14
N PRO A 376 -11.54 -10.39 -39.48
CA PRO A 376 -12.15 -9.08 -39.21
C PRO A 376 -11.32 -8.21 -38.29
N CYS A 377 -10.20 -8.74 -37.80
CA CYS A 377 -9.32 -8.00 -36.97
C CYS A 377 -8.22 -7.28 -37.74
N VAL A 378 -8.49 -7.16 -39.04
CA VAL A 378 -7.61 -6.48 -39.96
C VAL A 378 -7.82 -4.96 -39.87
N VAL A 379 -8.91 -4.57 -39.20
CA VAL A 379 -9.20 -3.17 -38.97
C VAL A 379 -8.15 -2.51 -38.08
N ASN A 380 -7.38 -3.31 -37.35
CA ASN A 380 -6.32 -2.76 -36.52
C ASN A 380 -5.22 -2.15 -37.35
N GLU A 381 -5.09 -2.52 -38.63
CA GLU A 381 -4.19 -1.81 -39.51
C GLU A 381 -4.60 -0.35 -39.65
N TYR A 382 -5.89 -0.10 -39.90
CA TYR A 382 -6.41 1.25 -39.97
C TYR A 382 -6.25 1.96 -38.64
N TYR A 383 -6.57 1.27 -37.54
CA TYR A 383 -6.45 1.88 -36.22
C TYR A 383 -5.00 2.29 -35.94
N TYR A 384 -4.04 1.41 -36.23
CA TYR A 384 -2.63 1.71 -36.00
C TYR A 384 -2.15 2.84 -36.90
N ARG A 385 -2.59 2.86 -38.15
CA ARG A 385 -2.26 3.96 -39.04
C ARG A 385 -2.77 5.29 -38.49
N LYS A 386 -3.98 5.29 -37.93
CA LYS A 386 -4.54 6.51 -37.35
C LYS A 386 -3.99 6.82 -35.97
N LYS A 387 -3.29 5.88 -35.34
CA LYS A 387 -2.84 6.02 -33.95
C LYS A 387 -1.36 6.36 -33.85
N CYS A 388 -0.51 5.67 -34.60
CA CYS A 388 0.93 5.76 -34.44
C CYS A 388 1.58 6.37 -35.67
N GLU A 389 2.48 7.32 -35.44
CA GLU A 389 3.33 7.89 -36.48
C GLU A 389 4.76 7.55 -36.14
N SER A 390 5.45 6.93 -37.08
CA SER A 390 6.84 6.50 -36.87
C SER A 390 7.78 7.53 -37.47
N ILE A 391 8.77 7.94 -36.67
CA ILE A 391 9.78 8.89 -37.10
C ILE A 391 11.15 8.31 -36.79
N VAL A 392 12.14 8.75 -37.53
CA VAL A 392 13.52 8.28 -37.38
C VAL A 392 14.34 9.37 -36.73
N GLU A 393 15.43 8.95 -36.11
CA GLU A 393 16.39 9.90 -35.55
C GLU A 393 17.06 10.66 -36.69
N PRO A 394 16.96 11.98 -36.74
CA PRO A 394 17.58 12.74 -37.85
C PRO A 394 19.10 12.88 -37.68
N LYS A 395 19.77 11.86 -38.07
CA LYS A 395 21.22 11.79 -37.97
C LYS A 395 21.88 12.38 -39.22
N PRO A 396 23.11 12.88 -39.09
CA PRO A 396 23.80 13.40 -40.29
C PRO A 396 24.01 12.35 -41.36
N THR A 397 24.09 11.08 -40.98
CA THR A 397 24.23 10.00 -41.94
C THR A 397 22.91 9.61 -42.60
N LEU A 398 21.80 10.20 -42.16
CA LEU A 398 20.50 9.82 -42.70
C LEU A 398 20.32 10.37 -44.10
N LYS A 399 19.99 9.48 -45.04
CA LYS A 399 19.76 9.84 -46.42
C LYS A 399 18.67 8.95 -46.97
N TYR A 400 17.77 9.54 -47.75
CA TYR A 400 16.70 8.82 -48.40
C TYR A 400 16.91 8.84 -49.91
N VAL A 401 16.66 7.70 -50.53
CA VAL A 401 16.93 7.50 -51.95
C VAL A 401 15.68 6.89 -52.59
N SER A 402 15.28 7.45 -53.73
CA SER A 402 14.14 6.96 -54.49
C SER A 402 14.56 6.67 -55.91
N PHE A 403 14.20 5.50 -56.40
CA PHE A 403 14.43 5.10 -57.79
C PHE A 403 13.09 5.00 -58.49
N VAL A 404 12.99 5.62 -59.67
CA VAL A 404 11.72 5.65 -60.40
C VAL A 404 11.25 4.26 -60.79
N ASP A 405 12.16 3.31 -60.91
CA ASP A 405 11.81 1.94 -61.27
C ASP A 405 11.44 1.10 -60.06
N GLU A 406 11.36 1.70 -58.88
CA GLU A 406 10.95 1.01 -57.66
C GLU A 406 9.75 1.73 -57.04
N SER A 407 8.90 0.94 -56.40
CA SER A 407 7.69 1.47 -55.78
C SER A 407 7.91 1.90 -54.33
N HIS A 408 9.10 1.72 -53.80
CA HIS A 408 9.41 2.02 -52.41
C HIS A 408 10.59 2.99 -52.35
N ILE A 409 10.93 3.41 -51.14
CA ILE A 409 11.99 4.36 -50.90
C ILE A 409 13.01 3.73 -49.95
N ARG A 410 14.29 4.00 -50.18
CA ARG A 410 15.37 3.43 -49.40
C ARG A 410 15.93 4.47 -48.43
N MET A 411 16.07 4.06 -47.17
CA MET A 411 16.66 4.92 -46.12
C MET A 411 18.11 4.46 -45.94
N VAL A 412 19.07 5.37 -46.07
CA VAL A 412 20.50 5.07 -45.96
C VAL A 412 21.03 5.87 -44.78
N ASN A 413 20.96 5.28 -43.59
CA ASN A 413 21.62 5.83 -42.40
C ASN A 413 22.96 5.11 -42.18
N GLN A 414 23.82 5.21 -43.19
CA GLN A 414 25.04 4.44 -43.24
C GLN A 414 26.09 5.26 -43.99
N GLN A 415 27.26 5.39 -43.39
CA GLN A 415 28.32 6.19 -44.01
C GLN A 415 28.74 5.57 -45.34
N LEU A 416 29.05 6.45 -46.30
CA LEU A 416 29.49 6.02 -47.62
C LEU A 416 31.01 5.91 -47.59
N LEU A 417 31.51 4.68 -47.51
CA LEU A 417 32.95 4.43 -47.46
C LEU A 417 33.53 4.42 -48.88
N GLY A 418 33.41 5.57 -49.53
CA GLY A 418 33.80 5.70 -50.91
C GLY A 418 32.90 4.98 -51.89
N ARG A 419 31.80 4.41 -51.41
CA ARG A 419 30.88 3.66 -52.26
C ARG A 419 29.82 4.57 -52.85
N SER A 420 29.51 4.35 -54.12
CA SER A 420 28.44 5.08 -54.76
C SER A 420 27.14 4.87 -54.00
N LEU A 421 26.42 5.97 -53.74
CA LEU A 421 25.13 5.87 -53.09
C LEU A 421 24.14 5.02 -53.89
N GLN A 422 24.35 4.88 -55.20
CA GLN A 422 23.54 3.97 -55.99
C GLN A 422 23.77 2.53 -55.57
N ASP A 423 25.00 2.19 -55.18
CA ASP A 423 25.31 0.82 -54.80
C ASP A 423 24.96 0.55 -53.34
N VAL A 424 24.99 1.58 -52.49
CA VAL A 424 24.56 1.43 -51.10
C VAL A 424 23.04 1.27 -51.10
N LYS A 425 22.56 0.09 -50.73
CA LYS A 425 21.14 -0.18 -50.60
C LYS A 425 20.81 -0.34 -49.13
N GLY A 426 19.98 0.58 -48.62
CA GLY A 426 19.52 0.52 -47.25
C GLY A 426 18.16 -0.13 -47.14
N GLN A 427 17.60 -0.07 -45.94
CA GLN A 427 16.32 -0.70 -45.69
C GLN A 427 15.20 0.07 -46.40
N GLU A 428 14.21 -0.68 -46.85
CA GLU A 428 13.13 -0.09 -47.63
C GLU A 428 12.11 0.56 -46.71
N VAL A 429 11.59 1.70 -47.12
CA VAL A 429 10.47 2.35 -46.43
C VAL A 429 9.40 2.66 -47.47
N PRO A 430 8.12 2.65 -47.12
CA PRO A 430 7.09 2.93 -48.12
C PRO A 430 6.83 4.41 -48.28
N ARG A 431 6.68 4.83 -49.53
CA ARG A 431 6.41 6.22 -49.82
C ARG A 431 5.04 6.61 -49.28
N PRO A 432 4.92 7.70 -48.50
CA PRO A 432 3.59 8.12 -48.05
C PRO A 432 2.62 8.28 -49.21
N ALA A 433 1.57 7.48 -49.22
CA ALA A 433 0.65 7.40 -50.36
C ALA A 433 -0.44 8.46 -50.23
N MET A 434 0.00 9.73 -50.32
CA MET A 434 -0.94 10.83 -50.31
C MET A 434 -1.66 10.98 -51.64
N ASP A 435 -0.95 10.75 -52.74
CA ASP A 435 -1.52 10.87 -54.08
C ASP A 435 -2.11 12.26 -54.30
N SER A 473 26.48 8.21 -68.56
CA SER A 473 27.80 7.75 -68.96
C SER A 473 28.50 6.98 -67.84
N PRO A 474 28.57 7.55 -66.63
CA PRO A 474 29.21 6.83 -65.52
C PRO A 474 28.70 5.41 -65.36
N VAL A 475 29.48 4.60 -64.64
CA VAL A 475 29.14 3.18 -64.48
C VAL A 475 27.87 3.01 -63.67
N TRP A 476 27.65 3.87 -62.68
CA TRP A 476 26.50 3.77 -61.80
C TRP A 476 25.25 4.43 -62.36
N CYS A 477 25.32 4.98 -63.56
CA CYS A 477 24.16 5.60 -64.19
C CYS A 477 23.48 4.61 -65.13
N GLN A 478 22.17 4.46 -64.96
CA GLN A 478 21.34 3.54 -65.77
C GLN A 478 20.36 4.35 -66.63
N CYS A 479 20.57 5.66 -66.79
CA CYS A 479 19.69 6.48 -67.60
C CYS A 479 20.40 7.33 -68.65
N GLY A 480 21.74 7.38 -68.62
CA GLY A 480 22.48 8.12 -69.63
C GLY A 480 22.23 9.60 -69.64
N SER A 481 22.00 10.19 -68.46
CA SER A 481 21.83 11.63 -68.35
C SER A 481 22.53 12.19 -67.11
N CYS A 482 23.25 11.36 -66.38
CA CYS A 482 23.95 11.79 -65.17
C CYS A 482 25.37 12.18 -65.49
N LEU A 483 25.93 13.07 -64.67
CA LEU A 483 27.29 13.54 -64.80
C LEU A 483 28.06 13.25 -63.52
N PRO A 484 29.39 13.16 -63.59
CA PRO A 484 30.17 12.89 -62.39
C PRO A 484 30.11 14.05 -61.41
N SER A 485 30.34 13.74 -60.13
CA SER A 485 30.27 14.75 -59.09
C SER A 485 31.51 15.64 -59.12
N GLN A 486 31.31 16.94 -58.90
CA GLN A 486 32.38 17.92 -58.89
C GLN A 486 32.70 18.36 -57.47
N LEU A 487 32.40 17.53 -56.49
CA LEU A 487 32.72 17.80 -55.08
C LEU A 487 34.09 17.23 -54.76
N PRO A 488 34.60 17.51 -53.56
CA PRO A 488 35.82 16.82 -53.12
C PRO A 488 35.59 15.31 -53.10
N GLU A 489 36.63 14.56 -53.48
CA GLU A 489 36.48 13.12 -53.65
C GLU A 489 35.93 12.45 -52.40
N SER A 490 36.25 12.99 -51.22
CA SER A 490 35.73 12.40 -49.99
C SER A 490 34.21 12.45 -49.95
N HIS A 491 33.63 13.56 -50.39
CA HIS A 491 32.18 13.75 -50.37
C HIS A 491 31.55 13.57 -51.75
N ARG A 492 32.29 13.03 -52.72
CA ARG A 492 31.74 12.87 -54.06
C ARG A 492 30.78 11.70 -54.16
N CYS A 493 30.96 10.66 -53.34
CA CYS A 493 30.12 9.47 -53.43
C CYS A 493 28.67 9.77 -53.11
N LEU A 494 28.40 10.86 -52.40
CA LEU A 494 27.02 11.20 -52.05
C LEU A 494 26.19 11.48 -53.30
N GLU A 495 26.75 12.22 -54.25
CA GLU A 495 26.04 12.58 -55.47
C GLU A 495 26.17 11.53 -56.56
N GLU A 496 26.83 10.41 -56.30
CA GLU A 496 26.94 9.32 -57.27
C GLU A 496 25.70 8.43 -57.18
N LEU A 497 24.56 9.04 -57.49
CA LEU A 497 23.27 8.38 -57.45
C LEU A 497 22.51 8.67 -58.73
N CYS A 498 21.82 7.66 -59.24
CA CYS A 498 21.03 7.77 -60.45
C CYS A 498 19.55 7.69 -60.12
N CYS A 499 18.73 8.20 -61.04
CA CYS A 499 17.29 8.21 -60.84
C CYS A 499 16.66 6.82 -60.90
N ARG A 500 17.35 5.84 -61.46
CA ARG A 500 16.77 4.48 -61.65
C ARG A 500 17.80 3.38 -61.42
N LYS A 501 17.39 2.28 -60.78
CA LYS A 501 18.26 1.16 -60.46
C LYS A 501 18.63 0.30 -61.65
N LYS A 502 17.82 0.31 -62.70
CA LYS A 502 18.01 -0.51 -63.89
C LYS A 502 17.90 0.36 -65.11
N PRO A 503 18.41 -0.11 -66.25
CA PRO A 503 18.41 0.71 -67.46
C PRO A 503 17.00 1.13 -67.86
N GLY A 504 16.88 2.36 -68.34
CA GLY A 504 15.58 2.88 -68.74
C GLY A 504 15.68 4.36 -69.03
N ALA A 505 14.51 4.97 -69.18
CA ALA A 505 14.42 6.40 -69.47
C ALA A 505 14.60 7.21 -68.19
N CYS A 506 15.31 8.32 -68.31
CA CYS A 506 15.51 9.20 -67.18
C CYS A 506 14.20 9.87 -66.76
N ILE A 507 14.05 10.08 -65.46
CA ILE A 507 12.89 10.79 -64.94
C ILE A 507 12.89 12.23 -65.43
N THR A 508 14.04 12.76 -65.85
CA THR A 508 14.08 14.10 -66.41
C THR A 508 13.25 14.20 -67.69
N THR A 509 13.10 13.11 -68.42
CA THR A 509 12.30 13.10 -69.62
C THR A 509 10.81 13.11 -69.33
N SER A 510 10.41 12.90 -68.07
CA SER A 510 9.01 12.95 -67.71
C SER A 510 8.47 14.36 -67.89
N GLU A 511 7.19 14.43 -68.27
CA GLU A 511 6.53 15.72 -68.39
C GLU A 511 6.54 16.45 -67.04
N LEU A 512 6.13 15.75 -65.99
CA LEU A 512 6.01 16.38 -64.67
C LEU A 512 7.33 16.91 -64.16
N PHE A 513 8.47 16.37 -64.58
CA PHE A 513 9.74 16.95 -64.19
C PHE A 513 9.88 18.35 -64.76
N ARG A 514 9.49 18.54 -66.02
CA ARG A 514 9.60 19.84 -66.65
C ARG A 514 8.50 20.81 -66.21
N LYS A 515 7.36 20.30 -65.76
CA LYS A 515 6.28 21.19 -65.32
C LYS A 515 6.39 21.55 -63.83
N LEU A 516 6.82 20.63 -62.99
CA LEU A 516 6.89 20.85 -61.55
C LEU A 516 8.23 21.43 -61.12
N VAL A 517 9.33 20.88 -61.63
CA VAL A 517 10.65 21.13 -61.09
C VAL A 517 11.38 22.21 -61.88
N LEU A 518 11.13 22.26 -63.19
CA LEU A 518 11.86 23.16 -64.07
C LEU A 518 11.03 24.33 -64.59
N SER A 519 9.79 24.48 -64.14
CA SER A 519 8.95 25.57 -64.60
C SER A 519 9.24 26.82 -63.78
N ARG A 520 9.66 27.89 -64.44
CA ARG A 520 9.96 29.11 -63.71
C ARG A 520 8.72 29.64 -63.01
N HIS A 521 7.54 29.52 -63.64
CA HIS A 521 6.32 30.04 -63.04
C HIS A 521 6.04 29.38 -61.71
N VAL A 522 6.16 28.05 -61.65
CA VAL A 522 5.84 27.34 -60.41
C VAL A 522 6.76 27.80 -59.30
N LEU A 523 8.06 27.85 -59.56
CA LEU A 523 9.01 28.22 -58.52
C LEU A 523 8.81 29.67 -58.11
N GLN A 524 8.65 30.57 -59.08
CA GLN A 524 8.39 31.96 -58.75
C GLN A 524 7.13 32.12 -57.90
N PHE A 525 6.07 31.38 -58.22
CA PHE A 525 4.87 31.42 -57.40
C PHE A 525 5.17 30.93 -55.99
N LEU A 526 5.94 29.85 -55.87
CA LEU A 526 6.26 29.32 -54.54
C LEU A 526 7.09 30.31 -53.74
N LEU A 527 8.00 31.03 -54.40
CA LEU A 527 8.81 32.02 -53.68
C LEU A 527 7.99 33.24 -53.28
N LEU A 528 7.12 33.72 -54.17
CA LEU A 528 6.29 34.88 -53.85
C LEU A 528 5.25 34.55 -52.80
N TYR A 529 4.77 33.31 -52.75
CA TYR A 529 3.78 32.93 -51.76
C TYR A 529 4.28 33.21 -50.35
N GLN A 530 5.59 33.10 -50.12
CA GLN A 530 6.17 33.41 -48.83
C GLN A 530 6.68 34.84 -48.76
N GLU A 531 7.20 35.37 -49.87
CA GLU A 531 7.73 36.74 -49.94
C GLU A 531 7.06 37.44 -51.11
N PRO A 532 5.84 37.95 -50.92
CA PRO A 532 5.07 38.48 -52.06
C PRO A 532 5.79 39.57 -52.83
N LEU A 533 6.49 40.47 -52.14
CA LEU A 533 7.12 41.62 -52.76
C LEU A 533 8.62 41.40 -53.01
N LEU A 534 9.06 40.15 -53.01
CA LEU A 534 10.47 39.86 -53.16
C LEU A 534 10.98 40.30 -54.52
N ALA A 535 12.18 40.86 -54.53
CA ALA A 535 12.86 41.23 -55.77
C ALA A 535 14.36 41.08 -55.54
N LEU A 536 15.00 40.23 -56.34
CA LEU A 536 16.39 39.88 -56.14
C LEU A 536 17.14 39.96 -57.47
N ASP A 537 18.46 40.10 -57.37
CA ASP A 537 19.29 40.03 -58.56
C ASP A 537 19.10 38.67 -59.24
N VAL A 538 19.51 38.62 -60.51
CA VAL A 538 19.27 37.41 -61.30
C VAL A 538 19.99 36.22 -60.68
N ASP A 539 21.20 36.43 -60.16
CA ASP A 539 21.95 35.32 -59.57
C ASP A 539 21.29 34.82 -58.29
N SER A 540 20.88 35.74 -57.42
CA SER A 540 20.19 35.34 -56.19
C SER A 540 18.86 34.66 -56.50
N THR A 541 18.11 35.20 -57.46
CA THR A 541 16.87 34.56 -57.85
C THR A 541 17.12 33.17 -58.40
N ASN A 542 18.16 33.01 -59.23
CA ASN A 542 18.47 31.70 -59.78
C ASN A 542 18.83 30.71 -58.68
N SER A 543 19.59 31.17 -57.67
CA SER A 543 19.89 30.30 -56.54
C SER A 543 18.61 29.89 -55.82
N ARG A 544 17.69 30.83 -55.61
CA ARG A 544 16.44 30.51 -54.94
C ARG A 544 15.63 29.50 -55.75
N LEU A 545 15.57 29.66 -57.06
CA LEU A 545 14.86 28.71 -57.90
C LEU A 545 15.54 27.34 -57.91
N ARG A 546 16.87 27.32 -57.85
CA ARG A 546 17.57 26.04 -57.77
C ARG A 546 17.21 25.31 -56.48
N HIS A 547 17.21 26.04 -55.36
CA HIS A 547 16.81 25.44 -54.10
C HIS A 547 15.37 24.96 -54.14
N CYS A 548 14.47 25.77 -54.70
CA CYS A 548 13.07 25.40 -54.80
C CYS A 548 12.86 24.21 -55.72
N ALA A 549 13.70 24.05 -56.73
CA ALA A 549 13.61 22.90 -57.62
C ALA A 549 14.07 21.62 -56.93
N TYR A 550 15.18 21.68 -56.21
CA TYR A 550 15.55 20.55 -55.36
C TYR A 550 14.39 20.18 -54.43
N ARG A 551 13.80 21.22 -53.79
CA ARG A 551 12.68 21.02 -52.90
C ARG A 551 11.51 20.33 -53.60
N CYS A 552 11.18 20.79 -54.80
CA CYS A 552 10.04 20.24 -55.52
C CYS A 552 10.28 18.79 -55.90
N TYR A 553 11.48 18.47 -56.39
CA TYR A 553 11.76 17.07 -56.70
C TYR A 553 11.66 16.21 -55.45
N ALA A 554 12.25 16.67 -54.35
CA ALA A 554 12.25 15.88 -53.13
C ALA A 554 10.84 15.69 -52.58
N THR A 555 10.03 16.74 -52.60
CA THR A 555 8.64 16.62 -52.16
C THR A 555 7.84 15.70 -53.07
N TRP A 556 8.05 15.81 -54.38
CA TRP A 556 7.30 15.01 -55.34
C TRP A 556 7.62 13.52 -55.19
N ARG A 557 8.89 13.18 -55.02
CA ARG A 557 9.28 11.78 -55.03
C ARG A 557 9.34 11.16 -53.64
N PHE A 558 9.41 11.96 -52.59
CA PHE A 558 9.46 11.46 -51.22
C PHE A 558 8.27 11.90 -50.38
N GLY A 559 7.65 13.03 -50.68
CA GLY A 559 6.46 13.47 -49.98
C GLY A 559 6.75 14.24 -48.71
N SER A 560 6.65 13.57 -47.58
CA SER A 560 6.80 14.22 -46.29
C SER A 560 8.15 14.92 -46.19
N GLN A 561 8.14 16.11 -45.59
CA GLN A 561 9.39 16.84 -45.38
C GLN A 561 10.34 16.07 -44.45
N ASP A 562 9.82 15.09 -43.72
CA ASP A 562 10.69 14.24 -42.91
C ASP A 562 11.68 13.48 -43.78
N MET A 563 11.23 12.99 -44.93
CA MET A 563 12.10 12.35 -45.90
C MET A 563 12.74 13.34 -46.87
N ALA A 564 11.96 14.31 -47.35
CA ALA A 564 12.48 15.27 -48.32
C ALA A 564 13.60 16.10 -47.74
N ASP A 565 13.61 16.31 -46.43
CA ASP A 565 14.71 17.05 -45.80
C ASP A 565 16.03 16.31 -45.98
N PHE A 566 16.00 14.99 -45.85
CA PHE A 566 17.20 14.16 -45.95
C PHE A 566 17.28 13.41 -47.27
N ALA A 567 16.44 13.76 -48.24
CA ALA A 567 16.50 13.13 -49.55
C ALA A 567 17.80 13.52 -50.26
N ILE A 568 18.15 12.72 -51.26
CA ILE A 568 19.31 12.98 -52.11
C ILE A 568 18.82 13.00 -53.55
N LEU A 569 19.06 14.11 -54.23
CA LEU A 569 18.64 14.22 -55.62
C LEU A 569 19.54 13.37 -56.51
N PRO A 570 18.98 12.71 -57.52
CA PRO A 570 19.81 12.05 -58.51
C PRO A 570 20.66 13.05 -59.27
N SER A 571 21.80 12.57 -59.75
CA SER A 571 22.71 13.45 -60.49
C SER A 571 22.05 14.02 -61.74
N CYS A 572 21.24 13.21 -62.41
CA CYS A 572 20.56 13.70 -63.61
C CYS A 572 19.67 14.88 -63.27
N CYS A 573 18.78 14.72 -62.29
CA CYS A 573 17.90 15.81 -61.87
C CYS A 573 18.70 16.99 -61.34
N ARG A 574 19.71 16.70 -60.53
CA ARG A 574 20.55 17.75 -59.96
C ARG A 574 21.12 18.64 -61.04
N TRP A 575 21.74 18.05 -62.05
CA TRP A 575 22.43 18.82 -63.06
C TRP A 575 21.48 19.41 -64.09
N ARG A 576 20.33 18.78 -64.33
CA ARG A 576 19.31 19.43 -65.14
C ARG A 576 18.80 20.70 -64.45
N ILE A 577 18.56 20.63 -63.14
CA ILE A 577 18.13 21.80 -62.39
C ILE A 577 19.19 22.88 -62.43
N ARG A 578 20.45 22.49 -62.21
CA ARG A 578 21.54 23.46 -62.26
C ARG A 578 21.77 24.01 -63.65
N LYS A 579 21.37 23.29 -64.69
CA LYS A 579 21.42 23.83 -66.04
C LYS A 579 20.31 24.84 -66.29
N GLU A 580 19.13 24.58 -65.72
CA GLU A 580 17.94 25.46 -65.86
C GLU A 580 18.14 26.71 -64.99
N PHE A 581 18.84 26.59 -63.85
CA PHE A 581 19.10 27.70 -62.95
C PHE A 581 20.57 27.69 -62.52
N PRO A 582 21.49 27.89 -63.46
CA PRO A 582 22.91 27.90 -63.09
C PRO A 582 23.26 29.13 -62.27
N LYS A 583 24.30 28.99 -61.46
CA LYS A 583 24.86 30.12 -60.73
C LYS A 583 25.92 30.81 -61.58
N SER A 584 26.05 32.12 -61.39
CA SER A 584 26.98 32.90 -62.20
C SER A 584 28.41 32.43 -62.02
N GLU A 585 28.81 32.15 -60.78
CA GLU A 585 30.19 31.80 -60.50
C GLU A 585 30.25 30.91 -59.28
N GLY A 586 31.34 30.17 -59.16
CA GLY A 586 31.56 29.28 -58.03
C GLY A 586 31.14 27.86 -58.33
N GLN A 587 31.24 27.03 -57.29
CA GLN A 587 30.88 25.63 -57.37
C GLN A 587 29.79 25.33 -56.36
N TYR A 588 29.02 24.28 -56.63
CA TYR A 588 27.81 24.00 -55.87
C TYR A 588 28.15 23.24 -54.58
N SER A 589 27.63 23.73 -53.46
CA SER A 589 27.93 23.11 -52.17
C SER A 589 27.39 21.72 -52.06
N GLY A 590 26.18 21.50 -52.55
CA GLY A 590 25.55 20.20 -52.47
C GLY A 590 24.72 20.03 -51.21
N PHE A 591 24.43 18.77 -50.91
CA PHE A 591 23.52 18.46 -49.82
C PHE A 591 24.14 18.81 -48.47
N LYS A 592 23.41 19.57 -47.66
CA LYS A 592 23.82 19.93 -46.28
C LYS A 592 22.67 19.52 -45.37
N SER A 593 22.86 18.47 -44.55
CA SER A 593 21.79 17.95 -43.71
C SER A 593 21.34 19.02 -42.73
N PRO A 594 20.03 19.16 -42.49
CA PRO A 594 19.57 20.20 -41.55
C PRO A 594 20.06 20.01 -40.13
N TYR A 595 20.48 18.80 -39.76
CA TYR A 595 20.96 18.53 -38.41
C TYR A 595 22.41 18.06 -38.44
N SER B 6 12.29 -7.23 -35.05
CA SER B 6 13.74 -7.23 -35.22
C SER B 6 14.41 -6.35 -34.17
N CYS B 7 15.75 -6.30 -34.22
CA CYS B 7 16.50 -5.54 -33.23
C CYS B 7 16.19 -4.05 -33.35
N SER B 8 16.10 -3.53 -34.57
CA SER B 8 15.82 -2.11 -34.75
C SER B 8 14.47 -1.71 -34.22
N ASP B 9 13.53 -2.66 -34.09
CA ASP B 9 12.22 -2.37 -33.54
C ASP B 9 12.20 -2.42 -32.02
N VAL B 10 13.19 -3.07 -31.41
CA VAL B 10 13.25 -3.11 -29.94
C VAL B 10 13.62 -1.75 -29.40
N PHE B 11 14.59 -1.08 -30.02
CA PHE B 11 15.06 0.22 -29.54
C PHE B 11 14.18 1.34 -30.10
N GLN B 12 12.93 1.31 -29.67
CA GLN B 12 11.95 2.31 -30.02
C GLN B 12 11.37 2.93 -28.75
N TYR B 13 10.93 4.18 -28.88
CA TYR B 13 10.22 4.86 -27.81
C TYR B 13 9.01 5.56 -28.42
N GLU B 14 7.82 5.16 -27.99
CA GLU B 14 6.60 5.84 -28.41
C GLU B 14 6.31 6.93 -27.39
N THR B 15 6.18 8.16 -27.87
CA THR B 15 5.76 9.27 -27.05
C THR B 15 4.34 9.64 -27.47
N ASN B 16 3.57 10.11 -26.50
CA ASN B 16 2.19 10.49 -26.76
C ASN B 16 2.13 11.85 -27.43
N LYS B 17 1.34 11.93 -28.51
CA LYS B 17 1.08 13.22 -29.12
C LYS B 17 0.14 14.03 -28.25
N VAL B 18 0.49 15.28 -28.01
CA VAL B 18 -0.22 16.12 -27.06
C VAL B 18 -0.56 17.45 -27.71
N THR B 19 -1.55 18.11 -27.13
CA THR B 19 -1.95 19.46 -27.50
C THR B 19 -1.73 20.36 -26.29
N ARG B 20 -0.85 21.34 -26.42
CA ARG B 20 -0.58 22.30 -25.36
C ARG B 20 -1.53 23.47 -25.49
N ILE B 21 -2.31 23.71 -24.45
CA ILE B 21 -3.32 24.76 -24.43
C ILE B 21 -2.80 25.91 -23.59
N GLN B 22 -2.81 27.11 -24.17
CA GLN B 22 -2.48 28.34 -23.44
C GLN B 22 -3.76 28.88 -22.84
N SER B 23 -4.09 28.39 -21.65
CA SER B 23 -5.30 28.77 -20.94
C SER B 23 -4.96 29.08 -19.50
N MET B 24 -5.38 30.25 -19.02
CA MET B 24 -5.24 30.57 -17.61
C MET B 24 -6.00 29.58 -16.75
N ASN B 25 -7.24 29.30 -17.13
CA ASN B 25 -8.12 28.47 -16.31
C ASN B 25 -7.54 27.08 -16.11
N TYR B 26 -7.16 26.41 -17.20
CA TYR B 26 -6.74 25.02 -17.10
C TYR B 26 -5.35 24.91 -16.50
N GLY B 27 -4.46 25.85 -16.79
CA GLY B 27 -3.17 25.85 -16.13
C GLY B 27 -3.29 26.04 -14.63
N THR B 28 -4.13 27.00 -14.22
CA THR B 28 -4.36 27.22 -12.80
C THR B 28 -4.98 25.99 -12.15
N ILE B 29 -5.94 25.36 -12.82
CA ILE B 29 -6.57 24.15 -12.28
C ILE B 29 -5.53 23.04 -12.12
N LYS B 30 -4.70 22.85 -13.14
CA LYS B 30 -3.69 21.80 -13.08
C LYS B 30 -2.75 22.03 -11.91
N TRP B 31 -2.25 23.26 -11.75
CA TRP B 31 -1.29 23.52 -10.69
C TRP B 31 -1.93 23.49 -9.32
N PHE B 32 -3.18 23.92 -9.21
CA PHE B 32 -3.90 23.81 -7.95
C PHE B 32 -4.08 22.35 -7.55
N PHE B 33 -4.55 21.52 -8.49
CA PHE B 33 -4.64 20.08 -8.23
C PHE B 33 -3.31 19.52 -7.77
N HIS B 34 -2.24 19.83 -8.52
CA HIS B 34 -0.94 19.25 -8.21
C HIS B 34 -0.45 19.68 -6.83
N VAL B 35 -0.61 20.96 -6.50
CA VAL B 35 -0.13 21.44 -5.21
C VAL B 35 -0.94 20.82 -4.08
N ILE B 36 -2.25 20.74 -4.23
CA ILE B 36 -3.08 20.13 -3.19
C ILE B 36 -2.68 18.67 -3.00
N ILE B 37 -2.54 17.93 -4.11
CA ILE B 37 -2.23 16.51 -4.01
C ILE B 37 -0.87 16.30 -3.40
N PHE B 38 0.14 17.06 -3.82
CA PHE B 38 1.48 16.94 -3.26
C PHE B 38 1.48 17.29 -1.77
N SER B 39 0.78 18.36 -1.39
CA SER B 39 0.74 18.75 0.02
C SER B 39 0.09 17.67 0.87
N TYR B 40 -1.03 17.13 0.40
CA TYR B 40 -1.67 16.05 1.15
C TYR B 40 -0.79 14.81 1.20
N VAL B 41 -0.10 14.50 0.11
CA VAL B 41 0.75 13.31 0.08
C VAL B 41 1.88 13.44 1.10
N CYS B 42 2.54 14.61 1.11
CA CYS B 42 3.59 14.84 2.09
C CYS B 42 3.04 14.86 3.51
N PHE B 43 1.88 15.48 3.72
CA PHE B 43 1.29 15.53 5.04
C PHE B 43 0.95 14.13 5.56
N ALA B 44 0.33 13.32 4.72
CA ALA B 44 0.02 11.95 5.12
C ALA B 44 1.29 11.17 5.42
N LEU B 45 2.30 11.30 4.57
CA LEU B 45 3.57 10.63 4.81
C LEU B 45 4.15 11.00 6.17
N VAL B 46 4.20 12.29 6.48
CA VAL B 46 4.83 12.75 7.72
C VAL B 46 3.98 12.36 8.92
N SER B 47 2.69 12.63 8.85
CA SER B 47 1.81 12.40 9.99
C SER B 47 1.74 10.92 10.34
N ASP B 48 1.51 10.06 9.34
CA ASP B 48 1.42 8.63 9.58
C ASP B 48 2.76 7.91 9.46
N LYS B 49 3.83 8.64 9.17
CA LYS B 49 5.16 8.07 9.03
C LYS B 49 5.12 6.80 8.17
N LEU B 50 4.61 6.98 6.96
CA LEU B 50 4.48 5.89 6.01
C LEU B 50 5.79 5.57 5.32
N TYR B 51 6.83 6.37 5.55
CA TYR B 51 8.18 6.04 5.15
C TYR B 51 8.86 5.10 6.12
N GLN B 52 8.21 4.78 7.24
CA GLN B 52 8.80 4.01 8.32
C GLN B 52 8.22 2.61 8.35
N ARG B 53 9.08 1.63 8.61
CA ARG B 53 8.65 0.29 8.98
C ARG B 53 8.50 0.24 10.50
N LYS B 54 7.31 -0.14 10.95
CA LYS B 54 6.98 -0.11 12.37
C LYS B 54 7.02 -1.51 12.96
N GLU B 55 7.66 -1.63 14.12
CA GLU B 55 7.82 -2.87 14.83
C GLU B 55 7.10 -2.79 16.16
N PRO B 56 6.24 -3.75 16.51
CA PRO B 56 5.66 -3.76 17.84
C PRO B 56 6.71 -3.95 18.92
N VAL B 57 6.44 -3.36 20.06
CA VAL B 57 7.38 -3.37 21.19
C VAL B 57 7.34 -4.72 21.88
N ILE B 58 8.52 -5.26 22.19
CA ILE B 58 8.69 -6.41 23.07
C ILE B 58 9.08 -5.87 24.43
N SER B 59 8.24 -6.09 25.43
CA SER B 59 8.40 -5.46 26.73
C SER B 59 8.68 -6.47 27.82
N SER B 60 9.48 -6.04 28.79
CA SER B 60 9.69 -6.75 30.05
C SER B 60 9.52 -5.76 31.19
N VAL B 61 8.71 -6.11 32.17
CA VAL B 61 8.38 -5.23 33.28
C VAL B 61 8.88 -5.85 34.58
N HIS B 62 9.43 -5.00 35.44
CA HIS B 62 9.86 -5.38 36.78
C HIS B 62 9.36 -4.33 37.75
N THR B 63 8.53 -4.75 38.71
CA THR B 63 7.90 -3.85 39.67
C THR B 63 8.50 -4.02 41.04
N LYS B 64 8.57 -2.93 41.78
CA LYS B 64 9.00 -2.90 43.18
C LYS B 64 8.03 -2.04 43.96
N VAL B 65 7.18 -2.67 44.76
CA VAL B 65 6.22 -1.96 45.58
C VAL B 65 6.84 -1.67 46.94
N LYS B 66 6.70 -0.43 47.39
CA LYS B 66 7.26 0.03 48.64
C LYS B 66 6.16 0.62 49.50
N GLY B 67 6.19 0.29 50.77
CA GLY B 67 5.24 0.83 51.74
C GLY B 67 4.86 -0.19 52.79
N ILE B 68 4.62 0.30 54.00
CA ILE B 68 4.14 -0.51 55.10
C ILE B 68 2.83 0.09 55.60
N ALA B 69 1.97 -0.76 56.14
CA ALA B 69 0.68 -0.35 56.64
C ALA B 69 0.49 -0.84 58.06
N GLU B 70 -0.09 0.03 58.89
CA GLU B 70 -0.56 -0.36 60.22
C GLU B 70 -1.99 -0.88 60.08
N VAL B 71 -2.21 -2.11 60.52
CA VAL B 71 -3.49 -2.79 60.37
C VAL B 71 -4.05 -3.04 61.75
N LYS B 72 -5.30 -2.63 61.96
CA LYS B 72 -6.01 -2.81 63.26
C LYS B 72 -7.13 -3.83 63.07
N GLU B 73 -7.08 -4.96 63.79
CA GLU B 73 -8.12 -5.97 63.75
C GLU B 73 -8.62 -6.23 65.16
N GLU B 74 -9.93 -6.34 65.31
CA GLU B 74 -10.53 -6.61 66.62
C GLU B 74 -10.03 -7.96 67.15
N ILE B 75 -9.70 -7.98 68.43
CA ILE B 75 -9.25 -9.21 69.08
C ILE B 75 -9.11 -8.97 70.58
N LEU B 83 -8.64 -5.15 70.52
CA LEU B 83 -8.07 -4.48 69.36
C LEU B 83 -6.55 -4.53 69.39
N VAL B 84 -5.96 -5.04 68.31
CA VAL B 84 -4.51 -5.19 68.20
C VAL B 84 -4.06 -4.53 66.90
N HIS B 85 -2.90 -3.88 66.94
CA HIS B 85 -2.32 -3.21 65.80
C HIS B 85 -1.13 -4.01 65.30
N SER B 86 -1.04 -4.15 63.97
CA SER B 86 0.03 -4.89 63.34
C SER B 86 0.54 -4.11 62.14
N VAL B 87 1.79 -4.37 61.78
CA VAL B 87 2.44 -3.70 60.66
C VAL B 87 2.61 -4.70 59.53
N PHE B 88 2.04 -4.38 58.38
CA PHE B 88 2.12 -5.22 57.18
C PHE B 88 3.21 -4.68 56.26
N ASP B 89 4.06 -5.58 55.78
CA ASP B 89 5.08 -5.24 54.80
C ASP B 89 4.79 -5.97 53.49
N THR B 90 5.67 -5.77 52.52
CA THR B 90 5.49 -6.38 51.20
C THR B 90 5.29 -7.88 51.32
N ALA B 91 6.10 -8.55 52.13
CA ALA B 91 5.95 -9.98 52.35
C ALA B 91 4.55 -10.36 52.78
N ASP B 92 3.76 -9.41 53.26
CA ASP B 92 2.44 -9.67 53.81
C ASP B 92 1.32 -9.31 52.85
N TYR B 93 1.37 -8.13 52.25
CA TYR B 93 0.32 -7.65 51.37
C TYR B 93 0.59 -7.87 49.90
N THR B 94 1.73 -8.44 49.54
CA THR B 94 2.11 -8.67 48.15
C THR B 94 2.31 -10.15 47.93
N PHE B 95 1.73 -10.67 46.84
CA PHE B 95 1.83 -12.07 46.48
C PHE B 95 2.63 -12.18 45.19
N PRO B 96 3.93 -12.52 45.23
CA PRO B 96 4.72 -12.46 44.00
C PRO B 96 4.09 -13.29 42.89
N LEU B 97 3.57 -12.61 41.87
CA LEU B 97 2.75 -13.23 40.84
C LEU B 97 3.33 -13.08 39.44
N GLN B 98 3.64 -11.86 39.01
CA GLN B 98 4.03 -11.61 37.64
C GLN B 98 4.81 -10.30 37.58
N GLY B 99 5.28 -9.96 36.38
CA GLY B 99 5.97 -8.71 36.14
C GLY B 99 5.07 -7.68 35.51
N ASN B 100 4.22 -8.11 34.58
CA ASN B 100 3.25 -7.22 33.95
C ASN B 100 2.01 -7.02 34.81
N SER B 101 2.02 -7.56 36.03
CA SER B 101 0.95 -7.33 36.98
C SER B 101 1.51 -7.42 38.38
N PHE B 102 1.02 -6.58 39.27
CA PHE B 102 1.28 -6.72 40.69
C PHE B 102 -0.01 -6.50 41.46
N PHE B 103 -0.07 -7.12 42.63
CA PHE B 103 -1.26 -7.11 43.47
C PHE B 103 -0.91 -6.53 44.83
N VAL B 104 -1.79 -5.66 45.33
CA VAL B 104 -1.66 -5.10 46.67
C VAL B 104 -2.92 -5.45 47.43
N MET B 105 -2.76 -6.22 48.50
CA MET B 105 -3.87 -6.48 49.40
C MET B 105 -4.29 -5.20 50.09
N THR B 106 -5.60 -4.97 50.11
CA THR B 106 -6.19 -3.81 50.74
C THR B 106 -7.16 -4.16 51.85
N ASN B 107 -7.60 -5.40 51.92
CA ASN B 107 -8.57 -5.87 52.90
C ASN B 107 -8.45 -7.37 53.00
N PHE B 108 -8.94 -7.92 54.10
CA PHE B 108 -8.94 -9.35 54.26
C PHE B 108 -9.93 -9.75 55.33
N LEU B 109 -10.42 -10.97 55.21
CA LEU B 109 -11.19 -11.65 56.24
C LEU B 109 -10.49 -12.95 56.56
N LYS B 110 -10.26 -13.19 57.84
CA LYS B 110 -9.50 -14.34 58.30
C LYS B 110 -10.42 -15.36 58.95
N THR B 111 -10.29 -16.61 58.54
CA THR B 111 -10.96 -17.75 59.16
C THR B 111 -9.88 -18.71 59.64
N GLU B 112 -9.69 -18.77 60.95
CA GLU B 112 -8.57 -19.48 61.54
C GLU B 112 -8.99 -20.85 62.05
N GLY B 113 -8.02 -21.77 62.04
CA GLY B 113 -8.23 -23.10 62.61
C GLY B 113 -9.25 -23.93 61.89
N GLN B 114 -9.31 -23.82 60.56
CA GLN B 114 -10.20 -24.67 59.79
C GLN B 114 -9.70 -26.10 59.76
N GLU B 115 -10.64 -27.04 59.73
CA GLU B 115 -10.31 -28.46 59.69
C GLU B 115 -11.27 -29.18 58.75
N GLN B 116 -10.79 -30.27 58.17
CA GLN B 116 -11.63 -31.10 57.31
C GLN B 116 -12.46 -32.01 58.19
N ARG B 117 -13.71 -31.62 58.42
CA ARG B 117 -14.60 -32.38 59.29
C ARG B 117 -16.03 -32.22 58.78
N LEU B 118 -16.97 -32.59 59.64
CA LEU B 118 -18.38 -32.33 59.45
C LEU B 118 -18.77 -31.17 60.37
N CYS B 119 -19.45 -30.18 59.82
CA CYS B 119 -19.75 -28.97 60.56
C CYS B 119 -21.12 -28.46 60.17
N PRO B 120 -21.76 -27.69 61.05
CA PRO B 120 -23.00 -27.00 60.65
C PRO B 120 -22.69 -25.89 59.66
N GLU B 121 -23.37 -25.91 58.53
CA GLU B 121 -23.19 -24.87 57.54
C GLU B 121 -23.67 -23.53 58.09
N TYR B 122 -23.08 -22.45 57.58
CA TYR B 122 -23.41 -21.14 58.10
C TYR B 122 -24.87 -20.82 57.78
N PRO B 123 -25.60 -20.18 58.71
CA PRO B 123 -27.02 -19.92 58.47
C PRO B 123 -27.25 -19.04 57.25
N THR B 124 -28.00 -19.58 56.29
CA THR B 124 -28.53 -18.82 55.18
C THR B 124 -29.90 -19.36 54.83
N ARG B 125 -30.63 -18.63 53.99
CA ARG B 125 -31.96 -19.07 53.59
C ARG B 125 -31.89 -20.42 52.88
N ARG B 126 -30.91 -20.59 51.98
CA ARG B 126 -30.72 -21.87 51.32
C ARG B 126 -30.27 -22.96 52.27
N THR B 127 -29.70 -22.59 53.43
CA THR B 127 -29.10 -23.54 54.34
C THR B 127 -30.00 -23.89 55.52
N LEU B 128 -30.59 -22.90 56.16
CA LEU B 128 -31.38 -23.12 57.36
C LEU B 128 -32.45 -24.17 57.11
N CYS B 129 -32.35 -25.27 57.87
CA CYS B 129 -33.27 -26.42 57.78
C CYS B 129 -34.01 -26.58 59.10
N SER B 130 -35.22 -27.14 59.09
CA SER B 130 -35.95 -27.49 60.29
C SER B 130 -35.76 -28.96 60.68
N SER B 131 -35.75 -29.85 59.69
CA SER B 131 -35.50 -31.27 59.91
C SER B 131 -34.55 -31.76 58.84
N ASP B 132 -34.26 -33.06 58.87
CA ASP B 132 -33.34 -33.65 57.90
C ASP B 132 -33.92 -33.72 56.49
N ARG B 133 -35.21 -33.44 56.32
CA ARG B 133 -35.81 -33.44 55.00
C ARG B 133 -35.41 -32.24 54.17
N GLY B 134 -34.83 -31.21 54.77
CA GLY B 134 -34.44 -30.01 54.06
C GLY B 134 -33.00 -30.05 53.57
N CYS B 135 -32.42 -31.24 53.51
CA CYS B 135 -31.04 -31.39 53.08
C CYS B 135 -30.86 -32.76 52.45
N LYS B 136 -30.23 -32.79 51.28
CA LYS B 136 -30.03 -34.03 50.53
C LYS B 136 -28.59 -34.50 50.70
N LYS B 137 -28.42 -35.78 51.03
CA LYS B 137 -27.08 -36.34 51.18
C LYS B 137 -26.31 -36.20 49.88
N GLY B 138 -25.07 -35.72 50.00
CA GLY B 138 -24.20 -35.57 48.85
C GLY B 138 -24.50 -34.39 47.97
N TRP B 139 -25.45 -33.53 48.35
CA TRP B 139 -25.78 -32.37 47.53
C TRP B 139 -24.61 -31.38 47.51
N MET B 140 -24.26 -30.93 46.31
CA MET B 140 -23.16 -29.99 46.11
C MET B 140 -23.76 -28.71 45.54
N ASP B 141 -24.16 -27.81 46.43
CA ASP B 141 -24.73 -26.55 45.97
C ASP B 141 -23.63 -25.64 45.42
N PRO B 142 -23.91 -24.87 44.37
CA PRO B 142 -22.91 -23.92 43.89
C PRO B 142 -22.51 -22.88 44.92
N GLN B 143 -23.38 -22.58 45.87
CA GLN B 143 -23.14 -21.53 46.85
C GLN B 143 -22.50 -22.04 48.13
N SER B 144 -22.17 -23.33 48.20
CA SER B 144 -21.55 -23.94 49.37
C SER B 144 -20.11 -24.33 49.06
N LYS B 145 -19.27 -24.27 50.10
CA LYS B 145 -17.94 -24.86 50.07
C LYS B 145 -17.94 -26.24 50.72
N GLY B 146 -19.09 -26.90 50.77
CA GLY B 146 -19.19 -28.20 51.37
C GLY B 146 -20.18 -29.08 50.63
N ILE B 147 -20.19 -30.35 51.02
CA ILE B 147 -21.05 -31.36 50.42
C ILE B 147 -21.99 -31.87 51.49
N GLN B 148 -23.29 -31.78 51.22
CA GLN B 148 -24.29 -32.06 52.24
C GLN B 148 -24.19 -33.51 52.71
N THR B 149 -24.45 -33.72 54.00
CA THR B 149 -24.45 -35.05 54.59
C THR B 149 -25.85 -35.59 54.82
N GLY B 150 -26.88 -34.75 54.66
CA GLY B 150 -28.26 -35.19 54.69
C GLY B 150 -29.02 -34.86 55.96
N ARG B 151 -28.33 -34.43 57.02
CA ARG B 151 -28.97 -34.19 58.31
C ARG B 151 -28.75 -32.76 58.78
N CYS B 152 -29.82 -32.17 59.31
CA CYS B 152 -29.76 -30.86 59.93
C CYS B 152 -29.04 -30.93 61.28
N VAL B 153 -28.50 -29.79 61.70
CA VAL B 153 -27.73 -29.69 62.93
C VAL B 153 -27.86 -28.28 63.49
N VAL B 154 -27.52 -28.14 64.76
CA VAL B 154 -27.65 -26.85 65.46
C VAL B 154 -26.38 -26.04 65.22
N TYR B 155 -26.51 -24.95 64.47
CA TYR B 155 -25.41 -24.00 64.36
C TYR B 155 -25.21 -23.27 65.69
N GLU B 156 -26.29 -22.78 66.27
CA GLU B 156 -26.25 -22.15 67.58
C GLU B 156 -27.67 -22.02 68.13
N GLY B 157 -27.91 -22.56 69.32
CA GLY B 157 -29.22 -22.50 69.93
C GLY B 157 -30.34 -22.92 69.02
N ASN B 158 -31.27 -22.00 68.74
CA ASN B 158 -32.43 -22.34 67.92
C ASN B 158 -32.04 -22.60 66.47
N GLN B 159 -30.98 -21.97 65.99
CA GLN B 159 -30.60 -22.09 64.59
C GLN B 159 -30.30 -23.54 64.23
N LYS B 160 -30.89 -24.01 63.14
CA LYS B 160 -30.71 -25.37 62.64
C LYS B 160 -30.22 -25.30 61.20
N THR B 161 -29.00 -25.77 60.96
CA THR B 161 -28.37 -25.69 59.65
C THR B 161 -28.03 -27.10 59.16
N CYS B 162 -27.93 -27.21 57.84
CA CYS B 162 -27.61 -28.48 57.22
C CYS B 162 -26.13 -28.81 57.43
N GLU B 163 -25.85 -29.94 58.10
CA GLU B 163 -24.45 -30.39 58.30
C GLU B 163 -23.83 -30.59 56.92
N VAL B 164 -22.54 -30.32 56.77
CA VAL B 164 -21.85 -30.42 55.46
C VAL B 164 -20.39 -30.84 55.68
N SER B 165 -19.88 -31.76 54.86
CA SER B 165 -18.46 -32.08 54.87
C SER B 165 -17.74 -30.95 54.15
N ALA B 166 -16.76 -30.35 54.82
CA ALA B 166 -16.04 -29.21 54.26
C ALA B 166 -14.86 -28.90 55.18
N TRP B 167 -14.17 -27.82 54.88
CA TRP B 167 -13.20 -27.23 55.81
C TRP B 167 -13.96 -26.47 56.88
N CYS B 168 -13.74 -26.84 58.14
CA CYS B 168 -14.56 -26.33 59.22
C CYS B 168 -13.70 -25.74 60.32
N PRO B 169 -14.15 -24.66 60.99
CA PRO B 169 -15.43 -23.97 60.84
C PRO B 169 -15.64 -23.26 59.51
N ILE B 170 -16.87 -23.35 59.00
CA ILE B 170 -17.21 -22.73 57.72
C ILE B 170 -17.03 -21.23 57.83
N GLU B 171 -16.71 -20.60 56.70
CA GLU B 171 -16.54 -19.16 56.66
C GLU B 171 -17.84 -18.45 56.99
N ALA B 172 -17.75 -17.40 57.80
CA ALA B 172 -18.88 -16.53 58.04
C ALA B 172 -19.19 -15.70 56.80
N VAL B 173 -20.49 -15.57 56.50
CA VAL B 173 -20.96 -14.72 55.42
C VAL B 173 -20.91 -13.28 55.96
N GLU B 174 -19.87 -12.54 55.60
CA GLU B 174 -19.67 -11.18 56.07
C GLU B 174 -19.13 -10.35 54.94
N GLU B 175 -19.58 -9.10 54.85
CA GLU B 175 -19.03 -8.23 53.83
C GLU B 175 -17.59 -7.91 54.16
N ALA B 176 -16.90 -7.30 53.21
CA ALA B 176 -15.53 -6.93 53.47
C ALA B 176 -15.50 -5.82 54.51
N PRO B 177 -14.46 -5.76 55.33
CA PRO B 177 -14.38 -4.72 56.34
C PRO B 177 -14.47 -3.33 55.76
N ARG B 178 -15.15 -2.45 56.49
CA ARG B 178 -15.26 -1.04 56.13
C ARG B 178 -14.91 -0.23 57.38
N PRO B 179 -13.86 0.59 57.35
CA PRO B 179 -12.93 0.84 56.26
C PRO B 179 -11.95 -0.30 55.99
N ALA B 180 -11.35 -0.29 54.81
CA ALA B 180 -10.39 -1.31 54.45
C ALA B 180 -9.20 -1.29 55.41
N LEU B 181 -8.73 -2.48 55.76
CA LEU B 181 -7.68 -2.62 56.76
C LEU B 181 -6.35 -2.07 56.28
N LEU B 182 -6.11 -2.11 54.97
CA LEU B 182 -4.90 -1.55 54.41
C LEU B 182 -5.25 -0.35 53.54
N ASN B 183 -6.11 0.52 54.09
CA ASN B 183 -6.46 1.76 53.42
C ASN B 183 -5.24 2.63 53.20
N SER B 184 -4.23 2.49 54.06
CA SER B 184 -2.97 3.21 53.92
C SER B 184 -2.19 2.79 52.68
N ALA B 185 -2.72 1.85 51.91
CA ALA B 185 -2.05 1.41 50.70
C ALA B 185 -2.06 2.46 49.60
N GLU B 186 -2.90 3.48 49.70
CA GLU B 186 -2.86 4.54 48.70
C GLU B 186 -1.58 5.35 48.80
N ASN B 187 -0.91 5.25 49.94
CA ASN B 187 0.36 5.95 50.18
C ASN B 187 1.51 5.05 49.71
N PHE B 188 1.26 3.78 49.35
CA PHE B 188 2.31 2.93 48.82
C PHE B 188 2.81 3.44 47.49
N THR B 189 4.05 3.11 47.19
CA THR B 189 4.69 3.49 45.94
C THR B 189 5.16 2.24 45.22
N VAL B 190 5.02 2.26 43.89
CA VAL B 190 5.55 1.23 43.03
C VAL B 190 6.53 1.86 42.06
N LEU B 191 7.70 1.27 41.94
CA LEU B 191 8.66 1.61 40.91
C LEU B 191 8.53 0.61 39.78
N ILE B 192 8.31 1.10 38.57
CA ILE B 192 8.15 0.27 37.39
C ILE B 192 9.37 0.42 36.51
N LYS B 193 10.05 -0.69 36.26
CA LYS B 193 11.15 -0.75 35.33
C LYS B 193 10.66 -1.48 34.08
N ASN B 194 10.69 -0.79 32.95
CA ASN B 194 10.18 -1.32 31.69
C ASN B 194 11.33 -1.34 30.70
N ASN B 195 11.71 -2.54 30.28
CA ASN B 195 12.69 -2.73 29.22
C ASN B 195 11.94 -3.10 27.96
N ILE B 196 12.27 -2.42 26.86
CA ILE B 196 11.62 -2.68 25.59
C ILE B 196 12.69 -2.92 24.52
N ASP B 197 12.26 -3.64 23.49
CA ASP B 197 13.13 -4.00 22.39
C ASP B 197 12.35 -3.95 21.08
N PHE B 198 13.06 -3.63 20.01
CA PHE B 198 12.57 -3.77 18.64
C PHE B 198 13.58 -4.67 17.93
N PRO B 199 13.36 -6.00 17.96
CA PRO B 199 14.40 -6.91 17.46
C PRO B 199 14.71 -6.73 15.98
N GLY B 200 13.70 -6.44 15.16
CA GLY B 200 13.96 -6.17 13.76
C GLY B 200 14.85 -4.96 13.57
N HIS B 201 14.55 -3.88 14.26
CA HIS B 201 15.38 -2.69 14.23
C HIS B 201 16.61 -2.81 15.11
N ASN B 202 16.72 -3.86 15.91
CA ASN B 202 17.88 -4.08 16.81
C ASN B 202 18.03 -2.82 17.67
N TYR B 203 16.98 -2.43 18.37
CA TYR B 203 17.01 -1.32 19.30
C TYR B 203 16.36 -1.76 20.61
N THR B 204 17.04 -1.46 21.72
CA THR B 204 16.47 -1.65 23.03
C THR B 204 16.78 -0.43 23.88
N THR B 205 15.79 0.03 24.61
CA THR B 205 15.94 1.09 25.59
C THR B 205 15.16 0.69 26.83
N ARG B 206 15.24 1.54 27.84
CA ARG B 206 14.50 1.33 29.07
C ARG B 206 13.97 2.67 29.57
N ASN B 207 12.95 2.59 30.41
CA ASN B 207 12.23 3.76 30.85
C ASN B 207 13.00 4.60 31.87
N ILE B 208 13.98 4.02 32.54
CA ILE B 208 14.83 4.74 33.49
C ILE B 208 16.15 4.98 32.80
N LEU B 209 16.45 6.24 32.54
CA LEU B 209 17.70 6.62 31.92
C LEU B 209 18.65 7.19 32.96
N PRO B 210 19.96 7.18 32.67
CA PRO B 210 20.92 7.75 33.62
C PRO B 210 20.67 9.23 33.84
N GLY B 211 20.57 9.61 35.11
CA GLY B 211 20.32 10.97 35.49
C GLY B 211 18.89 11.26 35.89
N LEU B 212 17.97 10.36 35.57
CA LEU B 212 16.59 10.51 36.01
C LEU B 212 16.57 10.60 37.53
N ASN B 213 15.85 11.61 38.05
CA ASN B 213 15.66 11.85 39.51
C ASN B 213 14.93 10.65 40.12
N ILE B 214 15.43 10.06 41.19
CA ILE B 214 14.90 8.84 41.77
C ILE B 214 14.08 9.08 43.02
N THR B 215 14.08 10.31 43.54
CA THR B 215 13.30 10.63 44.73
C THR B 215 12.03 11.39 44.40
N CYS B 216 11.57 11.30 43.15
CA CYS B 216 10.33 11.91 42.72
C CYS B 216 9.19 10.91 42.74
N THR B 217 7.99 11.41 42.49
CA THR B 217 6.84 10.60 42.16
C THR B 217 6.21 11.14 40.89
N PHE B 218 5.58 10.26 40.14
CA PHE B 218 5.01 10.62 38.86
C PHE B 218 3.97 11.72 39.00
N HIS B 219 4.04 12.68 38.09
CA HIS B 219 2.98 13.64 37.84
C HIS B 219 2.92 13.88 36.34
N LYS B 220 1.71 13.94 35.79
CA LYS B 220 1.56 13.96 34.35
C LYS B 220 2.16 15.21 33.71
N THR B 221 2.34 16.28 34.48
CA THR B 221 2.95 17.50 33.96
C THR B 221 4.29 17.83 34.61
N GLN B 222 4.39 17.69 35.93
CA GLN B 222 5.62 18.04 36.63
C GLN B 222 6.70 16.98 36.44
N ASN B 223 6.38 15.71 36.69
CA ASN B 223 7.32 14.60 36.60
C ASN B 223 6.69 13.48 35.79
N PRO B 224 6.48 13.69 34.49
CA PRO B 224 5.86 12.66 33.66
C PRO B 224 6.80 11.53 33.26
N GLN B 225 8.03 11.54 33.74
CA GLN B 225 8.99 10.50 33.45
C GLN B 225 9.49 9.79 34.70
N CYS B 226 9.03 10.16 35.88
CA CYS B 226 9.37 9.43 37.08
C CYS B 226 8.62 8.11 37.06
N PRO B 227 9.30 6.97 37.14
CA PRO B 227 8.59 5.70 37.05
C PRO B 227 8.12 5.20 38.41
N ILE B 228 8.08 6.09 39.38
CA ILE B 228 7.61 5.78 40.73
C ILE B 228 6.22 6.37 40.87
N PHE B 229 5.26 5.52 41.23
CA PHE B 229 3.86 5.86 41.24
C PHE B 229 3.25 5.64 42.61
N ARG B 230 2.63 6.68 43.15
CA ARG B 230 1.73 6.54 44.28
C ARG B 230 0.39 6.02 43.78
N LEU B 231 -0.11 4.98 44.44
CA LEU B 231 -1.33 4.33 43.98
C LEU B 231 -2.53 5.24 44.08
N GLY B 232 -2.64 5.99 45.18
CA GLY B 232 -3.71 6.95 45.30
C GLY B 232 -3.70 7.97 44.19
N ASP B 233 -2.52 8.40 43.76
CA ASP B 233 -2.42 9.33 42.65
C ASP B 233 -2.92 8.71 41.35
N ILE B 234 -2.66 7.42 41.16
CA ILE B 234 -3.21 6.72 40.00
C ILE B 234 -4.72 6.78 40.03
N PHE B 235 -5.31 6.50 41.19
CA PHE B 235 -6.76 6.50 41.30
C PHE B 235 -7.34 7.90 41.12
N ARG B 236 -6.64 8.93 41.62
CA ARG B 236 -7.08 10.29 41.38
C ARG B 236 -7.08 10.62 39.89
N GLU B 237 -6.01 10.22 39.20
CA GLU B 237 -5.97 10.38 37.75
C GLU B 237 -7.19 9.77 37.11
N THR B 238 -7.47 8.50 37.44
CA THR B 238 -8.63 7.83 36.87
C THR B 238 -9.96 8.38 37.37
N GLY B 239 -9.95 9.22 38.41
CA GLY B 239 -11.17 9.67 39.02
C GLY B 239 -11.81 8.67 39.94
N ASP B 240 -11.15 7.55 40.21
CA ASP B 240 -11.65 6.54 41.12
C ASP B 240 -11.15 6.82 42.53
N ASN B 241 -11.94 6.39 43.52
CA ASN B 241 -11.66 6.60 44.96
C ASN B 241 -10.97 5.37 45.54
N PHE B 242 -9.73 5.49 46.02
CA PHE B 242 -8.97 4.36 46.53
C PHE B 242 -9.64 3.71 47.74
N SER B 243 -10.23 4.53 48.60
CA SER B 243 -10.84 4.01 49.81
C SER B 243 -11.99 3.04 49.50
N ASP B 244 -12.79 3.40 48.49
CA ASP B 244 -13.95 2.58 48.09
C ASP B 244 -13.44 1.29 47.46
N VAL B 245 -12.53 1.35 46.50
CA VAL B 245 -12.03 0.19 45.76
C VAL B 245 -11.25 -0.74 46.68
N ALA B 246 -10.61 -0.19 47.69
CA ALA B 246 -9.82 -0.98 48.63
C ALA B 246 -10.69 -1.98 49.39
N ILE B 247 -11.96 -1.64 49.62
CA ILE B 247 -12.82 -2.51 50.41
C ILE B 247 -13.03 -3.85 49.71
N GLN B 248 -13.58 -3.82 48.49
CA GLN B 248 -13.87 -5.02 47.76
C GLN B 248 -12.83 -5.34 46.68
N GLY B 249 -11.99 -4.38 46.33
CA GLY B 249 -10.91 -4.59 45.39
C GLY B 249 -11.26 -4.16 43.98
N GLY B 250 -10.31 -4.39 43.09
CA GLY B 250 -10.46 -4.01 41.71
C GLY B 250 -9.19 -4.27 40.93
N ILE B 251 -9.21 -3.81 39.69
CA ILE B 251 -8.08 -3.93 38.79
C ILE B 251 -7.83 -2.57 38.15
N MET B 252 -6.60 -2.09 38.25
CA MET B 252 -6.19 -0.85 37.62
C MET B 252 -5.13 -1.15 36.57
N GLY B 253 -5.18 -0.40 35.48
CA GLY B 253 -4.21 -0.51 34.41
C GLY B 253 -3.25 0.67 34.42
N ILE B 254 -1.97 0.35 34.36
CA ILE B 254 -0.92 1.32 34.14
C ILE B 254 -0.43 1.11 32.72
N GLU B 255 -0.87 1.98 31.82
CA GLU B 255 -0.52 1.87 30.41
C GLU B 255 0.79 2.60 30.16
N ILE B 256 1.73 1.91 29.53
CA ILE B 256 2.98 2.50 29.09
C ILE B 256 2.97 2.44 27.58
N TYR B 257 2.92 3.61 26.95
CA TYR B 257 2.88 3.73 25.51
C TYR B 257 4.24 4.16 25.00
N TRP B 258 4.71 3.48 23.96
CA TRP B 258 5.98 3.77 23.33
C TRP B 258 5.73 4.16 21.89
N ASP B 259 5.72 5.46 21.61
CA ASP B 259 5.79 5.99 20.25
C ASP B 259 7.26 6.34 20.03
N CYS B 260 7.98 5.43 19.36
CA CYS B 260 9.43 5.49 19.27
C CYS B 260 9.82 5.67 17.81
N ASN B 261 10.54 6.75 17.53
CA ASN B 261 11.15 6.99 16.23
C ASN B 261 12.63 6.68 16.35
N LEU B 262 13.10 5.71 15.56
CA LEU B 262 14.46 5.24 15.64
C LEU B 262 15.32 5.80 14.52
N ASP B 263 14.83 6.82 13.82
CA ASP B 263 15.66 7.60 12.92
C ASP B 263 16.56 8.50 13.75
N ARG B 264 17.87 8.40 13.53
CA ARG B 264 18.83 9.02 14.45
C ARG B 264 18.67 10.53 14.50
N TRP B 265 18.35 11.16 13.37
CA TRP B 265 18.19 12.61 13.36
C TRP B 265 16.95 13.03 14.14
N PHE B 266 15.88 12.26 14.04
CA PHE B 266 14.61 12.54 14.70
C PHE B 266 14.30 11.49 15.75
N HIS B 267 15.34 11.07 16.47
CA HIS B 267 15.21 9.95 17.40
C HIS B 267 14.53 10.40 18.68
N HIS B 268 13.52 9.62 19.09
CA HIS B 268 12.89 9.80 20.39
C HIS B 268 12.26 8.47 20.76
N CYS B 269 12.61 7.95 21.92
CA CYS B 269 11.98 6.73 22.44
C CYS B 269 11.84 6.89 23.94
N ARG B 270 10.71 7.44 24.36
CA ARG B 270 10.36 7.61 25.75
C ARG B 270 8.94 7.12 25.98
N PRO B 271 8.61 6.69 27.20
CA PRO B 271 7.26 6.24 27.48
C PRO B 271 6.32 7.34 27.93
N LYS B 272 5.06 7.16 27.56
CA LYS B 272 3.95 7.95 28.05
C LYS B 272 3.12 7.08 28.98
N TYR B 273 2.91 7.55 30.21
CA TYR B 273 2.21 6.81 31.23
C TYR B 273 0.78 7.31 31.34
N SER B 274 -0.17 6.37 31.31
CA SER B 274 -1.58 6.65 31.50
C SER B 274 -2.17 5.57 32.39
N PHE B 275 -3.35 5.87 32.92
CA PHE B 275 -3.99 5.02 33.91
C PHE B 275 -5.42 4.76 33.52
N ARG B 276 -5.85 3.52 33.70
CA ARG B 276 -7.18 3.08 33.29
C ARG B 276 -7.65 1.99 34.23
N ARG B 277 -8.78 2.20 34.88
CA ARG B 277 -9.42 1.14 35.63
C ARG B 277 -9.92 0.05 34.69
N LEU B 278 -9.66 -1.20 35.06
CA LEU B 278 -9.92 -2.34 34.19
C LEU B 278 -11.04 -3.24 34.68
N ASP B 279 -11.43 -3.13 35.94
CA ASP B 279 -12.56 -3.89 36.45
C ASP B 279 -13.84 -3.09 36.27
N ASP B 280 -14.92 -3.80 35.95
CA ASP B 280 -16.21 -3.13 35.82
C ASP B 280 -16.66 -2.58 37.16
N LYS B 281 -17.20 -1.36 37.18
CA LYS B 281 -17.67 -0.71 38.43
C LYS B 281 -19.10 -1.21 38.68
N THR B 282 -19.29 -2.52 38.79
CA THR B 282 -20.58 -3.17 38.96
C THR B 282 -20.84 -3.51 40.43
N THR B 283 -22.12 -3.60 40.77
CA THR B 283 -22.55 -4.05 42.08
C THR B 283 -23.33 -5.35 42.02
N ASN B 284 -23.28 -6.05 40.89
CA ASN B 284 -24.02 -7.29 40.71
C ASN B 284 -23.25 -8.44 41.35
N VAL B 285 -23.77 -8.94 42.48
CA VAL B 285 -23.06 -9.96 43.24
C VAL B 285 -22.89 -11.23 42.41
N SER B 286 -23.82 -11.49 41.49
CA SER B 286 -23.68 -12.65 40.61
C SER B 286 -22.40 -12.57 39.79
N LEU B 287 -21.93 -11.36 39.51
CA LEU B 287 -20.75 -11.15 38.69
C LEU B 287 -19.46 -11.09 39.51
N TYR B 288 -19.53 -11.26 40.82
CA TYR B 288 -18.34 -11.32 41.63
C TYR B 288 -17.59 -10.00 41.50
N PRO B 289 -18.18 -8.91 42.01
CA PRO B 289 -17.55 -7.60 41.84
C PRO B 289 -16.27 -7.46 42.66
N GLY B 290 -15.41 -6.58 42.18
CA GLY B 290 -14.15 -6.32 42.84
C GLY B 290 -13.03 -7.23 42.39
N TYR B 291 -12.17 -7.58 43.34
CA TYR B 291 -11.09 -8.53 43.10
C TYR B 291 -10.74 -9.14 44.44
N ASN B 292 -11.05 -10.42 44.61
CA ASN B 292 -10.73 -11.15 45.81
C ASN B 292 -10.37 -12.58 45.44
N PHE B 293 -9.64 -13.22 46.34
CA PHE B 293 -9.36 -14.63 46.22
C PHE B 293 -9.18 -15.20 47.62
N ARG B 294 -9.53 -16.47 47.79
CA ARG B 294 -9.39 -17.15 49.09
C ARG B 294 -8.03 -17.83 49.09
N TYR B 295 -7.11 -17.42 49.96
CA TYR B 295 -5.74 -17.95 50.06
C TYR B 295 -5.60 -18.63 51.42
N ALA B 296 -5.18 -19.90 51.47
CA ALA B 296 -5.11 -20.66 52.74
C ALA B 296 -3.70 -20.86 53.28
N LYS B 297 -3.43 -20.50 54.53
CA LYS B 297 -2.20 -20.83 55.23
C LYS B 297 -2.39 -22.16 55.94
N TYR B 298 -1.48 -23.10 55.70
CA TYR B 298 -1.55 -24.43 56.27
C TYR B 298 -0.50 -24.56 57.36
N TYR B 299 -0.91 -25.16 58.48
CA TYR B 299 -0.02 -25.36 59.61
C TYR B 299 -0.45 -26.62 60.35
N LYS B 300 0.51 -27.36 60.88
CA LYS B 300 0.26 -28.59 61.59
C LYS B 300 0.26 -28.30 63.09
N GLU B 301 -0.94 -28.33 63.69
CA GLU B 301 -1.12 -28.08 65.14
C GLU B 301 -1.94 -29.24 65.71
N ASN B 302 -1.46 -29.91 66.77
CA ASN B 302 -2.11 -31.07 67.36
C ASN B 302 -1.98 -32.30 66.48
N ASN B 303 -0.91 -32.36 65.68
CA ASN B 303 -0.72 -33.44 64.72
C ASN B 303 -1.88 -33.54 63.75
N VAL B 304 -2.42 -32.38 63.35
CA VAL B 304 -3.50 -32.30 62.38
C VAL B 304 -3.19 -31.19 61.40
N GLU B 305 -3.52 -31.41 60.13
CA GLU B 305 -3.38 -30.37 59.12
C GLU B 305 -4.52 -29.37 59.30
N LYS B 306 -4.15 -28.12 59.52
CA LYS B 306 -5.10 -27.03 59.75
C LYS B 306 -5.02 -26.04 58.59
N ARG B 307 -5.87 -25.03 58.66
CA ARG B 307 -5.97 -24.03 57.61
C ARG B 307 -6.44 -22.72 58.22
N THR B 308 -5.67 -21.67 58.03
CA THR B 308 -6.14 -20.31 58.20
C THR B 308 -6.54 -19.81 56.82
N LEU B 309 -7.83 -19.68 56.60
CA LEU B 309 -8.34 -19.20 55.33
C LEU B 309 -8.50 -17.69 55.36
N ILE B 310 -7.89 -17.02 54.39
CA ILE B 310 -7.97 -15.57 54.26
C ILE B 310 -8.66 -15.28 52.94
N LYS B 311 -9.76 -14.53 53.00
CA LYS B 311 -10.35 -13.94 51.80
C LYS B 311 -9.63 -12.63 51.54
N VAL B 312 -8.81 -12.63 50.50
CA VAL B 312 -7.91 -11.51 50.23
C VAL B 312 -8.60 -10.57 49.25
N PHE B 313 -8.84 -9.34 49.68
CA PHE B 313 -9.30 -8.28 48.80
C PHE B 313 -8.13 -7.37 48.48
N GLY B 314 -8.12 -6.85 47.27
CA GLY B 314 -7.08 -5.93 46.90
C GLY B 314 -7.22 -5.49 45.46
N ILE B 315 -6.23 -4.73 45.04
CA ILE B 315 -6.21 -4.14 43.71
C ILE B 315 -5.06 -4.77 42.94
N ARG B 316 -5.39 -5.40 41.83
CA ARG B 316 -4.41 -5.88 40.87
C ARG B 316 -4.09 -4.76 39.90
N PHE B 317 -2.81 -4.47 39.75
CA PHE B 317 -2.35 -3.45 38.82
C PHE B 317 -1.75 -4.14 37.61
N ASP B 318 -2.42 -4.02 36.48
CA ASP B 318 -1.94 -4.59 35.23
C ASP B 318 -1.10 -3.55 34.51
N ILE B 319 0.14 -3.92 34.19
CA ILE B 319 1.05 -3.04 33.47
C ILE B 319 0.90 -3.34 31.99
N LEU B 320 0.26 -2.44 31.27
CA LEU B 320 -0.05 -2.62 29.86
C LEU B 320 0.96 -1.81 29.05
N VAL B 321 1.82 -2.51 28.32
CA VAL B 321 2.88 -1.87 27.55
C VAL B 321 2.64 -2.17 26.09
N PHE B 322 2.53 -1.12 25.29
CA PHE B 322 2.23 -1.21 23.88
C PHE B 322 2.95 -0.08 23.17
N GLY B 323 3.11 -0.24 21.87
CA GLY B 323 3.73 0.80 21.07
C GLY B 323 4.46 0.20 19.89
N THR B 324 5.02 1.11 19.10
CA THR B 324 5.69 0.77 17.86
C THR B 324 7.03 1.51 17.77
N GLY B 325 7.95 0.91 17.05
CA GLY B 325 9.21 1.55 16.73
C GLY B 325 9.38 1.65 15.23
N GLY B 326 9.58 2.87 14.74
CA GLY B 326 9.69 3.13 13.32
C GLY B 326 11.11 3.55 12.96
N LYS B 327 11.60 2.97 11.87
CA LYS B 327 12.83 3.40 11.23
C LYS B 327 12.57 3.44 9.73
N PHE B 328 13.23 4.38 9.07
CA PHE B 328 13.02 4.58 7.64
C PHE B 328 13.29 3.30 6.87
N ASP B 329 12.36 2.96 5.98
CA ASP B 329 12.48 1.82 5.08
C ASP B 329 12.25 2.30 3.67
N ILE B 330 13.18 1.96 2.77
CA ILE B 330 13.08 2.40 1.39
C ILE B 330 11.86 1.79 0.71
N ILE B 331 11.61 0.51 0.97
CA ILE B 331 10.52 -0.19 0.30
C ILE B 331 9.17 0.42 0.66
N GLN B 332 8.98 0.77 1.94
CA GLN B 332 7.72 1.37 2.36
C GLN B 332 7.49 2.71 1.66
N LEU B 333 8.53 3.54 1.59
CA LEU B 333 8.41 4.82 0.90
C LEU B 333 8.13 4.63 -0.57
N VAL B 334 8.80 3.68 -1.21
CA VAL B 334 8.58 3.42 -2.63
C VAL B 334 7.13 3.01 -2.85
N VAL B 335 6.62 2.11 -2.01
CA VAL B 335 5.23 1.66 -2.12
C VAL B 335 4.27 2.84 -1.96
N TYR B 336 4.52 3.70 -0.98
CA TYR B 336 3.64 4.84 -0.75
C TYR B 336 3.66 5.79 -1.94
N ILE B 337 4.85 6.13 -2.43
CA ILE B 337 4.95 7.04 -3.57
C ILE B 337 4.23 6.46 -4.77
N GLY B 338 4.44 5.18 -5.05
CA GLY B 338 3.73 4.54 -6.15
C GLY B 338 2.24 4.54 -5.96
N SER B 339 1.78 4.39 -4.72
CA SER B 339 0.35 4.47 -4.44
C SER B 339 -0.18 5.89 -4.56
N THR B 340 0.69 6.90 -4.59
CA THR B 340 0.24 8.27 -4.71
C THR B 340 0.42 8.85 -6.11
N LEU B 341 1.17 8.19 -6.98
CA LEU B 341 1.55 8.79 -8.25
C LEU B 341 0.34 9.00 -9.15
N SER B 342 -0.58 8.02 -9.20
CA SER B 342 -1.72 8.12 -10.08
C SER B 342 -2.65 9.27 -9.74
N TYR B 343 -2.56 9.83 -8.54
CA TYR B 343 -3.42 10.95 -8.17
C TYR B 343 -3.04 12.22 -8.91
N PHE B 344 -1.83 12.29 -9.46
CA PHE B 344 -1.42 13.47 -10.21
C PHE B 344 -2.00 13.50 -11.61
N GLY B 345 -2.50 12.37 -12.11
CA GLY B 345 -3.23 12.33 -13.35
C GLY B 345 -4.69 12.66 -13.24
N LEU B 346 -5.18 13.00 -12.05
CA LEU B 346 -6.59 13.35 -11.90
C LEU B 346 -6.87 14.76 -12.39
N ALA B 347 -5.86 15.64 -12.39
CA ALA B 347 -6.03 16.95 -13.01
C ALA B 347 -6.31 16.79 -14.50
N ALA B 348 -5.54 15.92 -15.17
CA ALA B 348 -5.77 15.66 -16.58
C ALA B 348 -7.14 15.02 -16.80
N VAL B 349 -7.49 14.06 -15.94
CA VAL B 349 -8.80 13.42 -16.07
C VAL B 349 -9.91 14.46 -15.97
N PHE B 350 -9.82 15.34 -14.98
CA PHE B 350 -10.85 16.34 -14.74
C PHE B 350 -10.94 17.34 -15.89
N ILE B 351 -9.78 17.85 -16.34
CA ILE B 351 -9.80 18.84 -17.40
C ILE B 351 -10.25 18.24 -18.72
N ASP B 352 -9.86 17.00 -18.98
CA ASP B 352 -10.31 16.32 -20.19
C ASP B 352 -11.81 16.05 -20.12
N PHE B 353 -12.33 15.74 -18.94
CA PHE B 353 -13.78 15.61 -18.77
C PHE B 353 -14.47 16.94 -19.06
N LEU B 354 -13.88 18.05 -18.59
CA LEU B 354 -14.45 19.36 -18.88
C LEU B 354 -14.43 19.65 -20.38
N ILE B 355 -13.33 19.34 -21.05
CA ILE B 355 -13.24 19.54 -22.49
C ILE B 355 -14.28 18.69 -23.22
N ASP B 356 -14.47 17.46 -22.76
CA ASP B 356 -15.40 16.55 -23.43
C ASP B 356 -16.84 17.00 -23.22
N THR B 357 -17.24 17.49 -22.06
CA THR B 357 -18.59 17.94 -21.76
C THR B 357 -18.90 19.25 -22.45
N TYR B 358 -18.07 20.26 -22.21
CA TYR B 358 -18.29 21.60 -22.74
C TYR B 358 -18.14 21.66 -24.25
N SER B 359 -17.64 20.61 -24.88
CA SER B 359 -17.65 20.53 -26.33
C SER B 359 -19.02 20.12 -26.84
N SER B 360 -19.81 19.49 -25.96
CA SER B 360 -21.14 19.05 -26.31
C SER B 360 -21.98 20.27 -26.70
N ASN B 361 -22.69 20.15 -27.82
CA ASN B 361 -23.51 21.26 -28.32
C ASN B 361 -24.63 21.59 -27.34
N CYS B 362 -25.06 20.58 -26.58
CA CYS B 362 -26.10 20.77 -25.60
C CYS B 362 -25.80 21.88 -24.61
N CYS B 363 -24.51 22.05 -24.34
CA CYS B 363 -24.06 23.04 -23.42
C CYS B 363 -24.25 24.47 -23.92
N ARG B 364 -24.49 24.57 -25.22
CA ARG B 364 -24.77 25.87 -25.84
C ARG B 364 -26.18 26.17 -26.36
N SER B 365 -26.87 25.15 -26.79
CA SER B 365 -28.24 25.33 -27.28
C SER B 365 -29.18 25.65 -26.12
N HIS B 366 -28.95 25.04 -24.97
CA HIS B 366 -29.87 25.19 -23.81
C HIS B 366 -29.19 25.82 -22.60
N ILE B 367 -28.01 25.35 -22.20
CA ILE B 367 -27.43 25.78 -20.93
C ILE B 367 -27.02 27.24 -20.98
N TYR B 368 -26.13 27.59 -21.92
CA TYR B 368 -25.62 28.95 -21.96
C TYR B 368 -26.72 30.01 -22.05
N PRO B 369 -27.77 29.84 -22.85
CA PRO B 369 -28.87 30.81 -22.80
C PRO B 369 -29.44 31.00 -21.40
N TRP B 370 -29.51 29.93 -20.62
CA TRP B 370 -29.96 30.03 -19.23
C TRP B 370 -28.82 30.59 -18.38
N CYS B 371 -27.77 29.79 -18.20
CA CYS B 371 -26.60 30.23 -17.47
C CYS B 371 -25.55 30.86 -18.40
N LYS B 372 -25.65 32.18 -18.50
CA LYS B 372 -24.82 32.94 -19.41
C LYS B 372 -23.41 33.17 -18.86
N CYS B 373 -23.13 32.60 -17.69
CA CYS B 373 -21.84 32.71 -17.08
C CYS B 373 -20.83 31.71 -17.65
N CYS B 374 -21.39 30.67 -18.27
CA CYS B 374 -20.62 29.57 -18.80
C CYS B 374 -20.27 29.63 -20.28
N GLN B 375 -20.77 30.69 -20.93
CA GLN B 375 -20.59 30.84 -22.37
C GLN B 375 -19.11 30.83 -22.79
N PRO B 376 -18.22 31.47 -22.02
CA PRO B 376 -16.82 31.47 -22.40
C PRO B 376 -16.18 30.08 -22.40
N CYS B 377 -16.95 29.08 -21.99
CA CYS B 377 -16.47 27.74 -21.99
C CYS B 377 -16.77 26.99 -23.27
N VAL B 378 -17.06 27.79 -24.28
CA VAL B 378 -17.34 27.31 -25.62
C VAL B 378 -16.04 27.02 -26.36
N VAL B 379 -14.93 27.48 -25.78
CA VAL B 379 -13.60 27.21 -26.33
C VAL B 379 -13.27 25.73 -26.27
N ASN B 380 -13.97 24.97 -25.44
CA ASN B 380 -13.74 23.54 -25.38
C ASN B 380 -14.14 22.84 -26.66
N GLU B 381 -15.00 23.46 -27.47
CA GLU B 381 -15.26 22.92 -28.80
C GLU B 381 -13.98 22.91 -29.63
N TYR B 382 -13.26 24.03 -29.63
CA TYR B 382 -11.98 24.11 -30.33
C TYR B 382 -10.97 23.14 -29.73
N TYR B 383 -10.92 23.07 -28.40
CA TYR B 383 -9.98 22.17 -27.75
C TYR B 383 -10.26 20.72 -28.12
N TYR B 384 -11.53 20.31 -28.10
CA TYR B 384 -11.91 18.95 -28.44
C TYR B 384 -11.63 18.65 -29.91
N ARG B 385 -11.90 19.61 -30.79
CA ARG B 385 -11.57 19.44 -32.20
C ARG B 385 -10.08 19.23 -32.39
N LYS B 386 -9.25 19.96 -31.66
CA LYS B 386 -7.81 19.81 -31.75
C LYS B 386 -7.28 18.61 -30.98
N LYS B 387 -8.09 17.99 -30.13
CA LYS B 387 -7.66 16.92 -29.25
C LYS B 387 -8.08 15.54 -29.73
N CYS B 388 -9.34 15.38 -30.15
CA CYS B 388 -9.92 14.09 -30.43
C CYS B 388 -10.25 13.96 -31.90
N GLU B 389 -9.88 12.83 -32.50
CA GLU B 389 -10.27 12.46 -33.85
C GLU B 389 -11.12 11.20 -33.75
N SER B 390 -12.32 11.25 -34.30
CA SER B 390 -13.25 10.13 -34.26
C SER B 390 -13.15 9.33 -35.54
N ILE B 391 -13.01 8.02 -35.40
CA ILE B 391 -12.96 7.10 -36.54
C ILE B 391 -13.95 5.99 -36.30
N VAL B 392 -14.40 5.39 -37.40
CA VAL B 392 -15.38 4.31 -37.36
C VAL B 392 -14.69 2.99 -37.68
N GLU B 393 -15.29 1.91 -37.23
CA GLU B 393 -14.81 0.58 -37.58
C GLU B 393 -15.01 0.35 -39.06
N PRO B 394 -13.97 0.08 -39.84
CA PRO B 394 -14.14 -0.13 -41.29
C PRO B 394 -14.72 -1.50 -41.63
N LYS B 395 -16.00 -1.59 -41.52
CA LYS B 395 -16.72 -2.82 -41.77
C LYS B 395 -17.09 -2.94 -43.24
N PRO B 396 -17.26 -4.16 -43.74
CA PRO B 396 -17.69 -4.32 -45.15
C PRO B 396 -19.02 -3.68 -45.44
N THR B 397 -19.89 -3.57 -44.44
CA THR B 397 -21.18 -2.92 -44.61
C THR B 397 -21.09 -1.40 -44.58
N LEU B 398 -19.91 -0.84 -44.28
CA LEU B 398 -19.77 0.60 -44.16
C LEU B 398 -19.83 1.26 -45.53
N LYS B 399 -20.72 2.23 -45.67
CA LYS B 399 -20.89 2.98 -46.90
C LYS B 399 -21.26 4.41 -46.55
N TYR B 400 -20.67 5.35 -47.26
CA TYR B 400 -20.96 6.76 -47.09
C TYR B 400 -21.64 7.30 -48.33
N VAL B 401 -22.66 8.13 -48.11
CA VAL B 401 -23.51 8.65 -49.17
C VAL B 401 -23.61 10.15 -49.01
N SER B 402 -23.45 10.87 -50.12
CA SER B 402 -23.56 12.33 -50.14
C SER B 402 -24.57 12.73 -51.19
N PHE B 403 -25.49 13.60 -50.82
CA PHE B 403 -26.46 14.19 -51.74
C PHE B 403 -26.16 15.66 -51.89
N VAL B 404 -26.11 16.14 -53.14
CA VAL B 404 -25.73 17.52 -53.40
C VAL B 404 -26.74 18.50 -52.80
N ASP B 405 -27.97 18.07 -52.59
CA ASP B 405 -29.00 18.93 -52.00
C ASP B 405 -28.99 18.89 -50.47
N GLU B 406 -28.00 18.23 -49.87
CA GLU B 406 -27.85 18.18 -48.43
C GLU B 406 -26.46 18.68 -48.05
N SER B 407 -26.38 19.31 -46.89
CA SER B 407 -25.13 19.87 -46.39
C SER B 407 -24.32 18.88 -45.56
N HIS B 408 -24.84 17.67 -45.34
CA HIS B 408 -24.20 16.67 -44.51
C HIS B 408 -24.01 15.38 -45.31
N ILE B 409 -23.37 14.41 -44.69
CA ILE B 409 -23.07 13.12 -45.31
C ILE B 409 -23.67 12.02 -44.47
N ARG B 410 -24.19 10.99 -45.13
CA ARG B 410 -24.85 9.88 -44.47
C ARG B 410 -23.94 8.66 -44.44
N MET B 411 -23.82 8.06 -43.26
CA MET B 411 -23.03 6.81 -43.07
C MET B 411 -24.02 5.66 -43.04
N VAL B 412 -23.86 4.66 -43.91
CA VAL B 412 -24.75 3.51 -44.01
C VAL B 412 -23.92 2.28 -43.68
N ASN B 413 -23.87 1.93 -42.39
CA ASN B 413 -23.29 0.66 -41.95
C ASN B 413 -24.42 -0.34 -41.69
N GLN B 414 -25.16 -0.62 -42.76
CA GLN B 414 -26.39 -1.39 -42.68
C GLN B 414 -26.58 -2.13 -43.99
N GLN B 415 -26.82 -3.44 -43.89
CA GLN B 415 -26.97 -4.24 -45.09
C GLN B 415 -28.18 -3.78 -45.90
N LEU B 416 -28.05 -3.84 -47.22
CA LEU B 416 -29.13 -3.45 -48.13
C LEU B 416 -29.95 -4.70 -48.42
N LEU B 417 -31.12 -4.80 -47.79
CA LEU B 417 -32.00 -5.94 -47.97
C LEU B 417 -32.85 -5.74 -49.22
N GLY B 418 -32.17 -5.67 -50.36
CA GLY B 418 -32.82 -5.36 -51.62
C GLY B 418 -33.34 -3.95 -51.73
N ARG B 419 -33.02 -3.09 -50.76
CA ARG B 419 -33.50 -1.72 -50.76
C ARG B 419 -32.51 -0.82 -51.48
N SER B 420 -33.04 0.12 -52.27
CA SER B 420 -32.20 1.10 -52.91
C SER B 420 -31.41 1.89 -51.87
N LEU B 421 -30.11 2.04 -52.11
CA LEU B 421 -29.28 2.84 -51.21
C LEU B 421 -29.77 4.27 -51.10
N GLN B 422 -30.50 4.76 -52.10
CA GLN B 422 -31.12 6.08 -52.00
C GLN B 422 -32.17 6.10 -50.91
N ASP B 423 -32.89 5.00 -50.71
CA ASP B 423 -33.94 4.94 -49.72
C ASP B 423 -33.40 4.61 -48.34
N VAL B 424 -32.29 3.89 -48.27
CA VAL B 424 -31.63 3.62 -46.99
C VAL B 424 -31.00 4.92 -46.51
N LYS B 425 -31.52 5.49 -45.43
CA LYS B 425 -30.98 6.69 -44.81
C LYS B 425 -30.34 6.30 -43.49
N GLY B 426 -29.02 6.49 -43.40
CA GLY B 426 -28.28 6.23 -42.18
C GLY B 426 -28.07 7.50 -41.37
N GLN B 427 -27.26 7.38 -40.33
CA GLN B 427 -27.02 8.51 -39.45
C GLN B 427 -26.17 9.55 -40.17
N GLU B 428 -26.43 10.81 -39.85
CA GLU B 428 -25.75 11.91 -40.51
C GLU B 428 -24.38 12.13 -39.90
N VAL B 429 -23.40 12.43 -40.74
CA VAL B 429 -22.08 12.84 -40.29
C VAL B 429 -21.73 14.14 -41.01
N PRO B 430 -20.95 15.03 -40.40
CA PRO B 430 -20.63 16.30 -41.08
C PRO B 430 -19.42 16.16 -41.99
N ARG B 431 -19.53 16.78 -43.16
CA ARG B 431 -18.44 16.73 -44.11
C ARG B 431 -17.25 17.51 -43.56
N PRO B 432 -16.04 16.93 -43.55
CA PRO B 432 -14.87 17.69 -43.09
C PRO B 432 -14.72 19.00 -43.85
N ALA B 433 -14.83 20.11 -43.13
CA ALA B 433 -14.90 21.44 -43.75
C ALA B 433 -13.49 21.98 -43.97
N MET B 434 -12.77 21.30 -44.87
CA MET B 434 -11.44 21.76 -45.26
C MET B 434 -11.51 22.95 -46.19
N ASP B 435 -12.47 22.94 -47.11
CA ASP B 435 -12.64 24.03 -48.08
C ASP B 435 -11.37 24.23 -48.89
N SER B 473 -34.35 8.42 -64.99
CA SER B 473 -35.52 7.65 -65.38
C SER B 473 -36.01 6.75 -64.24
N PRO B 474 -35.11 5.95 -63.63
CA PRO B 474 -35.54 5.10 -62.52
C PRO B 474 -36.31 5.84 -61.45
N VAL B 475 -37.04 5.09 -60.62
CA VAL B 475 -37.91 5.69 -59.61
C VAL B 475 -37.08 6.42 -58.56
N TRP B 476 -35.91 5.88 -58.22
CA TRP B 476 -35.07 6.44 -57.17
C TRP B 476 -34.18 7.56 -57.68
N CYS B 477 -34.25 7.92 -58.95
CA CYS B 477 -33.46 9.01 -59.50
C CYS B 477 -34.26 10.30 -59.50
N GLN B 478 -33.66 11.36 -58.94
CA GLN B 478 -34.29 12.70 -58.85
C GLN B 478 -33.52 13.68 -59.73
N CYS B 479 -32.68 13.22 -60.66
CA CYS B 479 -31.94 14.11 -61.54
C CYS B 479 -32.06 13.76 -63.02
N GLY B 480 -32.66 12.63 -63.37
CA GLY B 480 -32.87 12.29 -64.76
C GLY B 480 -31.60 12.07 -65.54
N SER B 481 -30.56 11.53 -64.91
CA SER B 481 -29.33 11.21 -65.60
C SER B 481 -28.74 9.89 -65.12
N CYS B 482 -29.44 9.16 -64.25
CA CYS B 482 -28.97 7.89 -63.73
C CYS B 482 -29.51 6.75 -64.57
N LEU B 483 -28.77 5.64 -64.57
CA LEU B 483 -29.13 4.44 -65.28
C LEU B 483 -29.23 3.26 -64.31
N PRO B 484 -29.97 2.22 -64.65
CA PRO B 484 -30.09 1.07 -63.75
C PRO B 484 -28.77 0.32 -63.64
N SER B 485 -28.61 -0.39 -62.52
CA SER B 485 -27.37 -1.12 -62.27
C SER B 485 -27.32 -2.39 -63.10
N GLN B 486 -26.13 -2.69 -63.62
CA GLN B 486 -25.90 -3.86 -64.45
C GLN B 486 -25.15 -4.95 -63.68
N LEU B 487 -25.25 -4.92 -62.35
CA LEU B 487 -24.64 -5.93 -61.49
C LEU B 487 -25.62 -7.06 -61.26
N PRO B 488 -25.18 -8.14 -60.61
CA PRO B 488 -26.14 -9.16 -60.18
C PRO B 488 -27.18 -8.55 -59.25
N GLU B 489 -28.42 -9.02 -59.38
CA GLU B 489 -29.52 -8.40 -58.66
C GLU B 489 -29.27 -8.35 -57.15
N SER B 490 -28.54 -9.33 -56.62
CA SER B 490 -28.25 -9.32 -55.19
C SER B 490 -27.44 -8.09 -54.80
N HIS B 491 -26.47 -7.72 -55.63
CA HIS B 491 -25.61 -6.57 -55.36
C HIS B 491 -25.98 -5.34 -56.18
N ARG B 492 -27.15 -5.33 -56.81
CA ARG B 492 -27.54 -4.20 -57.63
C ARG B 492 -28.01 -3.01 -56.80
N CYS B 493 -28.57 -3.27 -55.62
CA CYS B 493 -29.11 -2.19 -54.81
C CYS B 493 -28.03 -1.22 -54.35
N LEU B 494 -26.77 -1.64 -54.35
CA LEU B 494 -25.69 -0.76 -53.91
C LEU B 494 -25.56 0.45 -54.84
N GLU B 495 -25.65 0.23 -56.15
CA GLU B 495 -25.52 1.30 -57.13
C GLU B 495 -26.83 2.01 -57.42
N GLU B 496 -27.91 1.65 -56.74
CA GLU B 496 -29.19 2.33 -56.90
C GLU B 496 -29.23 3.57 -56.02
N LEU B 497 -28.32 4.50 -56.31
CA LEU B 497 -28.18 5.74 -55.58
C LEU B 497 -28.10 6.89 -56.57
N CYS B 498 -28.72 8.00 -56.21
CA CYS B 498 -28.74 9.20 -57.02
C CYS B 498 -27.94 10.30 -56.34
N CYS B 499 -27.50 11.28 -57.13
CA CYS B 499 -26.70 12.37 -56.63
C CYS B 499 -27.48 13.32 -55.72
N ARG B 500 -28.82 13.30 -55.77
CA ARG B 500 -29.65 14.26 -55.01
C ARG B 500 -30.91 13.60 -54.46
N LYS B 501 -31.30 13.95 -53.22
CA LYS B 501 -32.46 13.40 -52.56
C LYS B 501 -33.79 13.91 -53.09
N LYS B 502 -33.81 15.08 -53.71
CA LYS B 502 -35.01 15.72 -54.21
C LYS B 502 -34.78 16.15 -55.65
N PRO B 503 -35.85 16.40 -56.40
CA PRO B 503 -35.69 16.76 -57.82
C PRO B 503 -34.83 17.99 -58.00
N GLY B 504 -34.02 17.97 -59.06
CA GLY B 504 -33.14 19.09 -59.34
C GLY B 504 -32.15 18.72 -60.42
N ALA B 505 -31.17 19.59 -60.60
CA ALA B 505 -30.14 19.39 -61.61
C ALA B 505 -29.09 18.42 -61.12
N CYS B 506 -28.63 17.55 -62.02
CA CYS B 506 -27.60 16.59 -61.69
C CYS B 506 -26.28 17.29 -61.42
N ILE B 507 -25.52 16.74 -60.47
CA ILE B 507 -24.19 17.25 -60.19
C ILE B 507 -23.27 17.08 -61.39
N THR B 508 -23.60 16.17 -62.31
CA THR B 508 -22.80 16.02 -63.52
C THR B 508 -22.82 17.29 -64.37
N THR B 509 -23.90 18.07 -64.27
CA THR B 509 -23.98 19.32 -65.01
C THR B 509 -23.12 20.41 -64.42
N SER B 510 -22.59 20.20 -63.21
CA SER B 510 -21.71 21.18 -62.59
C SER B 510 -20.42 21.32 -63.41
N GLU B 511 -19.89 22.54 -63.41
CA GLU B 511 -18.61 22.78 -64.07
C GLU B 511 -17.51 21.93 -63.44
N LEU B 512 -17.43 21.95 -62.11
CA LEU B 512 -16.37 21.25 -61.41
C LEU B 512 -16.39 19.75 -61.65
N PHE B 513 -17.55 19.17 -61.95
CA PHE B 513 -17.57 17.76 -62.30
C PHE B 513 -16.79 17.52 -63.59
N ARG B 514 -16.95 18.39 -64.58
CA ARG B 514 -16.26 18.22 -65.84
C ARG B 514 -14.80 18.65 -65.77
N LYS B 515 -14.43 19.53 -64.83
CA LYS B 515 -13.04 19.95 -64.72
C LYS B 515 -12.22 19.06 -63.80
N LEU B 516 -12.80 18.56 -62.72
CA LEU B 516 -12.09 17.76 -61.74
C LEU B 516 -12.14 16.27 -62.07
N VAL B 517 -13.31 15.76 -62.43
CA VAL B 517 -13.56 14.33 -62.48
C VAL B 517 -13.40 13.80 -63.91
N LEU B 518 -13.76 14.61 -64.90
CA LEU B 518 -13.78 14.17 -66.29
C LEU B 518 -12.68 14.77 -67.15
N SER B 519 -11.77 15.55 -66.57
CA SER B 519 -10.70 16.16 -67.33
C SER B 519 -9.56 15.17 -67.47
N ARG B 520 -9.20 14.82 -68.70
CA ARG B 520 -8.11 13.88 -68.91
C ARG B 520 -6.81 14.43 -68.34
N HIS B 521 -6.58 15.73 -68.48
CA HIS B 521 -5.32 16.32 -67.99
C HIS B 521 -5.17 16.11 -66.49
N VAL B 522 -6.22 16.36 -65.73
CA VAL B 522 -6.12 16.24 -64.28
C VAL B 522 -5.77 14.81 -63.90
N LEU B 523 -6.49 13.84 -64.46
CA LEU B 523 -6.25 12.44 -64.10
C LEU B 523 -4.87 11.99 -64.55
N GLN B 524 -4.49 12.34 -65.77
CA GLN B 524 -3.15 12.00 -66.25
C GLN B 524 -2.06 12.59 -65.36
N PHE B 525 -2.24 13.84 -64.92
CA PHE B 525 -1.29 14.43 -63.99
C PHE B 525 -1.24 13.66 -62.69
N LEU B 526 -2.41 13.27 -62.17
CA LEU B 526 -2.44 12.52 -60.92
C LEU B 526 -1.78 11.16 -61.06
N LEU B 527 -1.92 10.52 -62.22
CA LEU B 527 -1.28 9.22 -62.42
C LEU B 527 0.22 9.36 -62.59
N LEU B 528 0.66 10.37 -63.35
CA LEU B 528 2.09 10.58 -63.54
C LEU B 528 2.79 11.04 -62.28
N TYR B 529 2.09 11.77 -61.41
CA TYR B 529 2.69 12.23 -60.16
C TYR B 529 3.22 11.05 -59.35
N GLN B 530 2.57 9.89 -59.44
CA GLN B 530 3.04 8.70 -58.76
C GLN B 530 3.92 7.84 -59.64
N GLU B 531 3.64 7.78 -60.95
CA GLU B 531 4.39 6.99 -61.91
C GLU B 531 4.80 7.90 -63.06
N PRO B 532 5.87 8.68 -62.88
CA PRO B 532 6.20 9.71 -63.89
C PRO B 532 6.38 9.16 -65.30
N LEU B 533 7.00 8.00 -65.44
CA LEU B 533 7.32 7.44 -66.75
C LEU B 533 6.32 6.39 -67.19
N LEU B 534 5.14 6.37 -66.59
CA LEU B 534 4.14 5.35 -66.90
C LEU B 534 3.71 5.45 -68.35
N ALA B 535 3.52 4.30 -68.98
CA ALA B 535 2.98 4.22 -70.33
C ALA B 535 2.22 2.91 -70.44
N LEU B 536 0.93 3.00 -70.74
CA LEU B 536 0.05 1.84 -70.75
C LEU B 536 -0.80 1.83 -72.02
N ASP B 537 -1.29 0.66 -72.36
CA ASP B 537 -2.25 0.54 -73.45
C ASP B 537 -3.46 1.41 -73.17
N VAL B 538 -4.22 1.70 -74.23
CA VAL B 538 -5.35 2.62 -74.10
C VAL B 538 -6.38 2.07 -73.12
N ASP B 539 -6.60 0.75 -73.15
CA ASP B 539 -7.59 0.16 -72.24
C ASP B 539 -7.13 0.25 -70.80
N SER B 540 -5.88 -0.10 -70.52
CA SER B 540 -5.35 0.01 -69.17
C SER B 540 -5.36 1.45 -68.69
N THR B 541 -4.94 2.37 -69.55
CA THR B 541 -4.97 3.78 -69.18
C THR B 541 -6.40 4.23 -68.88
N ASN B 542 -7.36 3.81 -69.70
CA ASN B 542 -8.75 4.18 -69.46
C ASN B 542 -9.25 3.64 -68.13
N SER B 543 -8.87 2.41 -67.80
CA SER B 543 -9.23 1.86 -66.49
C SER B 543 -8.63 2.69 -65.37
N ARG B 544 -7.36 3.10 -65.52
CA ARG B 544 -6.73 3.91 -64.50
C ARG B 544 -7.43 5.25 -64.33
N LEU B 545 -7.79 5.89 -65.45
CA LEU B 545 -8.52 7.15 -65.37
C LEU B 545 -9.90 6.98 -64.78
N ARG B 546 -10.57 5.86 -65.05
CA ARG B 546 -11.86 5.58 -64.44
C ARG B 546 -11.72 5.48 -62.93
N HIS B 547 -10.71 4.75 -62.47
CA HIS B 547 -10.47 4.65 -61.03
C HIS B 547 -10.15 6.01 -60.43
N CYS B 548 -9.31 6.78 -61.10
CA CYS B 548 -8.94 8.10 -60.61
C CYS B 548 -10.12 9.05 -60.60
N ALA B 549 -11.07 8.88 -61.52
CA ALA B 549 -12.26 9.71 -61.53
C ALA B 549 -13.20 9.36 -60.38
N TYR B 550 -13.41 8.08 -60.12
CA TYR B 550 -14.13 7.70 -58.91
C TYR B 550 -13.47 8.31 -57.69
N ARG B 551 -12.12 8.21 -57.63
CA ARG B 551 -11.36 8.77 -56.53
C ARG B 551 -11.59 10.26 -56.39
N CYS B 552 -11.56 10.98 -57.51
CA CYS B 552 -11.70 12.43 -57.47
C CYS B 552 -13.10 12.84 -57.01
N TYR B 553 -14.14 12.17 -57.51
CA TYR B 553 -15.48 12.48 -57.02
C TYR B 553 -15.59 12.20 -55.54
N ALA B 554 -15.08 11.06 -55.09
CA ALA B 554 -15.20 10.70 -53.68
C ALA B 554 -14.44 11.67 -52.79
N THR B 555 -13.23 12.05 -53.19
CA THR B 555 -12.47 13.02 -52.42
C THR B 555 -13.13 14.39 -52.41
N TRP B 556 -13.68 14.81 -53.55
CA TRP B 556 -14.32 16.12 -53.66
C TRP B 556 -15.56 16.21 -52.78
N ARG B 557 -16.39 15.17 -52.77
CA ARG B 557 -17.66 15.24 -52.08
C ARG B 557 -17.62 14.71 -50.65
N PHE B 558 -16.60 13.92 -50.30
CA PHE B 558 -16.46 13.37 -48.97
C PHE B 558 -15.20 13.83 -48.25
N GLY B 559 -14.15 14.16 -48.98
CA GLY B 559 -12.95 14.69 -48.37
C GLY B 559 -11.97 13.64 -47.90
N SER B 560 -11.99 13.38 -46.60
CA SER B 560 -11.04 12.44 -46.00
C SER B 560 -11.14 11.08 -46.66
N GLN B 561 -9.98 10.45 -46.87
CA GLN B 561 -9.95 9.11 -47.43
C GLN B 561 -10.62 8.10 -46.52
N ASP B 562 -10.85 8.46 -45.25
CA ASP B 562 -11.60 7.59 -44.36
C ASP B 562 -13.03 7.40 -44.86
N MET B 563 -13.64 8.46 -45.37
CA MET B 563 -14.96 8.39 -45.98
C MET B 563 -14.90 8.03 -47.46
N ALA B 564 -13.96 8.63 -48.19
CA ALA B 564 -13.86 8.39 -49.62
C ALA B 564 -13.54 6.94 -49.94
N ASP B 565 -12.86 6.25 -49.03
CA ASP B 565 -12.58 4.84 -49.24
C ASP B 565 -13.87 4.02 -49.29
N PHE B 566 -14.83 4.37 -48.43
CA PHE B 566 -16.10 3.66 -48.34
C PHE B 566 -17.25 4.43 -48.97
N ALA B 567 -16.96 5.49 -49.71
CA ALA B 567 -17.99 6.23 -50.39
C ALA B 567 -18.62 5.39 -51.49
N ILE B 568 -19.81 5.81 -51.92
CA ILE B 568 -20.53 5.18 -53.02
C ILE B 568 -20.84 6.26 -54.04
N LEU B 569 -20.38 6.07 -55.27
CA LEU B 569 -20.65 7.04 -56.30
C LEU B 569 -22.10 6.97 -56.75
N PRO B 570 -22.73 8.11 -57.02
CA PRO B 570 -24.06 8.07 -57.62
C PRO B 570 -24.01 7.44 -59.01
N SER B 571 -25.14 6.86 -59.40
CA SER B 571 -25.20 6.21 -60.71
C SER B 571 -24.93 7.19 -61.83
N CYS B 572 -25.43 8.41 -61.71
CA CYS B 572 -25.21 9.41 -62.74
C CYS B 572 -23.71 9.65 -62.93
N CYS B 573 -23.00 9.98 -61.83
CA CYS B 573 -21.56 10.19 -61.91
C CYS B 573 -20.83 8.94 -62.37
N ARG B 574 -21.23 7.79 -61.83
CA ARG B 574 -20.60 6.53 -62.20
C ARG B 574 -20.64 6.31 -63.70
N TRP B 575 -21.82 6.44 -64.30
CA TRP B 575 -21.97 6.13 -65.71
C TRP B 575 -21.44 7.25 -66.60
N ARG B 576 -21.45 8.49 -66.14
CA ARG B 576 -20.77 9.54 -66.88
C ARG B 576 -19.27 9.28 -66.94
N ILE B 577 -18.69 8.87 -65.81
CA ILE B 577 -17.26 8.54 -65.78
C ILE B 577 -16.98 7.36 -66.70
N ARG B 578 -17.80 6.33 -66.63
CA ARG B 578 -17.63 5.16 -67.48
C ARG B 578 -17.86 5.48 -68.95
N LYS B 579 -18.64 6.52 -69.25
CA LYS B 579 -18.79 6.97 -70.63
C LYS B 579 -17.56 7.72 -71.11
N GLU B 580 -16.94 8.50 -70.22
CA GLU B 580 -15.73 9.31 -70.53
C GLU B 580 -14.52 8.37 -70.62
N PHE B 581 -14.51 7.29 -69.83
CA PHE B 581 -13.42 6.31 -69.82
C PHE B 581 -13.99 4.89 -69.85
N PRO B 582 -14.67 4.52 -70.94
CA PRO B 582 -15.21 3.16 -71.02
C PRO B 582 -14.10 2.14 -71.17
N LYS B 583 -14.40 0.92 -70.71
CA LYS B 583 -13.52 -0.21 -70.93
C LYS B 583 -13.85 -0.89 -72.26
N SER B 584 -12.82 -1.46 -72.88
CA SER B 584 -13.00 -2.07 -74.20
C SER B 584 -14.01 -3.21 -74.15
N GLU B 585 -13.92 -4.06 -73.13
CA GLU B 585 -14.76 -5.24 -73.06
C GLU B 585 -14.98 -5.62 -71.60
N GLY B 586 -16.05 -6.37 -71.37
CA GLY B 586 -16.39 -6.84 -70.04
C GLY B 586 -17.40 -5.94 -69.35
N GLN B 587 -17.68 -6.28 -68.10
CA GLN B 587 -18.61 -5.54 -67.26
C GLN B 587 -17.88 -5.03 -66.02
N TYR B 588 -18.42 -3.96 -65.45
CA TYR B 588 -17.74 -3.25 -64.38
C TYR B 588 -17.97 -3.93 -63.04
N SER B 589 -16.89 -4.17 -62.30
CA SER B 589 -16.99 -4.85 -61.02
C SER B 589 -17.77 -4.06 -60.00
N GLY B 590 -17.53 -2.77 -59.95
CA GLY B 590 -18.19 -1.91 -58.99
C GLY B 590 -17.41 -1.77 -57.70
N PHE B 591 -18.11 -1.31 -56.68
CA PHE B 591 -17.46 -0.99 -55.41
C PHE B 591 -16.96 -2.24 -54.71
N LYS B 592 -15.69 -2.23 -54.33
CA LYS B 592 -15.05 -3.34 -53.57
C LYS B 592 -14.44 -2.71 -52.31
N SER B 593 -15.02 -2.95 -51.14
CA SER B 593 -14.55 -2.31 -49.91
C SER B 593 -13.11 -2.72 -49.64
N PRO B 594 -12.26 -1.78 -49.19
CA PRO B 594 -10.85 -2.14 -48.93
C PRO B 594 -10.68 -3.16 -47.84
N TYR B 595 -11.67 -3.35 -46.96
CA TYR B 595 -11.57 -4.31 -45.88
C TYR B 595 -12.67 -5.37 -46.00
N SER C 6 -25.73 8.46 -26.44
CA SER C 6 -26.52 7.34 -26.94
C SER C 6 -25.76 6.03 -26.79
N CYS C 7 -26.40 4.93 -27.19
CA CYS C 7 -25.79 3.61 -27.04
C CYS C 7 -24.53 3.50 -27.90
N SER C 8 -24.58 4.01 -29.14
CA SER C 8 -23.42 3.92 -30.01
C SER C 8 -22.22 4.68 -29.48
N ASP C 9 -22.44 5.66 -28.61
CA ASP C 9 -21.35 6.41 -28.01
C ASP C 9 -20.76 5.71 -26.79
N VAL C 10 -21.51 4.79 -26.19
CA VAL C 10 -20.99 4.05 -25.04
C VAL C 10 -19.90 3.09 -25.48
N PHE C 11 -20.10 2.39 -26.59
CA PHE C 11 -19.16 1.39 -27.08
C PHE C 11 -18.07 2.07 -27.93
N GLN C 12 -17.30 2.92 -27.26
CA GLN C 12 -16.18 3.62 -27.86
C GLN C 12 -14.92 3.33 -27.07
N TYR C 13 -13.79 3.38 -27.76
CA TYR C 13 -12.47 3.26 -27.14
C TYR C 13 -11.59 4.35 -27.72
N GLU C 14 -11.13 5.26 -26.85
CA GLU C 14 -10.17 6.28 -27.25
C GLU C 14 -8.78 5.73 -27.00
N THR C 15 -7.96 5.71 -28.04
CA THR C 15 -6.56 5.35 -27.94
C THR C 15 -5.74 6.62 -28.12
N ASN C 16 -4.61 6.67 -27.43
CA ASN C 16 -3.74 7.83 -27.50
C ASN C 16 -2.93 7.81 -28.78
N LYS C 17 -2.91 8.95 -29.48
CA LYS C 17 -2.04 9.10 -30.63
C LYS C 17 -0.60 9.22 -30.16
N VAL C 18 0.29 8.47 -30.79
CA VAL C 18 1.67 8.36 -30.34
C VAL C 18 2.60 8.57 -31.51
N THR C 19 3.83 8.94 -31.19
CA THR C 19 4.92 9.05 -32.14
C THR C 19 5.98 8.03 -31.76
N ARG C 20 6.26 7.08 -32.65
CA ARG C 20 7.28 6.07 -32.43
C ARG C 20 8.61 6.59 -32.97
N ILE C 21 9.60 6.67 -32.09
CA ILE C 21 10.91 7.20 -32.41
C ILE C 21 11.89 6.04 -32.54
N GLN C 22 12.58 5.99 -33.68
CA GLN C 22 13.65 5.02 -33.90
C GLN C 22 14.94 5.65 -33.41
N SER C 23 15.21 5.49 -32.11
CA SER C 23 16.39 6.04 -31.47
C SER C 23 17.03 4.98 -30.61
N MET C 24 18.33 4.77 -30.79
CA MET C 24 19.08 3.88 -29.91
C MET C 24 19.04 4.38 -28.48
N ASN C 25 19.28 5.69 -28.30
CA ASN C 25 19.41 6.25 -26.97
C ASN C 25 18.13 6.08 -26.16
N TYR C 26 17.00 6.48 -26.74
CA TYR C 26 15.75 6.48 -25.97
C TYR C 26 15.22 5.07 -25.78
N GLY C 27 15.39 4.19 -26.78
CA GLY C 27 15.01 2.80 -26.58
C GLY C 27 15.82 2.14 -25.49
N THR C 28 17.13 2.37 -25.50
CA THR C 28 17.99 1.81 -24.46
C THR C 28 17.60 2.38 -23.09
N ILE C 29 17.33 3.68 -23.01
CA ILE C 29 16.93 4.29 -21.75
C ILE C 29 15.63 3.67 -21.25
N LYS C 30 14.66 3.51 -22.14
CA LYS C 30 13.37 2.94 -21.76
C LYS C 30 13.55 1.54 -21.21
N TRP C 31 14.32 0.70 -21.91
CA TRP C 31 14.46 -0.69 -21.48
C TRP C 31 15.30 -0.79 -20.22
N PHE C 32 16.32 0.07 -20.06
CA PHE C 32 17.09 0.11 -18.83
C PHE C 32 16.21 0.48 -17.65
N PHE C 33 15.41 1.55 -17.79
CA PHE C 33 14.47 1.92 -16.75
C PHE C 33 13.55 0.75 -16.41
N HIS C 34 12.97 0.13 -17.43
CA HIS C 34 12.00 -0.94 -17.19
C HIS C 34 12.63 -2.12 -16.49
N VAL C 35 13.83 -2.51 -16.91
CA VAL C 35 14.49 -3.66 -16.30
C VAL C 35 14.86 -3.35 -14.86
N ILE C 36 15.40 -2.16 -14.59
CA ILE C 36 15.74 -1.79 -13.23
C ILE C 36 14.49 -1.80 -12.34
N ILE C 37 13.42 -1.18 -12.82
CA ILE C 37 12.21 -1.07 -12.02
C ILE C 37 11.61 -2.44 -11.76
N PHE C 38 11.54 -3.29 -12.79
CA PHE C 38 11.01 -4.64 -12.61
C PHE C 38 11.86 -5.44 -11.65
N SER C 39 13.19 -5.36 -11.78
CA SER C 39 14.07 -6.11 -10.90
C SER C 39 13.91 -5.66 -9.46
N TYR C 40 13.85 -4.35 -9.22
CA TYR C 40 13.65 -3.87 -7.87
C TYR C 40 12.28 -4.27 -7.34
N VAL C 41 11.25 -4.24 -8.19
CA VAL C 41 9.91 -4.59 -7.75
C VAL C 41 9.86 -6.04 -7.32
N CYS C 42 10.43 -6.94 -8.13
CA CYS C 42 10.49 -8.35 -7.77
C CYS C 42 11.34 -8.57 -6.52
N PHE C 43 12.48 -7.87 -6.42
CA PHE C 43 13.34 -8.04 -5.26
C PHE C 43 12.65 -7.60 -3.99
N ALA C 44 11.98 -6.45 -4.01
CA ALA C 44 11.23 -5.98 -2.85
C ALA C 44 10.13 -6.96 -2.48
N LEU C 45 9.40 -7.44 -3.48
CA LEU C 45 8.34 -8.41 -3.23
C LEU C 45 8.88 -9.64 -2.53
N VAL C 46 9.98 -10.21 -3.03
CA VAL C 46 10.53 -11.45 -2.49
C VAL C 46 11.12 -11.21 -1.10
N SER C 47 11.94 -10.18 -0.99
CA SER C 47 12.65 -9.93 0.25
C SER C 47 11.69 -9.60 1.39
N ASP C 48 10.74 -8.70 1.16
CA ASP C 48 9.78 -8.33 2.18
C ASP C 48 8.52 -9.17 2.15
N LYS C 49 8.43 -10.14 1.25
CA LYS C 49 7.27 -11.02 1.12
C LYS C 49 5.98 -10.21 1.18
N LEU C 50 5.88 -9.26 0.27
CA LEU C 50 4.72 -8.38 0.18
C LEU C 50 3.55 -9.06 -0.52
N TYR C 51 3.74 -10.26 -1.06
CA TYR C 51 2.65 -11.09 -1.52
C TYR C 51 1.98 -11.85 -0.38
N GLN C 52 2.51 -11.75 0.83
CA GLN C 52 2.06 -12.54 1.96
C GLN C 52 1.28 -11.67 2.94
N ARG C 53 0.21 -12.23 3.48
CA ARG C 53 -0.46 -11.67 4.63
C ARG C 53 0.17 -12.24 5.89
N LYS C 54 0.66 -11.37 6.76
CA LYS C 54 1.42 -11.77 7.93
C LYS C 54 0.55 -11.69 9.18
N GLU C 55 0.61 -12.74 10.00
CA GLU C 55 -0.15 -12.85 11.21
C GLU C 55 0.80 -12.91 12.40
N PRO C 56 0.63 -12.09 13.43
CA PRO C 56 1.45 -12.23 14.63
C PRO C 56 1.20 -13.57 15.32
N VAL C 57 2.25 -14.07 15.94
CA VAL C 57 2.24 -15.38 16.59
C VAL C 57 1.49 -15.29 17.92
N ILE C 58 0.62 -16.26 18.16
CA ILE C 58 0.01 -16.49 19.46
C ILE C 58 0.76 -17.62 20.12
N SER C 59 1.41 -17.33 21.24
CA SER C 59 2.35 -18.26 21.86
C SER C 59 1.86 -18.73 23.22
N SER C 60 2.19 -19.99 23.53
CA SER C 60 2.04 -20.56 24.85
C SER C 60 3.34 -21.25 25.22
N VAL C 61 3.87 -20.93 26.40
CA VAL C 61 5.16 -21.44 26.85
C VAL C 61 4.95 -22.29 28.09
N HIS C 62 5.68 -23.42 28.15
CA HIS C 62 5.71 -24.30 29.30
C HIS C 62 7.16 -24.64 29.59
N THR C 63 7.63 -24.29 30.79
CA THR C 63 9.01 -24.49 31.18
C THR C 63 9.13 -25.59 32.21
N LYS C 64 10.25 -26.31 32.14
CA LYS C 64 10.61 -27.33 33.11
C LYS C 64 12.07 -27.15 33.48
N VAL C 65 12.33 -26.66 34.68
CA VAL C 65 13.68 -26.45 35.16
C VAL C 65 14.14 -27.70 35.89
N LYS C 66 15.34 -28.14 35.58
CA LYS C 66 15.93 -29.34 36.16
C LYS C 66 17.28 -29.01 36.77
N GLY C 67 17.52 -29.54 37.94
CA GLY C 67 18.77 -29.38 38.64
C GLY C 67 18.60 -29.27 40.13
N ILE C 68 19.59 -29.78 40.86
CA ILE C 68 19.65 -29.67 42.31
C ILE C 68 20.96 -29.00 42.68
N ALA C 69 20.94 -28.30 43.81
CA ALA C 69 22.10 -27.57 44.29
C ALA C 69 22.39 -27.96 45.72
N GLU C 70 23.67 -28.12 46.03
CA GLU C 70 24.14 -28.25 47.41
C GLU C 70 24.39 -26.85 47.94
N VAL C 71 23.74 -26.52 49.06
CA VAL C 71 23.78 -25.20 49.65
C VAL C 71 24.42 -25.32 51.03
N LYS C 72 25.44 -24.49 51.27
CA LYS C 72 26.18 -24.47 52.56
C LYS C 72 25.88 -23.16 53.27
N GLU C 73 25.27 -23.22 54.46
CA GLU C 73 24.98 -22.05 55.27
C GLU C 73 25.60 -22.23 56.65
N GLU C 74 26.23 -21.17 57.16
CA GLU C 74 26.83 -21.23 58.49
C GLU C 74 25.76 -21.51 59.54
N ILE C 75 26.09 -22.39 60.48
CA ILE C 75 25.19 -22.73 61.57
C ILE C 75 25.90 -23.62 62.58
N LEU C 83 28.58 -25.08 60.23
CA LEU C 83 28.36 -25.19 58.79
C LEU C 83 27.58 -26.45 58.47
N VAL C 84 26.45 -26.29 57.77
CA VAL C 84 25.59 -27.39 57.40
C VAL C 84 25.35 -27.34 55.90
N HIS C 85 25.29 -28.51 55.27
CA HIS C 85 25.06 -28.64 53.84
C HIS C 85 23.65 -29.15 53.60
N SER C 86 22.97 -28.56 52.62
CA SER C 86 21.61 -28.93 52.29
C SER C 86 21.48 -29.00 50.77
N VAL C 87 20.52 -29.79 50.32
CA VAL C 87 20.26 -30.00 48.90
C VAL C 87 18.95 -29.32 48.55
N PHE C 88 19.02 -28.38 47.61
CA PHE C 88 17.86 -27.65 47.12
C PHE C 88 17.36 -28.27 45.82
N ASP C 89 16.06 -28.49 45.74
CA ASP C 89 15.42 -28.96 44.52
C ASP C 89 14.48 -27.89 44.00
N THR C 90 13.81 -28.21 42.88
CA THR C 90 12.89 -27.26 42.26
C THR C 90 11.88 -26.71 43.26
N ALA C 91 11.29 -27.59 44.07
CA ALA C 91 10.35 -27.15 45.08
C ALA C 91 10.92 -26.09 46.00
N ASP C 92 12.24 -25.93 46.03
CA ASP C 92 12.92 -25.03 46.94
C ASP C 92 13.37 -23.73 46.27
N TYR C 93 14.00 -23.83 45.11
CA TYR C 93 14.55 -22.67 44.42
C TYR C 93 13.65 -22.13 43.32
N THR C 94 12.50 -22.75 43.08
CA THR C 94 11.59 -22.33 42.03
C THR C 94 10.24 -21.97 42.65
N PHE C 95 9.70 -20.83 42.24
CA PHE C 95 8.43 -20.33 42.73
C PHE C 95 7.43 -20.35 41.58
N PRO C 96 6.54 -21.35 41.47
CA PRO C 96 5.69 -21.44 40.28
C PRO C 96 4.93 -20.15 40.05
N LEU C 97 5.30 -19.43 38.98
CA LEU C 97 4.81 -18.08 38.75
C LEU C 97 4.08 -17.94 37.41
N GLN C 98 4.71 -18.33 36.30
CA GLN C 98 4.15 -18.08 34.98
C GLN C 98 4.74 -19.08 34.00
N GLY C 99 4.29 -18.99 32.75
CA GLY C 99 4.82 -19.81 31.68
C GLY C 99 5.80 -19.05 30.82
N ASN C 100 5.52 -17.78 30.56
CA ASN C 100 6.44 -16.93 29.81
C ASN C 100 7.54 -16.37 30.67
N SER C 101 7.62 -16.79 31.94
CA SER C 101 8.71 -16.42 32.82
C SER C 101 8.91 -17.54 33.82
N PHE C 102 10.17 -17.79 34.17
CA PHE C 102 10.50 -18.65 35.29
C PHE C 102 11.62 -18.01 36.09
N PHE C 103 11.64 -18.34 37.38
CA PHE C 103 12.57 -17.75 38.33
C PHE C 103 13.39 -18.86 38.97
N VAL C 104 14.69 -18.61 39.09
CA VAL C 104 15.60 -19.51 39.78
C VAL C 104 16.27 -18.73 40.90
N MET C 105 16.03 -19.16 42.13
CA MET C 105 16.73 -18.59 43.27
C MET C 105 18.21 -18.93 43.19
N THR C 106 19.04 -17.91 43.40
CA THR C 106 20.48 -18.07 43.38
C THR C 106 21.13 -17.69 44.70
N ASN C 107 20.42 -17.00 45.57
CA ASN C 107 20.94 -16.53 46.84
C ASN C 107 19.76 -16.24 47.74
N PHE C 108 20.01 -16.21 49.04
CA PHE C 108 18.97 -15.86 49.98
C PHE C 108 19.59 -15.45 51.29
N LEU C 109 18.84 -14.63 52.02
CA LEU C 109 19.12 -14.28 53.41
C LEU C 109 17.90 -14.64 54.23
N LYS C 110 18.12 -15.38 55.31
CA LYS C 110 17.03 -15.91 56.13
C LYS C 110 16.97 -15.16 57.45
N THR C 111 15.76 -14.71 57.80
CA THR C 111 15.49 -14.12 59.11
C THR C 111 14.40 -14.97 59.76
N GLU C 112 14.78 -15.74 60.77
CA GLU C 112 13.92 -16.75 61.36
C GLU C 112 13.26 -16.25 62.64
N GLY C 113 12.08 -16.79 62.91
CA GLY C 113 11.39 -16.51 64.16
C GLY C 113 10.97 -15.06 64.33
N GLN C 114 10.54 -14.42 63.25
CA GLN C 114 10.02 -13.07 63.34
C GLN C 114 8.65 -13.07 64.02
N GLU C 115 8.38 -11.99 64.77
CA GLU C 115 7.12 -11.86 65.46
C GLU C 115 6.67 -10.41 65.38
N GLN C 116 5.35 -10.21 65.43
CA GLN C 116 4.78 -8.86 65.43
C GLN C 116 4.85 -8.33 66.86
N ARG C 117 5.86 -7.51 67.13
CA ARG C 117 6.07 -6.97 68.46
C ARG C 117 6.70 -5.59 68.34
N LEU C 118 7.22 -5.11 69.46
CA LEU C 118 8.05 -3.92 69.51
C LEU C 118 9.49 -4.37 69.68
N CYS C 119 10.38 -3.83 68.86
CA CYS C 119 11.76 -4.27 68.82
C CYS C 119 12.67 -3.10 68.56
N PRO C 120 13.93 -3.19 68.98
CA PRO C 120 14.91 -2.18 68.58
C PRO C 120 15.23 -2.28 67.10
N GLU C 121 15.09 -1.18 66.40
CA GLU C 121 15.40 -1.14 64.98
C GLU C 121 16.89 -1.39 64.77
N TYR C 122 17.22 -1.95 63.62
CA TYR C 122 18.60 -2.30 63.35
C TYR C 122 19.46 -1.03 63.29
N PRO C 123 20.67 -1.05 63.84
CA PRO C 123 21.50 0.17 63.85
C PRO C 123 21.79 0.69 62.46
N THR C 124 21.37 1.93 62.22
CA THR C 124 21.76 2.69 61.04
C THR C 124 21.89 4.15 61.44
N ARG C 125 22.48 4.94 60.54
CA ARG C 125 22.63 6.37 60.81
C ARG C 125 21.27 7.03 61.00
N ARG C 126 20.31 6.70 60.15
CA ARG C 126 18.95 7.23 60.31
C ARG C 126 18.27 6.70 61.57
N THR C 127 18.74 5.57 62.11
CA THR C 127 18.07 4.91 63.22
C THR C 127 18.72 5.20 64.57
N LEU C 128 20.05 5.09 64.65
CA LEU C 128 20.74 5.25 65.92
C LEU C 128 20.36 6.56 66.59
N CYS C 129 19.76 6.42 67.78
CA CYS C 129 19.30 7.56 68.59
C CYS C 129 20.07 7.58 69.92
N SER C 130 20.24 8.75 70.52
CA SER C 130 20.81 8.90 71.86
C SER C 130 19.74 8.97 72.93
N SER C 131 18.65 9.69 72.68
CA SER C 131 17.53 9.78 73.59
C SER C 131 16.25 9.64 72.80
N ASP C 132 15.11 9.76 73.49
CA ASP C 132 13.82 9.63 72.83
C ASP C 132 13.49 10.80 71.92
N ARG C 133 14.28 11.87 71.95
CA ARG C 133 14.04 13.01 71.07
C ARG C 133 14.43 12.72 69.63
N GLY C 134 15.17 11.66 69.38
CA GLY C 134 15.62 11.34 68.04
C GLY C 134 14.69 10.39 67.31
N CYS C 135 13.46 10.27 67.79
CA CYS C 135 12.48 9.37 67.19
C CYS C 135 11.09 9.91 67.44
N LYS C 136 10.28 9.96 66.38
CA LYS C 136 8.93 10.50 66.45
C LYS C 136 7.92 9.36 66.49
N LYS C 137 6.99 9.42 67.44
CA LYS C 137 5.94 8.41 67.53
C LYS C 137 5.15 8.34 66.23
N GLY C 138 4.95 7.12 65.74
CA GLY C 138 4.18 6.90 64.54
C GLY C 138 4.88 7.23 63.25
N TRP C 139 6.16 7.59 63.30
CA TRP C 139 6.90 7.93 62.08
C TRP C 139 7.07 6.69 61.21
N MET C 140 6.76 6.83 59.93
CA MET C 140 6.87 5.75 58.96
C MET C 140 7.91 6.14 57.94
N ASP C 141 9.16 5.79 58.21
CA ASP C 141 10.23 6.13 57.28
C ASP C 141 10.18 5.21 56.06
N PRO C 142 10.48 5.73 54.87
CA PRO C 142 10.53 4.86 53.69
C PRO C 142 11.54 3.73 53.80
N GLN C 143 12.59 3.92 54.60
CA GLN C 143 13.66 2.95 54.71
C GLN C 143 13.46 1.96 55.84
N SER C 144 12.33 2.02 56.54
CA SER C 144 12.04 1.12 57.64
C SER C 144 10.90 0.18 57.27
N LYS C 145 10.94 -1.03 57.83
CA LYS C 145 9.82 -1.95 57.81
C LYS C 145 9.01 -1.87 59.11
N GLY C 146 9.09 -0.74 59.81
CA GLY C 146 8.39 -0.58 61.05
C GLY C 146 7.90 0.85 61.23
N ILE C 147 7.08 1.04 62.25
CA ILE C 147 6.48 2.33 62.57
C ILE C 147 6.99 2.74 63.94
N GLN C 148 7.59 3.93 64.00
CA GLN C 148 8.28 4.35 65.22
C GLN C 148 7.31 4.47 66.38
N THR C 149 7.79 4.12 67.58
CA THR C 149 7.00 4.22 68.79
C THR C 149 7.38 5.43 69.63
N GLY C 150 8.46 6.13 69.29
CA GLY C 150 8.82 7.37 69.92
C GLY C 150 9.96 7.31 70.91
N ARG C 151 10.38 6.11 71.32
CA ARG C 151 11.39 5.96 72.36
C ARG C 151 12.58 5.14 71.86
N CYS C 152 13.78 5.61 72.20
CA CYS C 152 15.01 4.89 71.92
C CYS C 152 15.14 3.67 72.83
N VAL C 153 15.92 2.69 72.38
CA VAL C 153 16.10 1.43 73.09
C VAL C 153 17.48 0.88 72.76
N VAL C 154 17.93 -0.07 73.58
CA VAL C 154 19.26 -0.64 73.43
C VAL C 154 19.16 -1.82 72.47
N TYR C 155 19.76 -1.67 71.29
CA TYR C 155 19.91 -2.80 70.39
C TYR C 155 20.90 -3.81 70.96
N GLU C 156 22.06 -3.34 71.41
CA GLU C 156 23.05 -4.17 72.07
C GLU C 156 24.07 -3.29 72.77
N GLY C 157 24.25 -3.51 74.07
CA GLY C 157 25.19 -2.73 74.85
C GLY C 157 25.05 -1.23 74.66
N ASN C 158 26.11 -0.59 74.15
CA ASN C 158 26.09 0.86 74.00
C ASN C 158 25.11 1.30 72.92
N GLN C 159 24.89 0.46 71.91
CA GLN C 159 24.05 0.86 70.78
C GLN C 159 22.63 1.19 71.26
N LYS C 160 22.13 2.34 70.82
CA LYS C 160 20.79 2.80 71.16
C LYS C 160 20.03 3.07 69.87
N THR C 161 18.97 2.31 69.65
CA THR C 161 18.19 2.38 68.42
C THR C 161 16.74 2.74 68.74
N CYS C 162 16.07 3.32 67.76
CA CYS C 162 14.68 3.72 67.91
C CYS C 162 13.78 2.48 67.89
N GLU C 163 13.05 2.25 68.99
CA GLU C 163 12.08 1.12 69.05
C GLU C 163 11.07 1.32 67.92
N VAL C 164 10.58 0.24 67.33
CA VAL C 164 9.62 0.32 66.19
C VAL C 164 8.67 -0.87 66.23
N SER C 165 7.38 -0.65 65.98
CA SER C 165 6.44 -1.74 65.80
C SER C 165 6.66 -2.33 64.42
N ALA C 166 6.90 -3.62 64.35
CA ALA C 166 7.20 -4.29 63.09
C ALA C 166 7.23 -5.79 63.34
N TRP C 167 7.60 -6.53 62.30
CA TRP C 167 7.94 -7.94 62.46
C TRP C 167 9.33 -8.04 63.06
N CYS C 168 9.45 -8.73 64.19
CA CYS C 168 10.68 -8.70 64.96
C CYS C 168 11.15 -10.12 65.25
N PRO C 169 12.47 -10.37 65.28
CA PRO C 169 13.57 -9.42 65.10
C PRO C 169 13.70 -8.82 63.70
N ILE C 170 14.02 -7.52 63.67
CA ILE C 170 14.16 -6.82 62.41
C ILE C 170 15.28 -7.45 61.59
N GLU C 171 15.15 -7.35 60.26
CA GLU C 171 16.15 -7.89 59.37
C GLU C 171 17.48 -7.17 59.54
N ALA C 172 18.56 -7.94 59.56
CA ALA C 172 19.89 -7.35 59.54
C ALA C 172 20.19 -6.74 58.18
N VAL C 173 20.81 -5.56 58.19
CA VAL C 173 21.28 -4.91 56.98
C VAL C 173 22.57 -5.60 56.57
N GLU C 174 22.47 -6.51 55.61
CA GLU C 174 23.61 -7.30 55.15
C GLU C 174 23.54 -7.44 53.65
N GLU C 175 24.69 -7.39 52.99
CA GLU C 175 24.67 -7.60 51.56
C GLU C 175 24.34 -9.06 51.27
N ALA C 176 24.09 -9.34 50.00
CA ALA C 176 23.80 -10.71 49.65
C ALA C 176 25.05 -11.55 49.83
N PRO C 177 24.91 -12.83 50.17
CA PRO C 177 26.08 -13.68 50.35
C PRO C 177 26.96 -13.72 49.11
N ARG C 178 28.27 -13.75 49.36
CA ARG C 178 29.27 -13.90 48.31
C ARG C 178 30.21 -15.01 48.73
N PRO C 179 30.32 -16.11 47.98
CA PRO C 179 29.61 -16.43 46.74
C PRO C 179 28.14 -16.78 46.93
N ALA C 180 27.38 -16.73 45.85
CA ALA C 180 25.97 -17.07 45.91
C ALA C 180 25.78 -18.51 46.36
N LEU C 181 24.76 -18.73 47.19
CA LEU C 181 24.55 -20.04 47.79
C LEU C 181 24.11 -21.08 46.76
N LEU C 182 23.45 -20.64 45.70
CA LEU C 182 23.04 -21.53 44.63
C LEU C 182 23.80 -21.17 43.36
N ASN C 183 25.11 -20.96 43.51
CA ASN C 183 25.98 -20.71 42.37
C ASN C 183 25.95 -21.88 41.39
N SER C 184 25.69 -23.08 41.89
CA SER C 184 25.55 -24.28 41.06
C SER C 184 24.36 -24.21 40.12
N ALA C 185 23.58 -23.13 40.20
CA ALA C 185 22.42 -22.97 39.32
C ALA C 185 22.80 -22.76 37.87
N GLU C 186 24.05 -22.39 37.58
CA GLU C 186 24.44 -22.25 36.18
C GLU C 186 24.47 -23.60 35.48
N ASN C 187 24.52 -24.66 36.25
CA ASN C 187 24.52 -26.03 35.73
C ASN C 187 23.07 -26.51 35.58
N PHE C 188 22.07 -25.77 36.09
CA PHE C 188 20.68 -26.15 35.90
C PHE C 188 20.30 -26.07 34.44
N THR C 189 19.31 -26.87 34.08
CA THR C 189 18.77 -26.92 32.72
C THR C 189 17.30 -26.59 32.74
N VAL C 190 16.85 -25.86 31.74
CA VAL C 190 15.44 -25.59 31.52
C VAL C 190 15.06 -26.11 30.15
N LEU C 191 13.97 -26.86 30.10
CA LEU C 191 13.35 -27.27 28.85
C LEU C 191 12.18 -26.34 28.58
N ILE C 192 12.19 -25.72 27.40
CA ILE C 192 11.16 -24.78 27.00
C ILE C 192 10.33 -25.43 25.91
N LYS C 193 9.02 -25.56 26.18
CA LYS C 193 8.05 -26.00 25.20
C LYS C 193 7.24 -24.80 24.77
N ASN C 194 7.30 -24.48 23.49
CA ASN C 194 6.64 -23.31 22.93
C ASN C 194 5.66 -23.77 21.87
N ASN C 195 4.38 -23.56 22.13
CA ASN C 195 3.31 -23.81 21.17
C ASN C 195 2.90 -22.48 20.58
N ILE C 196 2.82 -22.41 19.25
CA ILE C 196 2.43 -21.20 18.56
C ILE C 196 1.29 -21.50 17.61
N ASP C 197 0.53 -20.46 17.30
CA ASP C 197 -0.63 -20.54 16.43
C ASP C 197 -0.72 -19.29 15.59
N PHE C 198 -1.26 -19.46 14.39
CA PHE C 198 -1.68 -18.37 13.51
C PHE C 198 -3.15 -18.59 13.22
N PRO C 199 -4.04 -18.07 14.05
CA PRO C 199 -5.46 -18.42 13.91
C PRO C 199 -6.07 -18.02 12.58
N GLY C 200 -5.68 -16.87 12.03
CA GLY C 200 -6.16 -16.50 10.71
C GLY C 200 -5.76 -17.49 9.65
N HIS C 201 -4.49 -17.89 9.66
CA HIS C 201 -3.99 -18.90 8.74
C HIS C 201 -4.34 -20.32 9.19
N ASN C 202 -4.90 -20.48 10.38
CA ASN C 202 -5.27 -21.81 10.93
C ASN C 202 -4.02 -22.71 10.83
N TYR C 203 -2.93 -22.28 11.44
CA TYR C 203 -1.72 -23.07 11.52
C TYR C 203 -1.21 -23.03 12.95
N THR C 204 -0.87 -24.21 13.48
CA THR C 204 -0.20 -24.30 14.76
C THR C 204 0.92 -25.32 14.64
N THR C 205 2.06 -24.97 15.21
CA THR C 205 3.20 -25.86 15.33
C THR C 205 3.78 -25.70 16.72
N ARG C 206 4.79 -26.49 17.01
CA ARG C 206 5.49 -26.40 18.28
C ARG C 206 6.98 -26.59 18.04
N ASN C 207 7.76 -26.11 19.00
CA ASN C 207 9.21 -26.06 18.86
C ASN C 207 9.86 -27.43 18.99
N ILE C 208 9.21 -28.40 19.60
CA ILE C 208 9.72 -29.75 19.71
C ILE C 208 8.98 -30.60 18.70
N LEU C 209 9.70 -31.09 17.71
CA LEU C 209 9.13 -31.94 16.69
C LEU C 209 9.51 -33.39 16.94
N PRO C 210 8.74 -34.33 16.38
CA PRO C 210 9.08 -35.73 16.57
C PRO C 210 10.43 -36.06 15.96
N GLY C 211 11.29 -36.70 16.76
CA GLY C 211 12.61 -37.06 16.34
C GLY C 211 13.70 -36.14 16.85
N LEU C 212 13.33 -34.96 17.34
CA LEU C 212 14.30 -34.08 17.95
C LEU C 212 15.00 -34.81 19.10
N ASN C 213 16.34 -34.74 19.10
CA ASN C 213 17.19 -35.36 20.16
C ASN C 213 16.88 -34.69 21.50
N ILE C 214 16.61 -35.46 22.55
CA ILE C 214 16.16 -34.94 23.83
C ILE C 214 17.26 -34.93 24.88
N THR C 215 18.42 -35.53 24.60
CA THR C 215 19.53 -35.54 25.53
C THR C 215 20.61 -34.53 25.16
N CYS C 216 20.27 -33.54 24.35
CA CYS C 216 21.19 -32.48 23.97
C CYS C 216 20.99 -31.25 24.86
N THR C 217 21.86 -30.28 24.68
CA THR C 217 21.68 -28.93 25.18
C THR C 217 21.90 -27.96 24.03
N PHE C 218 21.23 -26.82 24.11
CA PHE C 218 21.28 -25.84 23.04
C PHE C 218 22.70 -25.36 22.78
N HIS C 219 23.03 -25.25 21.50
CA HIS C 219 24.20 -24.54 21.03
C HIS C 219 23.81 -23.84 19.73
N LYS C 220 24.24 -22.59 19.59
CA LYS C 220 23.75 -21.77 18.47
C LYS C 220 24.16 -22.34 17.12
N THR C 221 25.20 -23.16 17.05
CA THR C 221 25.63 -23.77 15.81
C THR C 221 25.48 -25.28 15.79
N GLN C 222 25.86 -25.96 16.88
CA GLN C 222 25.79 -27.41 16.91
C GLN C 222 24.36 -27.92 17.10
N ASN C 223 23.65 -27.40 18.10
CA ASN C 223 22.28 -27.82 18.41
C ASN C 223 21.41 -26.59 18.59
N PRO C 224 21.17 -25.86 17.51
CA PRO C 224 20.34 -24.65 17.59
C PRO C 224 18.85 -24.91 17.69
N GLN C 225 18.44 -26.18 17.75
CA GLN C 225 17.03 -26.54 17.88
C GLN C 225 16.74 -27.35 19.13
N CYS C 226 17.74 -27.63 19.96
CA CYS C 226 17.48 -28.28 21.22
C CYS C 226 16.82 -27.27 22.15
N PRO C 227 15.64 -27.54 22.69
CA PRO C 227 14.98 -26.54 23.53
C PRO C 227 15.37 -26.66 25.00
N ILE C 228 16.47 -27.34 25.26
CA ILE C 228 17.01 -27.50 26.60
C ILE C 228 18.21 -26.58 26.73
N PHE C 229 18.17 -25.73 27.74
CA PHE C 229 19.14 -24.66 27.89
C PHE C 229 19.81 -24.73 29.25
N ARG C 230 21.14 -24.79 29.24
CA ARG C 230 21.93 -24.54 30.44
C ARG C 230 22.00 -23.04 30.68
N LEU C 231 21.71 -22.63 31.91
CA LEU C 231 21.62 -21.22 32.23
C LEU C 231 22.97 -20.52 32.09
N GLY C 232 24.03 -21.18 32.55
CA GLY C 232 25.35 -20.61 32.37
C GLY C 232 25.69 -20.38 30.92
N ASP C 233 25.25 -21.29 30.05
CA ASP C 233 25.48 -21.11 28.62
C ASP C 233 24.74 -19.90 28.08
N ILE C 234 23.53 -19.65 28.60
CA ILE C 234 22.80 -18.44 28.23
C ILE C 234 23.61 -17.21 28.60
N PHE C 235 24.15 -17.20 29.82
CA PHE C 235 24.91 -16.04 30.26
C PHE C 235 26.21 -15.89 29.47
N ARG C 236 26.86 -16.99 29.11
CA ARG C 236 28.03 -16.90 28.25
C ARG C 236 27.68 -16.29 26.90
N GLU C 237 26.57 -16.74 26.31
CA GLU C 237 26.09 -16.12 25.07
C GLU C 237 25.95 -14.62 25.23
N THR C 238 25.27 -14.18 26.28
CA THR C 238 25.10 -12.76 26.52
C THR C 238 26.38 -12.05 26.93
N GLY C 239 27.44 -12.79 27.26
CA GLY C 239 28.63 -12.20 27.79
C GLY C 239 28.55 -11.82 29.25
N ASP C 240 27.46 -12.17 29.93
CA ASP C 240 27.30 -11.91 31.33
C ASP C 240 27.83 -13.07 32.16
N ASN C 241 28.28 -12.76 33.38
CA ASN C 241 28.90 -13.75 34.30
C ASN C 241 27.83 -14.25 35.28
N PHE C 242 27.50 -15.54 35.29
CA PHE C 242 26.45 -16.08 36.14
C PHE C 242 26.78 -15.92 37.61
N SER C 243 28.05 -16.07 37.97
CA SER C 243 28.43 -16.00 39.38
C SER C 243 28.13 -14.63 39.97
N ASP C 244 28.40 -13.59 39.19
CA ASP C 244 28.18 -12.18 39.63
C ASP C 244 26.68 -11.93 39.74
N VAL C 245 25.89 -12.26 38.71
CA VAL C 245 24.45 -11.99 38.68
C VAL C 245 23.73 -12.80 39.73
N ALA C 246 24.23 -13.99 40.05
CA ALA C 246 23.60 -14.85 41.02
C ALA C 246 23.58 -14.22 42.42
N ILE C 247 24.55 -13.35 42.72
CA ILE C 247 24.63 -12.76 44.05
C ILE C 247 23.43 -11.89 44.32
N GLN C 248 23.24 -10.86 43.48
CA GLN C 248 22.15 -9.91 43.67
C GLN C 248 20.97 -10.19 42.75
N GLY C 249 21.14 -10.99 41.72
CA GLY C 249 20.07 -11.37 40.83
C GLY C 249 20.01 -10.53 39.58
N GLY C 250 19.00 -10.83 38.77
CA GLY C 250 18.81 -10.15 37.51
C GLY C 250 17.67 -10.76 36.73
N ILE C 251 17.54 -10.29 35.49
CA ILE C 251 16.53 -10.76 34.57
C ILE C 251 17.19 -11.06 33.24
N MET C 252 17.00 -12.26 32.73
CA MET C 252 17.49 -12.67 31.44
C MET C 252 16.32 -12.96 30.51
N GLY C 253 16.48 -12.60 29.25
CA GLY C 253 15.50 -12.87 28.22
C GLY C 253 15.93 -14.00 27.32
N ILE C 254 15.02 -14.96 27.14
CA ILE C 254 15.16 -16.01 26.15
C ILE C 254 14.19 -15.67 25.03
N GLU C 255 14.71 -15.12 23.94
CA GLU C 255 13.89 -14.71 22.82
C GLU C 255 13.70 -15.89 21.87
N ILE C 256 12.45 -16.18 21.54
CA ILE C 256 12.11 -17.18 20.54
C ILE C 256 11.46 -16.44 19.38
N TYR C 257 12.15 -16.42 18.25
CA TYR C 257 11.68 -15.73 17.06
C TYR C 257 11.12 -16.75 16.07
N TRP C 258 9.95 -16.45 15.53
CA TRP C 258 9.29 -17.29 14.55
C TRP C 258 9.13 -16.49 13.26
N ASP C 259 10.04 -16.73 12.31
CA ASP C 259 9.86 -16.30 10.92
C ASP C 259 9.31 -17.50 10.18
N CYS C 260 7.99 -17.52 10.00
CA CYS C 260 7.28 -18.70 9.52
C CYS C 260 6.63 -18.38 8.18
N ASN C 261 6.99 -19.16 7.17
CA ASN C 261 6.36 -19.11 5.86
C ASN C 261 5.43 -20.31 5.76
N LEU C 262 4.14 -20.05 5.59
CA LEU C 262 3.13 -21.09 5.55
C LEU C 262 2.69 -21.41 4.14
N ASP C 263 3.44 -20.97 3.14
CA ASP C 263 3.26 -21.46 1.78
C ASP C 263 3.85 -22.86 1.69
N ARG C 264 3.03 -23.82 1.25
CA ARG C 264 3.39 -25.23 1.37
C ARG C 264 4.66 -25.55 0.58
N TRP C 265 4.85 -24.93 -0.58
CA TRP C 265 6.05 -25.21 -1.36
C TRP C 265 7.30 -24.67 -0.68
N PHE C 266 7.20 -23.51 -0.04
CA PHE C 266 8.31 -22.85 0.62
C PHE C 266 8.07 -22.80 2.12
N HIS C 267 7.53 -23.88 2.67
CA HIS C 267 7.10 -23.89 4.06
C HIS C 267 8.29 -24.07 4.98
N HIS C 268 8.36 -23.21 5.99
CA HIS C 268 9.33 -23.34 7.08
C HIS C 268 8.76 -22.61 8.28
N CYS C 269 8.66 -23.31 9.39
CA CYS C 269 8.23 -22.69 10.65
C CYS C 269 9.03 -23.34 11.78
N ARG C 270 10.19 -22.75 12.06
CA ARG C 270 11.05 -23.18 13.15
C ARG C 270 11.46 -21.96 13.97
N PRO C 271 11.79 -22.15 15.24
CA PRO C 271 12.22 -21.03 16.07
C PRO C 271 13.72 -20.78 16.03
N LYS C 272 14.05 -19.50 16.16
CA LYS C 272 15.41 -19.05 16.37
C LYS C 272 15.52 -18.56 17.81
N TYR C 273 16.48 -19.10 18.54
CA TYR C 273 16.66 -18.78 19.95
C TYR C 273 17.81 -17.79 20.11
N SER C 274 17.54 -16.72 20.86
CA SER C 274 18.53 -15.72 21.20
C SER C 274 18.35 -15.34 22.67
N PHE C 275 19.37 -14.70 23.21
CA PHE C 275 19.44 -14.40 24.63
C PHE C 275 19.80 -12.94 24.83
N ARG C 276 19.12 -12.32 25.79
CA ARG C 276 19.28 -10.90 26.06
C ARG C 276 19.04 -10.64 27.54
N ARG C 277 20.03 -10.06 28.21
CA ARG C 277 19.83 -9.60 29.56
C ARG C 277 18.86 -8.43 29.58
N LEU C 278 17.92 -8.46 30.51
CA LEU C 278 16.83 -7.50 30.54
C LEU C 278 16.87 -6.55 31.72
N ASP C 279 17.66 -6.85 32.74
CA ASP C 279 17.83 -5.94 33.86
C ASP C 279 19.02 -5.02 33.58
N ASP C 280 18.89 -3.77 34.00
CA ASP C 280 19.98 -2.82 33.85
C ASP C 280 21.17 -3.25 34.70
N LYS C 281 22.38 -3.15 34.17
CA LYS C 281 23.62 -3.55 34.88
C LYS C 281 24.04 -2.33 35.72
N THR C 282 23.16 -1.85 36.60
CA THR C 282 23.38 -0.68 37.43
C THR C 282 23.83 -1.07 38.84
N THR C 283 24.53 -0.14 39.48
CA THR C 283 24.93 -0.28 40.87
C THR C 283 24.28 0.78 41.76
N ASN C 284 23.26 1.48 41.27
CA ASN C 284 22.61 2.54 42.03
C ASN C 284 21.61 1.91 42.98
N VAL C 285 21.92 1.94 44.28
CA VAL C 285 21.09 1.29 45.27
C VAL C 285 19.70 1.91 45.31
N SER C 286 19.59 3.20 44.97
CA SER C 286 18.27 3.83 44.91
C SER C 286 17.38 3.14 43.89
N LEU C 287 17.96 2.53 42.87
CA LEU C 287 17.20 1.87 41.82
C LEU C 287 16.95 0.41 42.09
N TYR C 288 17.37 -0.11 43.24
CA TYR C 288 17.06 -1.48 43.60
C TYR C 288 17.66 -2.42 42.56
N PRO C 289 18.98 -2.48 42.48
CA PRO C 289 19.61 -3.30 41.44
C PRO C 289 19.42 -4.78 41.68
N GLY C 290 19.48 -5.53 40.59
CA GLY C 290 19.32 -6.96 40.64
C GLY C 290 17.88 -7.42 40.53
N TYR C 291 17.57 -8.48 41.24
CA TYR C 291 16.21 -9.01 41.33
C TYR C 291 16.11 -9.75 42.64
N ASN C 292 15.33 -9.20 43.58
CA ASN C 292 15.09 -9.85 44.85
C ASN C 292 13.67 -9.56 45.28
N PHE C 293 13.17 -10.41 46.17
CA PHE C 293 11.90 -10.18 46.81
C PHE C 293 11.94 -10.83 48.18
N ARG C 294 11.20 -10.25 49.12
CA ARG C 294 11.13 -10.79 50.50
C ARG C 294 9.92 -11.74 50.54
N TYR C 295 10.14 -13.03 50.75
CA TYR C 295 9.08 -14.06 50.79
C TYR C 295 9.04 -14.64 52.20
N ALA C 296 7.88 -14.65 52.86
CA ALA C 296 7.76 -15.09 54.28
C ALA C 296 7.12 -16.46 54.45
N LYS C 297 7.77 -17.39 55.15
CA LYS C 297 7.19 -18.65 55.59
C LYS C 297 6.54 -18.44 56.94
N TYR C 298 5.27 -18.82 57.05
CA TYR C 298 4.51 -18.65 58.28
C TYR C 298 4.32 -20.01 58.94
N TYR C 299 4.51 -20.03 60.26
CA TYR C 299 4.37 -21.26 61.04
C TYR C 299 3.91 -20.88 62.44
N LYS C 300 3.09 -21.73 63.03
CA LYS C 300 2.54 -21.50 64.36
C LYS C 300 3.36 -22.29 65.36
N GLU C 301 4.17 -21.57 66.15
CA GLU C 301 5.04 -22.19 67.19
C GLU C 301 4.78 -21.45 68.51
N ASN C 302 4.46 -22.17 69.58
CA ASN C 302 4.13 -21.58 70.88
C ASN C 302 2.76 -20.91 70.85
N ASN C 303 1.86 -21.40 70.00
CA ASN C 303 0.54 -20.80 69.81
C ASN C 303 0.65 -19.33 69.40
N VAL C 304 1.65 -19.03 68.56
CA VAL C 304 1.85 -17.68 68.03
C VAL C 304 2.17 -17.80 66.55
N GLU C 305 1.65 -16.86 65.77
CA GLU C 305 1.99 -16.78 64.35
C GLU C 305 3.39 -16.21 64.21
N LYS C 306 4.27 -16.99 63.59
CA LYS C 306 5.65 -16.61 63.38
C LYS C 306 5.92 -16.41 61.89
N ARG C 307 7.15 -16.03 61.58
CA ARG C 307 7.55 -15.72 60.22
C ARG C 307 9.03 -16.00 60.08
N THR C 308 9.38 -16.86 59.13
CA THR C 308 10.73 -16.93 58.61
C THR C 308 10.76 -16.09 57.35
N LEU C 309 11.41 -14.95 57.41
CA LEU C 309 11.52 -14.06 56.28
C LEU C 309 12.79 -14.37 55.48
N ILE C 310 12.61 -14.61 54.19
CA ILE C 310 13.70 -14.89 53.28
C ILE C 310 13.75 -13.77 52.25
N LYS C 311 14.89 -13.11 52.15
CA LYS C 311 15.16 -12.22 51.03
C LYS C 311 15.71 -13.06 49.90
N VAL C 312 14.89 -13.25 48.87
CA VAL C 312 15.19 -14.19 47.80
C VAL C 312 15.86 -13.41 46.67
N PHE C 313 17.10 -13.78 46.36
CA PHE C 313 17.79 -13.27 45.19
C PHE C 313 17.79 -14.35 44.13
N GLY C 314 17.71 -13.93 42.88
CA GLY C 314 17.75 -14.88 41.81
C GLY C 314 17.57 -14.21 40.47
N ILE C 315 17.49 -15.05 39.45
CA ILE C 315 17.41 -14.61 38.07
C ILE C 315 16.05 -15.02 37.54
N ARG C 316 15.29 -14.02 37.11
CA ARG C 316 14.04 -14.25 36.39
C ARG C 316 14.35 -14.36 34.91
N PHE C 317 13.88 -15.44 34.31
CA PHE C 317 14.07 -15.68 32.88
C PHE C 317 12.75 -15.41 32.18
N ASP C 318 12.72 -14.33 31.39
CA ASP C 318 11.55 -13.97 30.62
C ASP C 318 11.64 -14.64 29.25
N ILE C 319 10.62 -15.40 28.90
CA ILE C 319 10.56 -16.06 27.60
C ILE C 319 9.80 -15.15 26.65
N LEU C 320 10.53 -14.53 25.73
CA LEU C 320 9.98 -13.55 24.82
C LEU C 320 9.78 -14.24 23.47
N VAL C 321 8.52 -14.40 23.08
CA VAL C 321 8.17 -15.10 21.85
C VAL C 321 7.47 -14.12 20.93
N PHE C 322 8.03 -13.95 19.74
CA PHE C 322 7.53 -13.00 18.77
C PHE C 322 7.76 -13.58 17.39
N GLY C 323 7.04 -13.05 16.42
CA GLY C 323 7.21 -13.48 15.05
C GLY C 323 5.92 -13.35 14.28
N THR C 324 6.01 -13.70 12.99
CA THR C 324 4.92 -13.58 12.05
C THR C 324 4.81 -14.85 11.23
N GLY C 325 3.59 -15.11 10.76
CA GLY C 325 3.33 -16.17 9.83
C GLY C 325 2.71 -15.64 8.56
N GLY C 326 3.37 -15.92 7.43
CA GLY C 326 2.94 -15.41 6.15
C GLY C 326 2.43 -16.53 5.26
N LYS C 327 1.30 -16.26 4.63
CA LYS C 327 0.76 -17.09 3.57
C LYS C 327 0.32 -16.18 2.43
N PHE C 328 0.44 -16.69 1.21
CA PHE C 328 0.13 -15.89 0.04
C PHE C 328 -1.30 -15.36 0.10
N ASP C 329 -1.46 -14.07 -0.16
CA ASP C 329 -2.75 -13.42 -0.24
C ASP C 329 -2.84 -12.69 -1.57
N ILE C 330 -3.92 -12.95 -2.31
CA ILE C 330 -4.08 -12.33 -3.63
C ILE C 330 -4.22 -10.82 -3.49
N ILE C 331 -4.98 -10.36 -2.50
CA ILE C 331 -5.25 -8.94 -2.35
C ILE C 331 -3.96 -8.17 -2.08
N GLN C 332 -3.09 -8.71 -1.23
CA GLN C 332 -1.83 -8.04 -0.93
C GLN C 332 -0.97 -7.89 -2.17
N LEU C 333 -0.87 -8.97 -2.96
CA LEU C 333 -0.10 -8.92 -4.19
C LEU C 333 -0.70 -7.92 -5.18
N VAL C 334 -2.02 -7.90 -5.31
CA VAL C 334 -2.67 -6.96 -6.21
C VAL C 334 -2.36 -5.53 -5.78
N VAL C 335 -2.47 -5.25 -4.49
CA VAL C 335 -2.17 -3.92 -3.97
C VAL C 335 -0.73 -3.54 -4.27
N TYR C 336 0.21 -4.46 -4.05
CA TYR C 336 1.62 -4.16 -4.31
C TYR C 336 1.86 -3.88 -5.78
N ILE C 337 1.32 -4.73 -6.65
CA ILE C 337 1.53 -4.53 -8.09
C ILE C 337 0.95 -3.20 -8.52
N GLY C 338 -0.24 -2.88 -8.06
CA GLY C 338 -0.82 -1.59 -8.39
C GLY C 338 -0.01 -0.42 -7.86
N SER C 339 0.60 -0.59 -6.69
CA SER C 339 1.48 0.44 -6.15
C SER C 339 2.79 0.53 -6.92
N THR C 340 3.12 -0.47 -7.72
CA THR C 340 4.36 -0.44 -8.50
C THR C 340 4.16 -0.08 -9.96
N LEU C 341 2.92 -0.10 -10.46
CA LEU C 341 2.69 0.01 -11.89
C LEU C 341 3.07 1.40 -12.42
N SER C 342 2.77 2.46 -11.66
CA SER C 342 3.06 3.81 -12.12
C SER C 342 4.55 4.08 -12.27
N TYR C 343 5.41 3.27 -11.67
CA TYR C 343 6.84 3.49 -11.81
C TYR C 343 7.34 3.18 -13.21
N PHE C 344 6.58 2.41 -13.98
CA PHE C 344 6.97 2.08 -15.34
C PHE C 344 6.73 3.23 -16.31
N GLY C 345 5.91 4.19 -15.93
CA GLY C 345 5.74 5.41 -16.69
C GLY C 345 6.76 6.48 -16.43
N LEU C 346 7.74 6.22 -15.57
CA LEU C 346 8.77 7.21 -15.29
C LEU C 346 9.80 7.28 -16.41
N ALA C 347 9.99 6.19 -17.16
CA ALA C 347 10.81 6.26 -18.35
C ALA C 347 10.23 7.25 -19.36
N ALA C 348 8.92 7.16 -19.58
CA ALA C 348 8.27 8.11 -20.46
C ALA C 348 8.36 9.53 -19.93
N VAL C 349 8.14 9.70 -18.62
CA VAL C 349 8.25 11.03 -18.03
C VAL C 349 9.64 11.60 -18.26
N PHE C 350 10.67 10.79 -18.02
CA PHE C 350 12.05 11.25 -18.14
C PHE C 350 12.39 11.59 -19.59
N ILE C 351 12.04 10.70 -20.52
CA ILE C 351 12.39 10.93 -21.91
C ILE C 351 11.61 12.11 -22.49
N ASP C 352 10.35 12.27 -22.08
CA ASP C 352 9.58 13.42 -22.52
C ASP C 352 10.14 14.71 -21.94
N PHE C 353 10.63 14.66 -20.71
CA PHE C 353 11.32 15.82 -20.14
C PHE C 353 12.57 16.15 -20.95
N LEU C 354 13.32 15.13 -21.36
CA LEU C 354 14.49 15.36 -22.19
C LEU C 354 14.11 15.97 -23.53
N ILE C 355 13.05 15.47 -24.16
CA ILE C 355 12.60 16.02 -25.42
C ILE C 355 12.17 17.46 -25.24
N ASP C 356 11.49 17.77 -24.14
CA ASP C 356 10.99 19.11 -23.91
C ASP C 356 12.13 20.09 -23.64
N THR C 357 13.17 19.71 -22.91
CA THR C 357 14.29 20.58 -22.59
C THR C 357 15.18 20.79 -23.80
N TYR C 358 15.65 19.69 -24.40
CA TYR C 358 16.58 19.74 -25.51
C TYR C 358 15.95 20.33 -26.77
N SER C 359 14.64 20.51 -26.80
CA SER C 359 14.00 21.23 -27.88
C SER C 359 14.16 22.74 -27.69
N SER C 360 14.40 23.15 -26.45
CA SER C 360 14.59 24.56 -26.14
C SER C 360 15.79 25.09 -26.92
N ASN C 361 15.62 26.24 -27.56
CA ASN C 361 16.67 26.84 -28.36
C ASN C 361 17.87 27.22 -27.50
N CYS C 362 17.61 27.49 -26.23
CA CYS C 362 18.66 27.84 -25.31
C CYS C 362 19.77 26.80 -25.24
N CYS C 363 19.36 25.55 -25.46
CA CYS C 363 20.28 24.44 -25.41
C CYS C 363 21.27 24.43 -26.56
N ARG C 364 20.95 25.23 -27.58
CA ARG C 364 21.84 25.38 -28.73
C ARG C 364 22.56 26.71 -28.97
N SER C 365 21.94 27.79 -28.54
CA SER C 365 22.56 29.10 -28.68
C SER C 365 23.74 29.25 -27.72
N HIS C 366 23.62 28.67 -26.53
CA HIS C 366 24.65 28.85 -25.47
C HIS C 366 25.29 27.53 -25.06
N ILE C 367 24.50 26.49 -24.78
CA ILE C 367 25.05 25.27 -24.16
C ILE C 367 25.96 24.54 -25.15
N TYR C 368 25.42 24.16 -26.31
CA TYR C 368 26.19 23.36 -27.25
C TYR C 368 27.51 24.01 -27.64
N PRO C 369 27.58 25.31 -27.91
CA PRO C 369 28.91 25.93 -28.14
C PRO C 369 29.88 25.68 -27.01
N TRP C 370 29.41 25.68 -25.76
CA TRP C 370 30.27 25.36 -24.63
C TRP C 370 30.47 23.85 -24.56
N CYS C 371 29.41 23.11 -24.23
CA CYS C 371 29.45 21.67 -24.22
C CYS C 371 29.06 21.06 -25.56
N LYS C 372 30.08 20.81 -26.37
CA LYS C 372 29.89 20.33 -27.72
C LYS C 372 29.59 18.83 -27.78
N CYS C 373 29.48 18.21 -26.61
CA CYS C 373 29.16 16.82 -26.52
C CYS C 373 27.66 16.54 -26.65
N CYS C 374 26.89 17.60 -26.41
CA CYS C 374 25.46 17.51 -26.38
C CYS C 374 24.74 17.92 -27.66
N GLN C 375 25.53 18.34 -28.65
CA GLN C 375 24.98 18.83 -29.91
C GLN C 375 24.07 17.82 -30.61
N PRO C 376 24.43 16.52 -30.59
CA PRO C 376 23.58 15.52 -31.24
C PRO C 376 22.20 15.39 -30.61
N CYS C 377 21.97 16.12 -29.53
CA CYS C 377 20.71 16.12 -28.87
C CYS C 377 19.76 17.19 -29.38
N VAL C 378 20.12 17.69 -30.56
CA VAL C 378 19.35 18.70 -31.26
C VAL C 378 18.18 18.05 -32.00
N VAL C 379 18.23 16.72 -32.09
CA VAL C 379 17.15 15.95 -32.69
C VAL C 379 15.86 16.07 -31.90
N ASN C 380 15.96 16.47 -30.64
CA ASN C 380 14.76 16.67 -29.82
C ASN C 380 13.91 17.81 -30.33
N GLU C 381 14.48 18.74 -31.09
CA GLU C 381 13.67 19.74 -31.77
C GLU C 381 12.69 19.08 -32.73
N TYR C 382 13.20 18.16 -33.57
CA TYR C 382 12.34 17.40 -34.47
C TYR C 382 11.34 16.55 -33.71
N TYR C 383 11.80 15.90 -32.64
CA TYR C 383 10.89 15.07 -31.86
C TYR C 383 9.76 15.89 -31.25
N TYR C 384 10.09 17.05 -30.68
CA TYR C 384 9.09 17.92 -30.08
C TYR C 384 8.13 18.48 -31.12
N ARG C 385 8.65 18.84 -32.30
CA ARG C 385 7.79 19.29 -33.38
C ARG C 385 6.81 18.20 -33.79
N LYS C 386 7.27 16.95 -33.84
CA LYS C 386 6.39 15.84 -34.19
C LYS C 386 5.51 15.38 -33.03
N LYS C 387 5.78 15.83 -31.81
CA LYS C 387 5.09 15.35 -30.62
C LYS C 387 4.04 16.34 -30.10
N CYS C 388 4.39 17.62 -30.03
CA CYS C 388 3.55 18.61 -29.36
C CYS C 388 3.04 19.63 -30.36
N GLU C 389 1.74 19.92 -30.27
CA GLU C 389 1.11 21.00 -31.02
C GLU C 389 0.59 22.01 -30.02
N SER C 390 1.01 23.26 -30.16
CA SER C 390 0.62 24.33 -29.25
C SER C 390 -0.55 25.10 -29.83
N ILE C 391 -1.59 25.29 -29.02
CA ILE C 391 -2.77 26.04 -29.40
C ILE C 391 -3.05 27.09 -28.32
N VAL C 392 -3.72 28.15 -28.72
CA VAL C 392 -4.04 29.25 -27.84
C VAL C 392 -5.53 29.21 -27.52
N GLU C 393 -5.88 29.81 -26.39
CA GLU C 393 -7.28 29.95 -26.02
C GLU C 393 -7.96 30.90 -27.00
N PRO C 394 -9.00 30.47 -27.72
CA PRO C 394 -9.65 31.37 -28.69
C PRO C 394 -10.56 32.40 -28.03
N LYS C 395 -9.96 33.43 -27.58
CA LYS C 395 -10.64 34.51 -26.88
C LYS C 395 -11.14 35.56 -27.88
N PRO C 396 -12.20 36.29 -27.52
CA PRO C 396 -12.68 37.35 -28.43
C PRO C 396 -11.63 38.42 -28.69
N THR C 397 -10.73 38.64 -27.76
CA THR C 397 -9.64 39.60 -27.93
C THR C 397 -8.51 39.07 -28.79
N LEU C 398 -8.55 37.79 -29.17
CA LEU C 398 -7.45 37.21 -29.92
C LEU C 398 -7.47 37.72 -31.36
N LYS C 399 -6.33 38.25 -31.80
CA LYS C 399 -6.17 38.76 -33.14
C LYS C 399 -4.75 38.48 -33.59
N TYR C 400 -4.60 38.08 -34.84
CA TYR C 400 -3.30 37.82 -35.44
C TYR C 400 -3.04 38.84 -36.54
N VAL C 401 -1.80 39.33 -36.58
CA VAL C 401 -1.41 40.40 -37.49
C VAL C 401 -0.13 39.98 -38.20
N SER C 402 -0.11 40.16 -39.52
CA SER C 402 1.06 39.84 -40.34
C SER C 402 1.44 41.08 -41.14
N PHE C 403 2.73 41.41 -41.11
CA PHE C 403 3.29 42.48 -41.92
C PHE C 403 4.22 41.89 -42.95
N VAL C 404 4.05 42.30 -44.21
CA VAL C 404 4.83 41.73 -45.30
C VAL C 404 6.32 41.98 -45.13
N ASP C 405 6.69 43.03 -44.41
CA ASP C 405 8.09 43.36 -44.17
C ASP C 405 8.67 42.63 -42.96
N GLU C 406 7.91 41.71 -42.37
CA GLU C 406 8.38 40.91 -41.25
C GLU C 406 8.23 39.44 -41.58
N SER C 407 9.13 38.64 -41.05
CA SER C 407 9.14 37.19 -41.30
C SER C 407 8.31 36.42 -40.29
N HIS C 408 7.74 37.09 -39.31
CA HIS C 408 6.99 36.45 -38.24
C HIS C 408 5.58 37.04 -38.19
N ILE C 409 4.75 36.49 -37.30
CA ILE C 409 3.37 36.90 -37.14
C ILE C 409 3.15 37.32 -35.69
N ARG C 410 2.35 38.37 -35.49
CA ARG C 410 2.09 38.92 -34.17
C ARG C 410 0.71 38.50 -33.69
N MET C 411 0.66 38.01 -32.45
CA MET C 411 -0.62 37.62 -31.81
C MET C 411 -1.00 38.76 -30.87
N VAL C 412 -2.20 39.32 -31.01
CA VAL C 412 -2.69 40.44 -30.21
C VAL C 412 -3.92 39.94 -29.47
N ASN C 413 -3.69 39.38 -28.28
CA ASN C 413 -4.77 39.06 -27.35
C ASN C 413 -4.89 40.16 -26.30
N GLN C 414 -5.15 41.37 -26.79
CA GLN C 414 -5.11 42.57 -25.97
C GLN C 414 -6.12 43.57 -26.53
N GLN C 415 -6.97 44.09 -25.65
CA GLN C 415 -7.99 45.03 -26.08
C GLN C 415 -7.36 46.28 -26.67
N LEU C 416 -7.99 46.82 -27.71
CA LEU C 416 -7.53 48.04 -28.37
C LEU C 416 -8.20 49.21 -27.68
N LEU C 417 -7.45 49.92 -26.84
CA LEU C 417 -7.96 51.06 -26.10
C LEU C 417 -7.89 52.31 -26.97
N GLY C 418 -8.63 52.26 -28.08
CA GLY C 418 -8.57 53.32 -29.07
C GLY C 418 -7.27 53.40 -29.84
N ARG C 419 -6.37 52.42 -29.65
CA ARG C 419 -5.08 52.42 -30.31
C ARG C 419 -5.17 51.69 -31.63
N SER C 420 -4.50 52.24 -32.65
CA SER C 420 -4.42 51.56 -33.93
C SER C 420 -3.79 50.19 -33.75
N LEU C 421 -4.41 49.17 -34.36
CA LEU C 421 -3.84 47.83 -34.32
C LEU C 421 -2.45 47.77 -34.93
N GLN C 422 -2.12 48.72 -35.81
CA GLN C 422 -0.76 48.81 -36.31
C GLN C 422 0.23 49.15 -35.20
N ASP C 423 -0.20 49.98 -34.25
CA ASP C 423 0.68 50.39 -33.17
C ASP C 423 0.72 49.37 -32.05
N VAL C 424 -0.37 48.62 -31.87
CA VAL C 424 -0.38 47.54 -30.88
C VAL C 424 0.50 46.41 -31.41
N LYS C 425 1.62 46.18 -30.75
CA LYS C 425 2.53 45.09 -31.08
C LYS C 425 2.44 44.03 -29.99
N GLY C 426 1.97 42.84 -30.36
CA GLY C 426 1.90 41.72 -29.45
C GLY C 426 3.10 40.80 -29.59
N GLN C 427 3.01 39.67 -28.91
CA GLN C 427 4.11 38.72 -28.93
C GLN C 427 4.21 38.05 -30.29
N GLU C 428 5.43 37.75 -30.69
CA GLU C 428 5.68 37.20 -32.01
C GLU C 428 5.42 35.70 -32.00
N VAL C 429 4.83 35.20 -33.08
CA VAL C 429 4.68 33.77 -33.30
C VAL C 429 5.21 33.45 -34.69
N PRO C 430 5.76 32.26 -34.92
CA PRO C 430 6.30 31.95 -36.25
C PRO C 430 5.24 31.43 -37.19
N ARG C 431 5.28 31.90 -38.43
CA ARG C 431 4.33 31.45 -39.43
C ARG C 431 4.56 29.97 -39.73
N PRO C 432 3.51 29.13 -39.70
CA PRO C 432 3.70 27.73 -40.07
C PRO C 432 4.35 27.60 -41.45
N ALA C 433 5.55 27.03 -41.49
CA ALA C 433 6.35 26.99 -42.71
C ALA C 433 5.98 25.77 -43.55
N MET C 434 4.74 25.79 -44.05
CA MET C 434 4.28 24.74 -44.94
C MET C 434 4.85 24.91 -46.34
N ASP C 435 4.96 26.15 -46.82
CA ASP C 435 5.48 26.43 -48.14
C ASP C 435 4.68 25.71 -49.22
N SER C 473 -2.56 57.01 -47.00
CA SER C 473 -2.73 58.39 -46.57
C SER C 473 -2.72 58.51 -45.04
N PRO C 474 -3.54 57.70 -44.34
CA PRO C 474 -3.54 57.78 -42.87
C PRO C 474 -2.15 57.70 -42.26
N VAL C 475 -2.04 58.12 -41.00
CA VAL C 475 -0.74 58.19 -40.35
C VAL C 475 -0.17 56.79 -40.14
N TRP C 476 -1.03 55.80 -39.86
CA TRP C 476 -0.59 54.46 -39.58
C TRP C 476 -0.38 53.62 -40.84
N CYS C 477 -0.58 54.19 -42.02
CA CYS C 477 -0.35 53.49 -43.27
C CYS C 477 1.05 53.78 -43.79
N GLN C 478 1.78 52.71 -44.12
CA GLN C 478 3.17 52.82 -44.65
C GLN C 478 3.20 52.31 -46.09
N CYS C 479 2.05 52.18 -46.77
CA CYS C 479 2.01 51.73 -48.15
C CYS C 479 1.21 52.63 -49.08
N GLY C 480 0.50 53.63 -48.55
CA GLY C 480 -0.22 54.57 -49.40
C GLY C 480 -1.33 53.95 -50.21
N SER C 481 -2.01 52.93 -49.66
CA SER C 481 -3.14 52.33 -50.34
C SER C 481 -4.27 51.99 -49.35
N CYS C 482 -4.12 52.37 -48.08
CA CYS C 482 -5.13 52.09 -47.07
C CYS C 482 -6.08 53.27 -46.93
N LEU C 483 -7.29 52.97 -46.50
CA LEU C 483 -8.34 53.95 -46.28
C LEU C 483 -8.79 53.91 -44.82
N PRO C 484 -9.37 54.99 -44.31
CA PRO C 484 -9.84 54.98 -42.92
C PRO C 484 -11.02 54.06 -42.73
N SER C 485 -11.19 53.59 -41.51
CA SER C 485 -12.27 52.65 -41.20
C SER C 485 -13.61 53.37 -41.14
N GLN C 486 -14.65 52.71 -41.68
CA GLN C 486 -15.99 53.25 -41.72
C GLN C 486 -16.88 52.57 -40.67
N LEU C 487 -16.29 52.01 -39.63
CA LEU C 487 -17.02 51.39 -38.54
C LEU C 487 -17.33 52.41 -37.47
N PRO C 488 -18.10 52.05 -36.45
CA PRO C 488 -18.24 52.93 -35.29
C PRO C 488 -16.88 53.18 -34.65
N GLU C 489 -16.68 54.41 -34.18
CA GLU C 489 -15.37 54.81 -33.68
C GLU C 489 -14.86 53.86 -32.60
N SER C 490 -15.75 53.29 -31.81
CA SER C 490 -15.32 52.35 -30.77
C SER C 490 -14.62 51.15 -31.37
N HIS C 491 -15.14 50.62 -32.48
CA HIS C 491 -14.58 49.45 -33.13
C HIS C 491 -13.78 49.80 -34.38
N ARG C 492 -13.44 51.07 -34.58
CA ARG C 492 -12.71 51.47 -35.78
C ARG C 492 -11.23 51.11 -35.69
N CYS C 493 -10.67 51.09 -34.47
CA CYS C 493 -9.24 50.84 -34.31
C CYS C 493 -8.84 49.45 -34.78
N LEU C 494 -9.79 48.52 -34.85
CA LEU C 494 -9.48 47.17 -35.29
C LEU C 494 -8.98 47.16 -36.73
N GLU C 495 -9.63 47.92 -37.61
CA GLU C 495 -9.27 47.96 -39.02
C GLU C 495 -8.19 48.98 -39.33
N GLU C 496 -7.66 49.67 -38.32
CA GLU C 496 -6.56 50.61 -38.51
C GLU C 496 -5.22 49.87 -38.51
N LEU C 497 -5.09 48.98 -39.50
CA LEU C 497 -3.91 48.17 -39.67
C LEU C 497 -3.46 48.22 -41.12
N CYS C 498 -2.15 48.27 -41.31
CA CYS C 498 -1.53 48.33 -42.63
C CYS C 498 -0.82 47.01 -42.92
N CYS C 499 -0.60 46.76 -44.21
CA CYS C 499 0.05 45.53 -44.64
C CYS C 499 1.53 45.48 -44.28
N ARG C 500 2.15 46.63 -43.97
CA ARG C 500 3.61 46.67 -43.71
C ARG C 500 3.96 47.65 -42.59
N LYS C 501 4.91 47.29 -41.72
CA LYS C 501 5.32 48.09 -40.58
C LYS C 501 6.16 49.31 -40.96
N LYS C 502 6.82 49.27 -42.11
CA LYS C 502 7.71 50.33 -42.57
C LYS C 502 7.35 50.70 -44.00
N PRO C 503 7.78 51.89 -44.46
CA PRO C 503 7.39 52.33 -45.80
C PRO C 503 7.85 51.34 -46.87
N GLY C 504 7.02 51.18 -47.89
CA GLY C 504 7.32 50.26 -48.96
C GLY C 504 6.12 50.06 -49.85
N ALA C 505 6.23 49.08 -50.73
CA ALA C 505 5.16 48.76 -51.67
C ALA C 505 4.09 47.94 -50.99
N CYS C 506 2.84 48.23 -51.33
CA CYS C 506 1.72 47.49 -50.78
C CYS C 506 1.70 46.06 -51.29
N ILE C 507 1.28 45.13 -50.44
CA ILE C 507 1.13 43.75 -50.85
C ILE C 507 0.06 43.60 -51.91
N THR C 508 -0.84 44.58 -52.03
CA THR C 508 -1.83 44.53 -53.09
C THR C 508 -1.19 44.59 -54.47
N THR C 509 -0.02 45.22 -54.58
CA THR C 509 0.69 45.28 -55.84
C THR C 509 1.34 43.97 -56.22
N SER C 510 1.39 43.02 -55.29
CA SER C 510 1.97 41.71 -55.58
C SER C 510 1.11 40.98 -56.62
N GLU C 511 1.78 40.20 -57.46
CA GLU C 511 1.06 39.39 -58.43
C GLU C 511 0.13 38.41 -57.73
N LEU C 512 0.64 37.71 -56.73
CA LEU C 512 -0.15 36.68 -56.05
C LEU C 512 -1.39 37.25 -55.37
N PHE C 513 -1.39 38.53 -54.98
CA PHE C 513 -2.60 39.10 -54.46
C PHE C 513 -3.70 39.15 -55.52
N ARG C 514 -3.33 39.50 -56.74
CA ARG C 514 -4.32 39.57 -57.82
C ARG C 514 -4.68 38.20 -58.37
N LYS C 515 -3.81 37.20 -58.23
CA LYS C 515 -4.13 35.87 -58.74
C LYS C 515 -4.86 35.00 -57.72
N LEU C 516 -4.51 35.12 -56.44
CA LEU C 516 -5.10 34.29 -55.40
C LEU C 516 -6.35 34.91 -54.79
N VAL C 517 -6.31 36.20 -54.49
CA VAL C 517 -7.31 36.85 -53.66
C VAL C 517 -8.36 37.54 -54.51
N LEU C 518 -7.96 38.09 -55.64
CA LEU C 518 -8.84 38.90 -56.48
C LEU C 518 -9.27 38.21 -57.78
N SER C 519 -8.89 36.96 -58.00
CA SER C 519 -9.26 36.26 -59.21
C SER C 519 -10.64 35.66 -59.04
N ARG C 520 -11.59 36.06 -59.90
CA ARG C 520 -12.93 35.51 -59.80
C ARG C 520 -12.93 34.00 -59.99
N HIS C 521 -12.09 33.50 -60.90
CA HIS C 521 -12.07 32.06 -61.18
C HIS C 521 -11.71 31.27 -59.93
N VAL C 522 -10.68 31.72 -59.20
CA VAL C 522 -10.24 30.98 -58.02
C VAL C 522 -11.36 30.91 -57.00
N LEU C 523 -11.99 32.05 -56.71
CA LEU C 523 -13.03 32.08 -55.69
C LEU C 523 -14.24 31.29 -56.14
N GLN C 524 -14.65 31.44 -57.39
CA GLN C 524 -15.77 30.65 -57.90
C GLN C 524 -15.49 29.16 -57.82
N PHE C 525 -14.27 28.74 -58.15
CA PHE C 525 -13.91 27.34 -57.99
C PHE C 525 -14.01 26.91 -56.54
N LEU C 526 -13.53 27.74 -55.62
CA LEU C 526 -13.59 27.38 -54.21
C LEU C 526 -15.02 27.28 -53.71
N LEU C 527 -15.91 28.15 -54.22
CA LEU C 527 -17.30 28.08 -53.80
C LEU C 527 -18.01 26.87 -54.39
N LEU C 528 -17.75 26.58 -55.66
CA LEU C 528 -18.38 25.42 -56.31
C LEU C 528 -17.87 24.11 -55.75
N TYR C 529 -16.60 24.07 -55.31
CA TYR C 529 -16.05 22.85 -54.74
C TYR C 529 -16.89 22.35 -53.57
N GLN C 530 -17.49 23.25 -52.82
CA GLN C 530 -18.38 22.89 -51.72
C GLN C 530 -19.83 22.82 -52.15
N GLU C 531 -20.26 23.70 -53.07
CA GLU C 531 -21.63 23.75 -53.56
C GLU C 531 -21.58 23.71 -55.07
N PRO C 532 -21.45 22.51 -55.65
CA PRO C 532 -21.23 22.42 -57.10
C PRO C 532 -22.30 23.10 -57.94
N LEU C 533 -23.56 22.99 -57.55
CA LEU C 533 -24.67 23.50 -58.34
C LEU C 533 -25.17 24.85 -57.84
N LEU C 534 -24.35 25.55 -57.05
CA LEU C 534 -24.77 26.81 -56.46
C LEU C 534 -25.05 27.84 -57.55
N ALA C 535 -26.11 28.62 -57.34
CA ALA C 535 -26.44 29.73 -58.21
C ALA C 535 -27.11 30.80 -57.35
N LEU C 536 -26.53 32.00 -57.32
CA LEU C 536 -26.98 33.06 -56.44
C LEU C 536 -27.08 34.37 -57.22
N ASP C 537 -27.88 35.28 -56.69
CA ASP C 537 -27.94 36.62 -57.24
C ASP C 537 -26.55 37.26 -57.20
N VAL C 538 -26.38 38.31 -58.01
CA VAL C 538 -25.06 38.92 -58.14
C VAL C 538 -24.58 39.46 -56.80
N ASP C 539 -25.50 40.04 -56.01
CA ASP C 539 -25.09 40.60 -54.72
C ASP C 539 -24.67 39.50 -53.76
N SER C 540 -25.46 38.43 -53.67
CA SER C 540 -25.09 37.32 -52.80
C SER C 540 -23.78 36.67 -53.24
N THR C 541 -23.62 36.48 -54.55
CA THR C 541 -22.37 35.92 -55.05
C THR C 541 -21.20 36.84 -54.71
N ASN C 542 -21.38 38.15 -54.87
CA ASN C 542 -20.31 39.09 -54.55
C ASN C 542 -19.94 39.02 -53.07
N SER C 543 -20.94 38.90 -52.20
CA SER C 543 -20.66 38.73 -50.78
C SER C 543 -19.87 37.46 -50.52
N ARG C 544 -20.25 36.36 -51.19
CA ARG C 544 -19.52 35.11 -51.01
C ARG C 544 -18.07 35.23 -51.48
N LEU C 545 -17.86 35.89 -52.62
CA LEU C 545 -16.49 36.09 -53.10
C LEU C 545 -15.70 37.01 -52.18
N ARG C 546 -16.35 38.01 -51.59
CA ARG C 546 -15.67 38.87 -50.64
C ARG C 546 -15.21 38.07 -49.42
N HIS C 547 -16.09 37.22 -48.90
CA HIS C 547 -15.72 36.36 -47.78
C HIS C 547 -14.58 35.42 -48.17
N CYS C 548 -14.68 34.82 -49.36
CA CYS C 548 -13.65 33.89 -49.80
C CYS C 548 -12.33 34.60 -50.03
N ALA C 549 -12.35 35.87 -50.42
CA ALA C 549 -11.13 36.64 -50.60
C ALA C 549 -10.46 36.97 -49.27
N TYR C 550 -11.25 37.39 -48.29
CA TYR C 550 -10.70 37.53 -46.94
C TYR C 550 -10.06 36.21 -46.51
N ARG C 551 -10.79 35.09 -46.74
CA ARG C 551 -10.29 33.77 -46.39
C ARG C 551 -8.97 33.47 -47.07
N CYS C 552 -8.89 33.77 -48.37
CA CYS C 552 -7.67 33.46 -49.13
C CYS C 552 -6.50 34.28 -48.64
N TYR C 553 -6.69 35.58 -48.38
CA TYR C 553 -5.59 36.37 -47.84
C TYR C 553 -5.14 35.83 -46.49
N ALA C 554 -6.11 35.52 -45.62
CA ALA C 554 -5.76 35.06 -44.28
C ALA C 554 -5.03 33.72 -44.33
N THR C 555 -5.50 32.80 -45.17
CA THR C 555 -4.82 31.52 -45.32
C THR C 555 -3.43 31.68 -45.92
N TRP C 556 -3.29 32.56 -46.91
CA TRP C 556 -2.01 32.76 -47.57
C TRP C 556 -0.98 33.34 -46.63
N ARG C 557 -1.37 34.32 -45.82
CA ARG C 557 -0.40 35.03 -45.00
C ARG C 557 -0.26 34.47 -43.59
N PHE C 558 -1.23 33.69 -43.13
CA PHE C 558 -1.19 33.09 -41.80
C PHE C 558 -1.17 31.57 -41.82
N GLY C 559 -1.72 30.95 -42.85
CA GLY C 559 -1.67 29.51 -42.98
C GLY C 559 -2.78 28.78 -42.25
N SER C 560 -2.45 28.25 -41.08
CA SER C 560 -3.40 27.44 -40.32
C SER C 560 -4.67 28.22 -40.04
N GLN C 561 -5.81 27.54 -40.13
CA GLN C 561 -7.08 28.16 -39.82
C GLN C 561 -7.16 28.59 -38.36
N ASP C 562 -6.26 28.06 -37.52
CA ASP C 562 -6.20 28.51 -36.14
C ASP C 562 -5.84 29.99 -36.05
N MET C 563 -4.92 30.44 -36.90
CA MET C 563 -4.57 31.85 -37.01
C MET C 563 -5.46 32.59 -37.98
N ALA C 564 -5.77 31.99 -39.13
CA ALA C 564 -6.57 32.68 -40.14
C ALA C 564 -7.97 32.97 -39.64
N ASP C 565 -8.48 32.17 -38.70
CA ASP C 565 -9.79 32.44 -38.13
C ASP C 565 -9.79 33.77 -37.39
N PHE C 566 -8.72 34.06 -36.66
CA PHE C 566 -8.59 35.27 -35.87
C PHE C 566 -7.69 36.30 -36.51
N ALA C 567 -7.32 36.11 -37.77
CA ALA C 567 -6.50 37.09 -38.47
C ALA C 567 -7.27 38.37 -38.69
N ILE C 568 -6.53 39.44 -38.95
CA ILE C 568 -7.11 40.75 -39.28
C ILE C 568 -6.52 41.19 -40.61
N LEU C 569 -7.40 41.44 -41.58
CA LEU C 569 -6.93 41.88 -42.88
C LEU C 569 -6.44 43.32 -42.81
N PRO C 570 -5.36 43.64 -43.52
CA PRO C 570 -4.98 45.05 -43.64
C PRO C 570 -6.04 45.85 -44.38
N SER C 571 -6.08 47.14 -44.06
CA SER C 571 -7.08 48.00 -44.70
C SER C 571 -6.91 48.03 -46.21
N CYS C 572 -5.66 48.04 -46.68
CA CYS C 572 -5.43 48.05 -48.11
C CYS C 572 -6.05 46.83 -48.78
N CYS C 573 -5.73 45.63 -48.29
CA CYS C 573 -6.30 44.40 -48.83
C CYS C 573 -7.80 44.38 -48.65
N ARG C 574 -8.28 44.79 -47.47
CA ARG C 574 -9.71 44.80 -47.20
C ARG C 574 -10.46 45.60 -48.25
N TRP C 575 -10.02 46.83 -48.50
CA TRP C 575 -10.75 47.71 -49.38
C TRP C 575 -10.51 47.40 -50.85
N ARG C 576 -9.35 46.82 -51.20
CA ARG C 576 -9.18 46.31 -52.55
C ARG C 576 -10.16 45.16 -52.81
N ILE C 577 -10.31 44.26 -51.86
CA ILE C 577 -11.25 43.15 -52.00
C ILE C 577 -12.67 43.70 -52.13
N ARG C 578 -13.03 44.65 -51.27
CA ARG C 578 -14.36 45.23 -51.32
C ARG C 578 -14.58 46.05 -52.58
N LYS C 579 -13.52 46.54 -53.22
CA LYS C 579 -13.65 47.19 -54.51
C LYS C 579 -13.87 46.18 -55.63
N GLU C 580 -13.22 45.02 -55.53
CA GLU C 580 -13.33 43.93 -56.54
C GLU C 580 -14.68 43.24 -56.38
N PHE C 581 -15.21 43.15 -55.15
CA PHE C 581 -16.49 42.52 -54.87
C PHE C 581 -17.32 43.42 -53.94
N PRO C 582 -17.70 44.60 -54.40
CA PRO C 582 -18.51 45.48 -53.55
C PRO C 582 -19.92 44.93 -53.36
N LYS C 583 -20.52 45.31 -52.24
CA LYS C 583 -21.92 45.01 -51.98
C LYS C 583 -22.80 46.10 -52.55
N SER C 584 -24.01 45.71 -52.97
CA SER C 584 -24.91 46.67 -53.62
C SER C 584 -25.27 47.81 -52.68
N GLU C 585 -25.57 47.49 -51.42
CA GLU C 585 -26.03 48.50 -50.48
C GLU C 585 -25.63 48.09 -49.06
N GLY C 586 -25.59 49.08 -48.18
CA GLY C 586 -25.24 48.87 -46.79
C GLY C 586 -23.77 49.11 -46.51
N GLN C 587 -23.39 48.85 -45.27
CA GLN C 587 -22.02 49.01 -44.80
C GLN C 587 -21.50 47.67 -44.30
N TYR C 588 -20.18 47.54 -44.33
CA TYR C 588 -19.54 46.26 -44.07
C TYR C 588 -19.40 46.01 -42.57
N SER C 589 -19.83 44.83 -42.14
CA SER C 589 -19.79 44.50 -40.71
C SER C 589 -18.40 44.43 -40.18
N GLY C 590 -17.48 43.84 -40.94
CA GLY C 590 -16.12 43.68 -40.50
C GLY C 590 -15.89 42.37 -39.77
N PHE C 591 -14.77 42.34 -39.06
CA PHE C 591 -14.33 41.10 -38.42
C PHE C 591 -15.27 40.72 -37.27
N LYS C 592 -15.74 39.47 -37.30
CA LYS C 592 -16.60 38.90 -36.24
C LYS C 592 -15.92 37.62 -35.77
N SER C 593 -15.34 37.60 -34.56
CA SER C 593 -14.59 36.45 -34.08
C SER C 593 -15.51 35.23 -34.01
N PRO C 594 -15.03 34.04 -34.41
CA PRO C 594 -15.90 32.86 -34.36
C PRO C 594 -16.34 32.48 -32.96
N TYR C 595 -15.64 32.95 -31.93
CA TYR C 595 -16.00 32.62 -30.55
C TYR C 595 -16.31 33.89 -29.77
#